data_1X4Q
#
_entry.id   1X4Q
#
_entity_poly.entity_id   1
_entity_poly.type   'polypeptide(L)'
_entity_poly.pdbx_seq_one_letter_code
;GSSGSSGMALSKRELDELKPWIEKTVKRVLGFSEPTVVTAALNCVGKGMDKKKAADHLKPFLDDSTLRFVDKLFEAVEEG
RSSRHSSGPSSG
;
_entity_poly.pdbx_strand_id   A
#
# COMPACT_ATOMS: atom_id res chain seq x y z
N GLY A 1 -3.69 21.16 -3.44
CA GLY A 1 -2.42 20.50 -3.61
C GLY A 1 -2.43 19.08 -3.05
N SER A 2 -1.38 18.73 -2.32
CA SER A 2 -1.26 17.39 -1.74
C SER A 2 -1.19 17.46 -0.22
N SER A 3 -1.18 16.30 0.42
CA SER A 3 -1.12 16.23 1.87
C SER A 3 0.15 15.52 2.33
N GLY A 4 0.53 15.76 3.59
CA GLY A 4 1.73 15.14 4.12
C GLY A 4 1.47 13.75 4.67
N SER A 5 2.11 13.43 5.79
CA SER A 5 1.95 12.12 6.41
C SER A 5 1.54 12.27 7.88
N SER A 6 0.23 12.35 8.11
CA SER A 6 -0.29 12.50 9.47
C SER A 6 -1.02 11.23 9.92
N GLY A 7 -1.86 10.70 9.02
CA GLY A 7 -2.60 9.49 9.34
C GLY A 7 -3.94 9.44 8.61
N MET A 8 -3.88 9.35 7.29
CA MET A 8 -5.09 9.28 6.48
C MET A 8 -5.94 8.07 6.87
N ALA A 9 -5.38 6.88 6.71
CA ALA A 9 -6.08 5.65 7.05
C ALA A 9 -7.18 5.34 6.04
N LEU A 10 -7.15 4.14 5.49
CA LEU A 10 -8.15 3.73 4.51
C LEU A 10 -9.23 2.86 5.14
N SER A 11 -10.42 2.87 4.55
CA SER A 11 -11.53 2.09 5.07
C SER A 11 -11.54 0.69 4.46
N LYS A 12 -12.30 -0.21 5.08
CA LYS A 12 -12.39 -1.59 4.61
C LYS A 12 -12.57 -1.63 3.10
N ARG A 13 -13.47 -0.79 2.60
CA ARG A 13 -13.75 -0.73 1.17
C ARG A 13 -12.58 -0.12 0.41
N GLU A 14 -12.06 0.99 0.94
CA GLU A 14 -10.93 1.67 0.31
C GLU A 14 -9.79 0.71 0.02
N LEU A 15 -9.42 -0.08 1.03
CA LEU A 15 -8.34 -1.05 0.89
C LEU A 15 -8.77 -2.21 0.00
N ASP A 16 -10.06 -2.53 0.03
CA ASP A 16 -10.60 -3.61 -0.79
C ASP A 16 -10.10 -3.51 -2.22
N GLU A 17 -10.04 -2.28 -2.74
CA GLU A 17 -9.59 -2.05 -4.11
C GLU A 17 -8.09 -2.32 -4.24
N LEU A 18 -7.36 -2.11 -3.15
CA LEU A 18 -5.93 -2.32 -3.14
C LEU A 18 -5.59 -3.81 -3.06
N LYS A 19 -6.41 -4.54 -2.31
CA LYS A 19 -6.21 -5.98 -2.16
C LYS A 19 -5.79 -6.62 -3.48
N PRO A 20 -6.64 -6.50 -4.49
CA PRO A 20 -6.39 -7.06 -5.83
C PRO A 20 -5.27 -6.32 -6.55
N TRP A 21 -4.89 -5.16 -6.03
CA TRP A 21 -3.82 -4.35 -6.63
C TRP A 21 -2.47 -4.71 -6.03
N ILE A 22 -2.49 -5.22 -4.81
CA ILE A 22 -1.26 -5.60 -4.12
C ILE A 22 -0.95 -7.07 -4.32
N GLU A 23 -1.99 -7.90 -4.33
CA GLU A 23 -1.84 -9.33 -4.52
C GLU A 23 -1.11 -9.63 -5.83
N LYS A 24 -1.37 -8.82 -6.85
CA LYS A 24 -0.75 -8.99 -8.16
C LYS A 24 0.67 -8.43 -8.16
N THR A 25 0.84 -7.25 -7.57
CA THR A 25 2.15 -6.61 -7.50
C THR A 25 3.15 -7.49 -6.77
N VAL A 26 2.83 -7.82 -5.53
CA VAL A 26 3.71 -8.67 -4.71
C VAL A 26 4.28 -9.82 -5.52
N LYS A 27 3.50 -10.30 -6.49
CA LYS A 27 3.92 -11.40 -7.35
C LYS A 27 4.98 -10.94 -8.34
N ARG A 28 4.84 -9.70 -8.82
CA ARG A 28 5.78 -9.15 -9.78
C ARG A 28 7.07 -8.73 -9.09
N VAL A 29 6.95 -8.25 -7.86
CA VAL A 29 8.10 -7.80 -7.09
C VAL A 29 8.97 -8.98 -6.68
N LEU A 30 8.34 -10.03 -6.15
CA LEU A 30 9.05 -11.22 -5.72
C LEU A 30 9.10 -12.27 -6.83
N GLY A 31 8.09 -12.24 -7.69
CA GLY A 31 8.03 -13.19 -8.79
C GLY A 31 7.20 -14.41 -8.45
N PHE A 32 6.98 -14.63 -7.16
CA PHE A 32 6.20 -15.79 -6.70
C PHE A 32 4.94 -15.33 -5.98
N SER A 33 5.01 -14.17 -5.34
CA SER A 33 3.88 -13.64 -4.60
C SER A 33 3.73 -14.32 -3.24
N GLU A 34 3.76 -13.52 -2.18
CA GLU A 34 3.63 -14.05 -0.82
C GLU A 34 2.36 -13.53 -0.15
N PRO A 35 1.61 -14.44 0.49
CA PRO A 35 0.37 -14.09 1.18
C PRO A 35 0.62 -13.26 2.44
N THR A 36 1.66 -13.62 3.19
CA THR A 36 2.00 -12.91 4.41
C THR A 36 2.43 -11.48 4.12
N VAL A 37 2.90 -11.25 2.90
CA VAL A 37 3.35 -9.92 2.48
C VAL A 37 2.16 -9.04 2.11
N VAL A 38 1.23 -9.61 1.35
CA VAL A 38 0.04 -8.87 0.93
C VAL A 38 -0.63 -8.19 2.11
N THR A 39 -0.78 -8.94 3.20
CA THR A 39 -1.42 -8.40 4.40
C THR A 39 -0.54 -7.35 5.07
N ALA A 40 0.73 -7.69 5.28
CA ALA A 40 1.67 -6.79 5.91
C ALA A 40 1.68 -5.43 5.21
N ALA A 41 1.28 -5.42 3.94
CA ALA A 41 1.24 -4.20 3.16
C ALA A 41 -0.08 -3.46 3.37
N LEU A 42 -1.19 -4.16 3.20
CA LEU A 42 -2.51 -3.57 3.37
C LEU A 42 -2.62 -2.86 4.71
N ASN A 43 -1.96 -3.41 5.72
CA ASN A 43 -1.98 -2.83 7.06
C ASN A 43 -1.17 -1.54 7.10
N CYS A 44 0.01 -1.57 6.51
CA CYS A 44 0.89 -0.41 6.48
C CYS A 44 0.15 0.81 5.95
N VAL A 45 -0.23 0.76 4.67
CA VAL A 45 -0.95 1.86 4.04
C VAL A 45 -2.23 2.20 4.80
N GLY A 46 -2.86 1.17 5.35
CA GLY A 46 -4.09 1.38 6.10
C GLY A 46 -3.85 2.11 7.41
N LYS A 47 -2.67 1.90 7.99
CA LYS A 47 -2.33 2.52 9.26
C LYS A 47 -1.50 3.79 9.02
N GLY A 48 -1.60 4.35 7.82
CA GLY A 48 -0.87 5.55 7.48
C GLY A 48 0.61 5.43 7.81
N MET A 49 1.07 4.20 8.03
CA MET A 49 2.47 3.96 8.34
C MET A 49 3.39 4.73 7.41
N ASP A 50 4.68 4.78 7.74
CA ASP A 50 5.65 5.49 6.93
C ASP A 50 6.69 4.52 6.34
N LYS A 51 7.20 4.86 5.17
CA LYS A 51 8.20 4.03 4.51
C LYS A 51 9.19 3.45 5.51
N LYS A 52 9.58 4.28 6.49
CA LYS A 52 10.52 3.85 7.51
C LYS A 52 9.93 2.75 8.38
N LYS A 53 8.69 2.95 8.83
CA LYS A 53 8.01 1.97 9.66
C LYS A 53 7.56 0.77 8.83
N ALA A 54 6.73 1.02 7.83
CA ALA A 54 6.23 -0.04 6.97
C ALA A 54 7.35 -1.02 6.62
N ALA A 55 8.45 -0.50 6.11
CA ALA A 55 9.58 -1.34 5.74
C ALA A 55 9.88 -2.38 6.81
N ASP A 56 10.04 -1.92 8.05
CA ASP A 56 10.32 -2.82 9.16
C ASP A 56 9.26 -3.91 9.27
N HIS A 57 8.03 -3.58 8.85
CA HIS A 57 6.93 -4.54 8.90
C HIS A 57 7.01 -5.52 7.73
N LEU A 58 7.60 -5.08 6.63
CA LEU A 58 7.74 -5.91 5.45
C LEU A 58 9.12 -6.56 5.39
N LYS A 59 9.94 -6.27 6.41
CA LYS A 59 11.29 -6.83 6.48
C LYS A 59 11.24 -8.35 6.52
N PRO A 60 10.56 -8.89 7.55
CA PRO A 60 10.43 -10.35 7.73
C PRO A 60 9.54 -10.98 6.66
N PHE A 61 8.94 -10.14 5.82
CA PHE A 61 8.07 -10.63 4.76
C PHE A 61 8.71 -10.42 3.40
N LEU A 62 9.66 -9.50 3.32
CA LEU A 62 10.35 -9.21 2.08
C LEU A 62 11.85 -8.98 2.32
N ASP A 63 12.16 -8.16 3.32
CA ASP A 63 13.55 -7.87 3.66
C ASP A 63 14.30 -7.30 2.45
N ASP A 64 14.76 -8.18 1.58
CA ASP A 64 15.49 -7.78 0.39
C ASP A 64 14.55 -7.12 -0.62
N SER A 65 13.26 -7.40 -0.49
CA SER A 65 12.27 -6.85 -1.40
C SER A 65 11.30 -5.94 -0.64
N THR A 66 11.81 -5.24 0.36
CA THR A 66 10.99 -4.34 1.16
C THR A 66 11.00 -2.93 0.60
N LEU A 67 12.12 -2.23 0.81
CA LEU A 67 12.26 -0.86 0.32
C LEU A 67 11.74 -0.73 -1.11
N ARG A 68 12.22 -1.61 -1.99
CA ARG A 68 11.80 -1.61 -3.39
C ARG A 68 10.28 -1.81 -3.50
N PHE A 69 9.75 -2.70 -2.68
CA PHE A 69 8.32 -2.99 -2.69
C PHE A 69 7.52 -1.83 -2.11
N VAL A 70 7.65 -1.62 -0.80
CA VAL A 70 6.94 -0.52 -0.14
C VAL A 70 6.91 0.72 -1.00
N ASP A 71 7.98 0.93 -1.77
CA ASP A 71 8.06 2.10 -2.64
C ASP A 71 6.89 2.14 -3.62
N LYS A 72 6.59 0.99 -4.22
CA LYS A 72 5.49 0.89 -5.18
C LYS A 72 4.14 0.89 -4.45
N LEU A 73 4.16 0.46 -3.19
CA LEU A 73 2.94 0.40 -2.39
C LEU A 73 2.45 1.80 -2.04
N PHE A 74 3.34 2.59 -1.44
CA PHE A 74 3.00 3.96 -1.05
C PHE A 74 2.51 4.76 -2.25
N GLU A 75 3.06 4.46 -3.42
CA GLU A 75 2.66 5.16 -4.64
C GLU A 75 1.42 4.53 -5.25
N ALA A 76 1.08 3.34 -4.78
CA ALA A 76 -0.09 2.62 -5.29
C ALA A 76 -1.39 3.30 -4.83
N VAL A 77 -1.40 3.76 -3.58
CA VAL A 77 -2.57 4.42 -3.03
C VAL A 77 -3.17 5.40 -4.02
N GLU A 78 -2.31 6.08 -4.78
CA GLU A 78 -2.76 7.04 -5.77
C GLU A 78 -2.93 6.38 -7.14
N GLU A 79 -2.33 5.20 -7.30
CA GLU A 79 -2.41 4.47 -8.55
C GLU A 79 -3.70 3.65 -8.61
N GLY A 80 -3.84 2.72 -7.67
CA GLY A 80 -5.03 1.87 -7.63
C GLY A 80 -6.30 2.67 -7.41
N ARG A 81 -6.22 3.65 -6.51
CA ARG A 81 -7.38 4.49 -6.20
C ARG A 81 -7.58 5.56 -7.27
N SER A 82 -6.49 6.24 -7.63
CA SER A 82 -6.55 7.29 -8.64
C SER A 82 -7.23 8.53 -8.09
N SER A 83 -8.54 8.45 -7.89
CA SER A 83 -9.32 9.57 -7.35
C SER A 83 -10.72 9.13 -6.99
N ARG A 84 -11.35 9.88 -6.08
CA ARG A 84 -12.70 9.57 -5.63
C ARG A 84 -13.16 10.55 -4.56
N HIS A 85 -12.32 10.75 -3.54
CA HIS A 85 -12.64 11.67 -2.45
C HIS A 85 -11.93 13.01 -2.65
N SER A 86 -12.63 13.94 -3.27
CA SER A 86 -12.07 15.27 -3.52
C SER A 86 -13.10 16.35 -3.28
N SER A 87 -14.25 16.23 -3.95
CA SER A 87 -15.33 17.20 -3.80
C SER A 87 -16.07 17.01 -2.48
N GLY A 88 -15.63 17.72 -1.45
CA GLY A 88 -16.26 17.61 -0.15
C GLY A 88 -15.25 17.37 0.96
N PRO A 89 -14.64 18.45 1.45
CA PRO A 89 -13.65 18.38 2.53
C PRO A 89 -14.28 17.99 3.87
N SER A 90 -13.84 16.86 4.42
CA SER A 90 -14.35 16.40 5.70
C SER A 90 -13.41 15.38 6.33
N SER A 91 -12.39 15.88 7.02
CA SER A 91 -11.41 15.03 7.66
C SER A 91 -11.82 14.70 9.10
N GLY A 92 -11.83 13.41 9.44
CA GLY A 92 -12.20 12.99 10.77
C GLY A 92 -11.42 11.79 11.24
N GLY A 1 -6.82 20.65 -1.52
CA GLY A 1 -5.59 20.25 -2.17
C GLY A 1 -4.42 20.16 -1.21
N SER A 2 -3.21 20.05 -1.76
CA SER A 2 -2.01 19.95 -0.94
C SER A 2 -1.85 18.55 -0.37
N SER A 3 -2.90 18.07 0.31
CA SER A 3 -2.88 16.73 0.91
C SER A 3 -1.96 16.70 2.13
N GLY A 4 -2.54 16.94 3.29
CA GLY A 4 -1.76 16.93 4.52
C GLY A 4 -2.07 15.73 5.40
N SER A 5 -1.69 15.81 6.67
CA SER A 5 -1.93 14.73 7.62
C SER A 5 -1.06 13.52 7.27
N SER A 6 -0.76 12.71 8.29
CA SER A 6 0.06 11.52 8.10
C SER A 6 -0.79 10.26 8.15
N GLY A 7 -1.47 10.05 9.28
CA GLY A 7 -2.31 8.88 9.44
C GLY A 7 -3.23 8.66 8.27
N MET A 8 -4.36 9.38 8.26
CA MET A 8 -5.33 9.26 7.18
C MET A 8 -6.21 8.03 7.38
N ALA A 9 -5.58 6.86 7.41
CA ALA A 9 -6.30 5.61 7.59
C ALA A 9 -7.32 5.39 6.47
N LEU A 10 -7.18 4.29 5.74
CA LEU A 10 -8.08 3.97 4.65
C LEU A 10 -9.31 3.23 5.16
N SER A 11 -10.43 3.41 4.46
CA SER A 11 -11.69 2.77 4.84
C SER A 11 -11.74 1.34 4.33
N LYS A 12 -12.72 0.58 4.80
CA LYS A 12 -12.88 -0.81 4.39
C LYS A 12 -13.02 -0.91 2.87
N ARG A 13 -13.67 0.08 2.28
CA ARG A 13 -13.87 0.09 0.83
C ARG A 13 -12.61 0.60 0.12
N GLU A 14 -11.82 1.40 0.82
CA GLU A 14 -10.59 1.94 0.25
C GLU A 14 -9.53 0.87 0.11
N LEU A 15 -9.27 0.16 1.20
CA LEU A 15 -8.27 -0.92 1.20
C LEU A 15 -8.69 -2.06 0.29
N ASP A 16 -10.01 -2.24 0.16
CA ASP A 16 -10.54 -3.30 -0.68
C ASP A 16 -10.01 -3.19 -2.11
N GLU A 17 -9.85 -1.96 -2.58
CA GLU A 17 -9.35 -1.71 -3.93
C GLU A 17 -7.86 -2.04 -4.02
N LEU A 18 -7.19 -2.00 -2.88
CA LEU A 18 -5.75 -2.29 -2.83
C LEU A 18 -5.50 -3.79 -2.80
N LYS A 19 -6.34 -4.51 -2.08
CA LYS A 19 -6.22 -5.96 -1.97
C LYS A 19 -5.82 -6.57 -3.31
N PRO A 20 -6.68 -6.39 -4.32
CA PRO A 20 -6.45 -6.91 -5.67
C PRO A 20 -5.31 -6.19 -6.38
N TRP A 21 -4.91 -5.05 -5.83
CA TRP A 21 -3.83 -4.26 -6.42
C TRP A 21 -2.48 -4.67 -5.83
N ILE A 22 -2.51 -5.25 -4.63
CA ILE A 22 -1.30 -5.68 -3.96
C ILE A 22 -1.01 -7.15 -4.25
N GLU A 23 -2.05 -7.98 -4.23
CA GLU A 23 -1.91 -9.41 -4.49
C GLU A 23 -1.22 -9.64 -5.84
N LYS A 24 -1.40 -8.71 -6.76
CA LYS A 24 -0.81 -8.82 -8.09
C LYS A 24 0.62 -8.26 -8.09
N THR A 25 0.80 -7.10 -7.49
CA THR A 25 2.10 -6.45 -7.43
C THR A 25 3.11 -7.36 -6.73
N VAL A 26 2.75 -7.85 -5.55
CA VAL A 26 3.61 -8.73 -4.78
C VAL A 26 4.17 -9.85 -5.65
N LYS A 27 3.34 -10.35 -6.55
CA LYS A 27 3.74 -11.43 -7.45
C LYS A 27 4.81 -10.96 -8.43
N ARG A 28 4.77 -9.68 -8.76
CA ARG A 28 5.74 -9.10 -9.69
C ARG A 28 7.05 -8.76 -8.98
N VAL A 29 6.93 -8.11 -7.82
CA VAL A 29 8.09 -7.72 -7.04
C VAL A 29 8.91 -8.95 -6.65
N LEU A 30 8.23 -9.97 -6.15
CA LEU A 30 8.90 -11.20 -5.72
C LEU A 30 8.97 -12.20 -6.88
N GLY A 31 7.96 -12.17 -7.74
CA GLY A 31 7.93 -13.08 -8.88
C GLY A 31 7.09 -14.31 -8.61
N PHE A 32 6.67 -14.47 -7.36
CA PHE A 32 5.86 -15.62 -6.97
C PHE A 32 4.62 -15.17 -6.20
N SER A 33 4.75 -14.08 -5.45
CA SER A 33 3.65 -13.55 -4.66
C SER A 33 3.52 -14.31 -3.34
N GLU A 34 3.47 -13.57 -2.25
CA GLU A 34 3.34 -14.16 -0.92
C GLU A 34 2.11 -13.63 -0.19
N PRO A 35 1.41 -14.52 0.52
CA PRO A 35 0.20 -14.15 1.27
C PRO A 35 0.52 -13.29 2.49
N THR A 36 1.52 -13.72 3.26
CA THR A 36 1.92 -12.99 4.46
C THR A 36 2.31 -11.56 4.12
N VAL A 37 2.87 -11.36 2.93
CA VAL A 37 3.29 -10.04 2.48
C VAL A 37 2.08 -9.16 2.16
N VAL A 38 1.14 -9.72 1.41
CA VAL A 38 -0.06 -8.98 1.02
C VAL A 38 -0.68 -8.28 2.22
N THR A 39 -0.79 -9.00 3.33
CA THR A 39 -1.37 -8.44 4.55
C THR A 39 -0.44 -7.40 5.17
N ALA A 40 0.84 -7.75 5.25
CA ALA A 40 1.83 -6.84 5.82
C ALA A 40 1.80 -5.49 5.13
N ALA A 41 1.28 -5.47 3.91
CA ALA A 41 1.19 -4.23 3.14
C ALA A 41 -0.12 -3.50 3.42
N LEU A 42 -1.23 -4.23 3.33
CA LEU A 42 -2.55 -3.65 3.56
C LEU A 42 -2.61 -2.99 4.93
N ASN A 43 -1.91 -3.58 5.90
CA ASN A 43 -1.89 -3.05 7.26
C ASN A 43 -1.11 -1.73 7.32
N CYS A 44 0.05 -1.71 6.68
CA CYS A 44 0.90 -0.53 6.65
C CYS A 44 0.10 0.70 6.21
N VAL A 45 -0.24 0.74 4.93
CA VAL A 45 -0.99 1.87 4.38
C VAL A 45 -2.23 2.15 5.22
N GLY A 46 -2.98 1.11 5.55
CA GLY A 46 -4.19 1.27 6.35
C GLY A 46 -3.92 1.98 7.65
N LYS A 47 -2.81 1.62 8.31
CA LYS A 47 -2.45 2.24 9.58
C LYS A 47 -1.66 3.53 9.36
N GLY A 48 -1.84 4.11 8.18
CA GLY A 48 -1.15 5.35 7.86
C GLY A 48 0.35 5.25 8.10
N MET A 49 0.84 4.03 8.25
CA MET A 49 2.26 3.81 8.48
C MET A 49 3.12 4.64 7.53
N ASP A 50 4.42 4.69 7.80
CA ASP A 50 5.34 5.45 6.96
C ASP A 50 6.36 4.53 6.31
N LYS A 51 6.85 4.94 5.14
CA LYS A 51 7.83 4.14 4.41
C LYS A 51 8.89 3.59 5.36
N LYS A 52 9.29 4.39 6.34
CA LYS A 52 10.30 3.98 7.31
C LYS A 52 9.77 2.85 8.19
N LYS A 53 8.57 3.04 8.72
CA LYS A 53 7.95 2.03 9.58
C LYS A 53 7.53 0.81 8.78
N ALA A 54 6.61 1.01 7.84
CA ALA A 54 6.14 -0.08 6.99
C ALA A 54 7.27 -1.04 6.63
N ALA A 55 8.35 -0.48 6.10
CA ALA A 55 9.51 -1.29 5.72
C ALA A 55 9.87 -2.28 6.81
N ASP A 56 10.04 -1.80 8.03
CA ASP A 56 10.40 -2.65 9.15
C ASP A 56 9.41 -3.80 9.29
N HIS A 57 8.16 -3.56 8.87
CA HIS A 57 7.13 -4.58 8.95
C HIS A 57 7.23 -5.56 7.79
N LEU A 58 7.74 -5.07 6.66
CA LEU A 58 7.90 -5.91 5.47
C LEU A 58 9.29 -6.52 5.42
N LYS A 59 10.12 -6.18 6.40
CA LYS A 59 11.48 -6.71 6.47
C LYS A 59 11.48 -8.24 6.52
N PRO A 60 10.82 -8.79 7.55
CA PRO A 60 10.72 -10.25 7.72
C PRO A 60 9.83 -10.89 6.67
N PHE A 61 9.20 -10.08 5.84
CA PHE A 61 8.32 -10.58 4.79
C PHE A 61 8.92 -10.32 3.41
N LEU A 62 9.91 -9.43 3.36
CA LEU A 62 10.57 -9.09 2.10
C LEU A 62 12.06 -8.83 2.32
N ASP A 63 12.38 -8.05 3.34
CA ASP A 63 13.76 -7.72 3.66
C ASP A 63 14.47 -7.15 2.44
N ASP A 64 14.99 -8.04 1.59
CA ASP A 64 15.70 -7.62 0.39
C ASP A 64 14.73 -7.03 -0.64
N SER A 65 13.44 -7.25 -0.43
CA SER A 65 12.41 -6.75 -1.33
C SER A 65 11.49 -5.78 -0.61
N THR A 66 12.01 -5.12 0.43
CA THR A 66 11.23 -4.16 1.20
C THR A 66 11.31 -2.77 0.59
N LEU A 67 12.45 -2.13 0.77
CA LEU A 67 12.66 -0.78 0.24
C LEU A 67 12.19 -0.69 -1.21
N ARG A 68 12.16 -1.84 -1.89
CA ARG A 68 11.74 -1.89 -3.29
C ARG A 68 10.22 -2.06 -3.38
N PHE A 69 9.66 -2.89 -2.51
CA PHE A 69 8.23 -3.14 -2.50
C PHE A 69 7.47 -1.92 -1.98
N VAL A 70 7.67 -1.61 -0.70
CA VAL A 70 7.00 -0.48 -0.08
C VAL A 70 7.05 0.74 -0.99
N ASP A 71 8.05 0.80 -1.85
CA ASP A 71 8.22 1.91 -2.78
C ASP A 71 7.05 1.97 -3.76
N LYS A 72 6.62 0.82 -4.24
CA LYS A 72 5.52 0.72 -5.19
C LYS A 72 4.17 0.76 -4.46
N LEU A 73 4.15 0.23 -3.24
CA LEU A 73 2.94 0.20 -2.44
C LEU A 73 2.40 1.61 -2.23
N PHE A 74 3.18 2.45 -1.55
CA PHE A 74 2.77 3.83 -1.29
C PHE A 74 2.26 4.50 -2.55
N GLU A 75 2.96 4.25 -3.66
CA GLU A 75 2.58 4.84 -4.95
C GLU A 75 1.27 4.23 -5.46
N ALA A 76 0.97 3.02 -5.00
CA ALA A 76 -0.24 2.33 -5.41
C ALA A 76 -1.48 3.17 -5.10
N VAL A 77 -1.56 3.68 -3.88
CA VAL A 77 -2.69 4.50 -3.45
C VAL A 77 -3.04 5.54 -4.52
N GLU A 78 -2.02 6.17 -5.09
CA GLU A 78 -2.23 7.17 -6.12
C GLU A 78 -2.24 6.54 -7.51
N GLU A 79 -1.72 5.32 -7.61
CA GLU A 79 -1.68 4.62 -8.88
C GLU A 79 -3.06 4.04 -9.22
N GLY A 80 -3.55 3.14 -8.37
CA GLY A 80 -4.84 2.54 -8.60
C GLY A 80 -5.98 3.54 -8.52
N ARG A 81 -5.89 4.46 -7.56
CA ARG A 81 -6.91 5.47 -7.36
C ARG A 81 -6.71 6.63 -8.34
N SER A 82 -5.58 7.32 -8.21
CA SER A 82 -5.27 8.45 -9.08
C SER A 82 -6.48 9.38 -9.20
N SER A 83 -6.60 10.31 -8.27
CA SER A 83 -7.71 11.26 -8.27
C SER A 83 -7.24 12.64 -8.72
N ARG A 84 -6.13 13.09 -8.16
CA ARG A 84 -5.58 14.40 -8.51
C ARG A 84 -5.64 14.64 -10.02
N HIS A 85 -5.03 13.73 -10.78
CA HIS A 85 -5.02 13.84 -12.23
C HIS A 85 -6.30 13.26 -12.83
N SER A 86 -7.04 14.10 -13.56
CA SER A 86 -8.29 13.67 -14.17
C SER A 86 -8.05 13.21 -15.61
N SER A 87 -8.46 11.99 -15.90
CA SER A 87 -8.29 11.42 -17.24
C SER A 87 -6.82 11.40 -17.64
N GLY A 88 -6.48 10.54 -18.58
CA GLY A 88 -5.11 10.43 -19.04
C GLY A 88 -4.72 11.56 -19.97
N PRO A 89 -4.82 11.31 -21.29
CA PRO A 89 -4.48 12.31 -22.31
C PRO A 89 -5.48 13.46 -22.34
N SER A 90 -6.77 13.14 -22.40
CA SER A 90 -7.81 14.15 -22.45
C SER A 90 -7.96 14.71 -23.86
N SER A 91 -6.94 15.42 -24.33
CA SER A 91 -6.96 16.02 -25.65
C SER A 91 -6.10 15.21 -26.62
N GLY A 92 -4.83 15.00 -26.25
CA GLY A 92 -3.93 14.25 -27.10
C GLY A 92 -2.48 14.59 -26.82
N GLY A 1 1.39 26.06 6.39
CA GLY A 1 -0.05 25.86 6.38
C GLY A 1 -0.47 24.71 7.29
N SER A 2 -1.35 23.86 6.79
CA SER A 2 -1.85 22.72 7.56
C SER A 2 -0.78 21.63 7.66
N SER A 3 -0.90 20.78 8.67
CA SER A 3 0.05 19.70 8.88
C SER A 3 -0.68 18.37 9.03
N GLY A 4 -0.09 17.31 8.47
CA GLY A 4 -0.69 15.99 8.55
C GLY A 4 -1.11 15.64 9.96
N SER A 5 -2.39 15.82 10.26
CA SER A 5 -2.92 15.52 11.59
C SER A 5 -3.26 14.04 11.72
N SER A 6 -2.55 13.35 12.61
CA SER A 6 -2.77 11.93 12.84
C SER A 6 -2.53 11.14 11.55
N GLY A 7 -2.53 9.81 11.67
CA GLY A 7 -2.32 8.97 10.52
C GLY A 7 -3.42 9.08 9.49
N MET A 8 -3.15 8.60 8.28
CA MET A 8 -4.14 8.65 7.21
C MET A 8 -5.31 7.72 7.49
N ALA A 9 -5.02 6.44 7.68
CA ALA A 9 -6.04 5.45 7.96
C ALA A 9 -7.02 5.32 6.80
N LEU A 10 -7.16 4.11 6.28
CA LEU A 10 -8.06 3.84 5.17
C LEU A 10 -9.31 3.10 5.63
N SER A 11 -10.40 3.26 4.89
CA SER A 11 -11.65 2.59 5.23
C SER A 11 -11.65 1.15 4.74
N LYS A 12 -12.53 0.33 5.33
CA LYS A 12 -12.63 -1.07 4.94
C LYS A 12 -12.75 -1.22 3.43
N ARG A 13 -13.50 -0.31 2.81
CA ARG A 13 -13.70 -0.34 1.37
C ARG A 13 -12.45 0.16 0.64
N GLU A 14 -11.85 1.22 1.17
CA GLU A 14 -10.65 1.79 0.57
C GLU A 14 -9.58 0.74 0.38
N LEU A 15 -9.19 0.09 1.47
CA LEU A 15 -8.16 -0.95 1.43
C LEU A 15 -8.57 -2.08 0.50
N ASP A 16 -9.85 -2.41 0.51
CA ASP A 16 -10.37 -3.47 -0.34
C ASP A 16 -9.92 -3.29 -1.79
N GLU A 17 -9.86 -2.03 -2.23
CA GLU A 17 -9.43 -1.72 -3.59
C GLU A 17 -7.95 -2.03 -3.78
N LEU A 18 -7.18 -1.92 -2.71
CA LEU A 18 -5.76 -2.19 -2.76
C LEU A 18 -5.48 -3.69 -2.75
N LYS A 19 -6.32 -4.43 -2.05
CA LYS A 19 -6.17 -5.88 -1.95
C LYS A 19 -5.80 -6.48 -3.30
N PRO A 20 -6.67 -6.30 -4.30
CA PRO A 20 -6.46 -6.80 -5.65
C PRO A 20 -5.32 -6.07 -6.37
N TRP A 21 -4.89 -4.96 -5.79
CA TRP A 21 -3.82 -4.16 -6.38
C TRP A 21 -2.47 -4.56 -5.81
N ILE A 22 -2.48 -5.13 -4.61
CA ILE A 22 -1.25 -5.55 -3.95
C ILE A 22 -0.94 -7.01 -4.26
N GLU A 23 -1.96 -7.86 -4.23
CA GLU A 23 -1.80 -9.28 -4.51
C GLU A 23 -1.10 -9.49 -5.86
N LYS A 24 -1.41 -8.61 -6.81
CA LYS A 24 -0.82 -8.69 -8.14
C LYS A 24 0.59 -8.11 -8.15
N THR A 25 0.77 -7.00 -7.43
CA THR A 25 2.06 -6.34 -7.36
C THR A 25 3.10 -7.25 -6.71
N VAL A 26 2.78 -7.76 -5.52
CA VAL A 26 3.69 -8.63 -4.80
C VAL A 26 4.19 -9.76 -5.69
N LYS A 27 3.31 -10.28 -6.54
CA LYS A 27 3.67 -11.36 -7.44
C LYS A 27 4.70 -10.89 -8.47
N ARG A 28 4.72 -9.59 -8.72
CA ARG A 28 5.66 -9.02 -9.68
C ARG A 28 7.00 -8.69 -9.01
N VAL A 29 6.93 -8.19 -7.79
CA VAL A 29 8.13 -7.84 -7.03
C VAL A 29 8.91 -9.09 -6.63
N LEU A 30 8.20 -10.07 -6.09
CA LEU A 30 8.83 -11.31 -5.66
C LEU A 30 8.86 -12.32 -6.81
N GLY A 31 7.90 -12.21 -7.71
CA GLY A 31 7.85 -13.12 -8.85
C GLY A 31 7.10 -14.40 -8.53
N PHE A 32 6.84 -14.63 -7.24
CA PHE A 32 6.13 -15.82 -6.81
C PHE A 32 4.90 -15.45 -5.99
N SER A 33 4.84 -14.20 -5.56
CA SER A 33 3.71 -13.71 -4.77
C SER A 33 3.63 -14.45 -3.44
N GLU A 34 3.33 -13.71 -2.37
CA GLU A 34 3.22 -14.30 -1.04
C GLU A 34 2.01 -13.73 -0.29
N PRO A 35 1.31 -14.61 0.45
CA PRO A 35 0.12 -14.22 1.22
C PRO A 35 0.47 -13.35 2.41
N THR A 36 1.50 -13.75 3.15
CA THR A 36 1.94 -12.99 4.32
C THR A 36 2.34 -11.58 3.95
N VAL A 37 2.96 -11.43 2.78
CA VAL A 37 3.40 -10.13 2.30
C VAL A 37 2.21 -9.23 1.97
N VAL A 38 1.22 -9.81 1.30
CA VAL A 38 0.03 -9.07 0.92
C VAL A 38 -0.60 -8.37 2.12
N THR A 39 -0.64 -9.08 3.25
CA THR A 39 -1.21 -8.52 4.48
C THR A 39 -0.31 -7.45 5.06
N ALA A 40 0.94 -7.81 5.35
CA ALA A 40 1.90 -6.88 5.91
C ALA A 40 1.79 -5.50 5.25
N ALA A 41 1.41 -5.50 3.98
CA ALA A 41 1.27 -4.26 3.23
C ALA A 41 -0.07 -3.60 3.52
N LEU A 42 -1.15 -4.37 3.38
CA LEU A 42 -2.49 -3.87 3.62
C LEU A 42 -2.58 -3.20 5.00
N ASN A 43 -1.87 -3.76 5.97
CA ASN A 43 -1.87 -3.23 7.33
C ASN A 43 -1.15 -1.89 7.37
N CYS A 44 0.01 -1.82 6.72
CA CYS A 44 0.80 -0.59 6.69
C CYS A 44 -0.05 0.58 6.23
N VAL A 45 -0.40 0.59 4.95
CA VAL A 45 -1.21 1.66 4.38
C VAL A 45 -2.47 1.91 5.21
N GLY A 46 -3.08 0.83 5.68
CA GLY A 46 -4.28 0.95 6.48
C GLY A 46 -4.04 1.69 7.78
N LYS A 47 -2.82 1.56 8.31
CA LYS A 47 -2.46 2.22 9.56
C LYS A 47 -1.75 3.54 9.30
N GLY A 48 -1.94 4.08 8.10
CA GLY A 48 -1.30 5.34 7.73
C GLY A 48 0.20 5.31 7.98
N MET A 49 0.75 4.13 8.17
CA MET A 49 2.18 3.97 8.41
C MET A 49 2.98 4.74 7.38
N ASP A 50 4.29 4.83 7.61
CA ASP A 50 5.18 5.55 6.69
C ASP A 50 6.20 4.60 6.06
N LYS A 51 6.68 4.95 4.88
CA LYS A 51 7.66 4.13 4.18
C LYS A 51 8.71 3.59 5.14
N LYS A 52 9.15 4.44 6.07
CA LYS A 52 10.15 4.04 7.05
C LYS A 52 9.61 2.96 7.97
N LYS A 53 8.37 3.13 8.43
CA LYS A 53 7.74 2.16 9.32
C LYS A 53 7.36 0.89 8.56
N ALA A 54 6.51 1.05 7.56
CA ALA A 54 6.06 -0.07 6.74
C ALA A 54 7.22 -1.03 6.46
N ALA A 55 8.31 -0.50 5.92
CA ALA A 55 9.48 -1.32 5.61
C ALA A 55 9.86 -2.21 6.79
N ASP A 56 9.94 -1.60 7.98
CA ASP A 56 10.30 -2.34 9.18
C ASP A 56 9.34 -3.50 9.41
N HIS A 57 8.10 -3.34 8.96
CA HIS A 57 7.09 -4.39 9.11
C HIS A 57 7.18 -5.40 7.98
N LEU A 58 7.68 -4.97 6.84
CA LEU A 58 7.83 -5.85 5.68
C LEU A 58 9.20 -6.51 5.67
N LYS A 59 10.10 -6.00 6.50
CA LYS A 59 11.45 -6.54 6.58
C LYS A 59 11.43 -8.06 6.66
N PRO A 60 10.77 -8.59 7.70
CA PRO A 60 10.65 -10.03 7.91
C PRO A 60 9.75 -10.70 6.88
N PHE A 61 9.14 -9.89 6.02
CA PHE A 61 8.26 -10.41 4.97
C PHE A 61 8.91 -10.28 3.60
N LEU A 62 9.94 -9.44 3.52
CA LEU A 62 10.65 -9.22 2.26
C LEU A 62 12.13 -9.00 2.50
N ASP A 63 12.45 -8.05 3.37
CA ASP A 63 13.84 -7.74 3.70
C ASP A 63 14.60 -7.27 2.46
N ASP A 64 14.94 -8.22 1.59
CA ASP A 64 15.67 -7.91 0.37
C ASP A 64 14.73 -7.31 -0.69
N SER A 65 13.44 -7.45 -0.46
CA SER A 65 12.43 -6.92 -1.39
C SER A 65 11.50 -5.95 -0.69
N THR A 66 12.04 -5.21 0.28
CA THR A 66 11.25 -4.25 1.04
C THR A 66 11.29 -2.87 0.39
N LEU A 67 12.42 -2.19 0.52
CA LEU A 67 12.60 -0.87 -0.06
C LEU A 67 12.03 -0.81 -1.48
N ARG A 68 12.26 -1.88 -2.23
CA ARG A 68 11.77 -1.95 -3.61
C ARG A 68 10.25 -2.12 -3.63
N PHE A 69 9.73 -2.98 -2.76
CA PHE A 69 8.30 -3.22 -2.69
C PHE A 69 7.57 -2.03 -2.08
N VAL A 70 7.76 -1.83 -0.78
CA VAL A 70 7.13 -0.72 -0.08
C VAL A 70 7.22 0.57 -0.88
N ASP A 71 8.19 0.62 -1.79
CA ASP A 71 8.39 1.80 -2.63
C ASP A 71 7.20 1.99 -3.58
N LYS A 72 6.76 0.91 -4.20
CA LYS A 72 5.64 0.95 -5.13
C LYS A 72 4.32 0.98 -4.38
N LEU A 73 4.22 0.20 -3.31
CA LEU A 73 3.01 0.14 -2.50
C LEU A 73 2.47 1.54 -2.23
N PHE A 74 3.21 2.31 -1.44
CA PHE A 74 2.81 3.67 -1.09
C PHE A 74 2.34 4.43 -2.34
N GLU A 75 3.12 4.33 -3.41
CA GLU A 75 2.79 5.01 -4.66
C GLU A 75 1.49 4.45 -5.25
N ALA A 76 1.17 3.21 -4.90
CA ALA A 76 -0.04 2.56 -5.39
C ALA A 76 -1.27 3.39 -5.05
N VAL A 77 -1.37 3.82 -3.80
CA VAL A 77 -2.50 4.61 -3.34
C VAL A 77 -2.90 5.65 -4.38
N GLU A 78 -1.90 6.27 -5.01
CA GLU A 78 -2.14 7.28 -6.03
C GLU A 78 -2.30 6.64 -7.41
N GLU A 79 -1.76 5.43 -7.56
CA GLU A 79 -1.84 4.71 -8.82
C GLU A 79 -3.23 4.12 -9.02
N GLY A 80 -3.64 3.26 -8.09
CA GLY A 80 -4.95 2.62 -8.18
C GLY A 80 -6.08 3.63 -8.03
N ARG A 81 -5.90 4.59 -7.12
CA ARG A 81 -6.92 5.60 -6.87
C ARG A 81 -6.77 6.77 -7.84
N SER A 82 -5.62 7.45 -7.76
CA SER A 82 -5.36 8.58 -8.63
C SER A 82 -6.35 9.72 -8.37
N SER A 83 -5.91 10.95 -8.58
CA SER A 83 -6.75 12.12 -8.35
C SER A 83 -6.00 13.40 -8.69
N ARG A 84 -6.71 14.35 -9.30
CA ARG A 84 -6.11 15.62 -9.67
C ARG A 84 -5.02 15.42 -10.72
N HIS A 85 -5.43 15.33 -11.99
CA HIS A 85 -4.49 15.14 -13.08
C HIS A 85 -3.23 15.97 -12.87
N SER A 86 -2.12 15.30 -12.59
CA SER A 86 -0.85 15.98 -12.37
C SER A 86 0.33 15.10 -12.78
N SER A 87 0.44 13.93 -12.15
CA SER A 87 1.51 13.00 -12.46
C SER A 87 1.30 12.35 -13.82
N GLY A 88 2.12 12.76 -14.80
CA GLY A 88 2.01 12.21 -16.13
C GLY A 88 3.24 11.41 -16.54
N PRO A 89 3.24 10.11 -16.20
CA PRO A 89 4.35 9.22 -16.52
C PRO A 89 4.46 8.93 -18.02
N SER A 90 3.31 8.65 -18.64
CA SER A 90 3.27 8.36 -20.07
C SER A 90 4.09 9.38 -20.85
N SER A 91 5.27 8.96 -21.30
CA SER A 91 6.15 9.85 -22.07
C SER A 91 5.49 10.28 -23.36
N GLY A 92 5.72 11.53 -23.75
CA GLY A 92 5.14 12.05 -24.98
C GLY A 92 3.64 12.30 -24.84
N GLY A 1 -12.75 -1.35 23.15
CA GLY A 1 -13.18 -0.71 24.38
C GLY A 1 -14.12 0.44 24.13
N SER A 2 -14.34 1.27 25.15
CA SER A 2 -15.23 2.42 25.04
C SER A 2 -14.45 3.68 24.70
N SER A 3 -14.47 4.06 23.43
CA SER A 3 -13.77 5.25 22.98
C SER A 3 -14.04 5.51 21.50
N GLY A 4 -14.93 6.47 21.23
CA GLY A 4 -15.27 6.81 19.85
C GLY A 4 -14.08 7.31 19.07
N SER A 5 -13.58 6.48 18.15
CA SER A 5 -12.43 6.85 17.33
C SER A 5 -12.47 6.12 15.99
N SER A 6 -11.52 6.44 15.12
CA SER A 6 -11.44 5.84 13.80
C SER A 6 -10.48 4.64 13.81
N GLY A 7 -9.27 4.88 14.28
CA GLY A 7 -8.27 3.82 14.34
C GLY A 7 -7.42 3.76 13.09
N MET A 8 -8.01 3.30 11.99
CA MET A 8 -7.30 3.20 10.72
C MET A 8 -7.48 4.46 9.88
N ALA A 9 -6.97 4.42 8.65
CA ALA A 9 -7.08 5.56 7.75
C ALA A 9 -8.02 5.25 6.59
N LEU A 10 -7.97 4.02 6.11
CA LEU A 10 -8.81 3.59 5.01
C LEU A 10 -9.99 2.75 5.50
N SER A 11 -11.10 2.80 4.77
CA SER A 11 -12.29 2.04 5.14
C SER A 11 -12.17 0.59 4.69
N LYS A 12 -13.27 -0.15 4.84
CA LYS A 12 -13.28 -1.56 4.45
C LYS A 12 -13.34 -1.70 2.94
N ARG A 13 -13.92 -0.71 2.27
CA ARG A 13 -14.04 -0.73 0.82
C ARG A 13 -12.80 -0.13 0.17
N GLU A 14 -12.25 0.90 0.79
CA GLU A 14 -11.06 1.57 0.27
C GLU A 14 -9.90 0.59 0.16
N LEU A 15 -9.62 -0.12 1.25
CA LEU A 15 -8.54 -1.09 1.27
C LEU A 15 -8.83 -2.27 0.35
N ASP A 16 -10.10 -2.63 0.25
CA ASP A 16 -10.53 -3.74 -0.61
C ASP A 16 -10.06 -3.52 -2.04
N GLU A 17 -10.05 -2.25 -2.47
CA GLU A 17 -9.63 -1.91 -3.82
C GLU A 17 -8.13 -2.17 -4.01
N LEU A 18 -7.41 -2.26 -2.90
CA LEU A 18 -5.98 -2.51 -2.94
C LEU A 18 -5.68 -4.00 -2.96
N LYS A 19 -6.52 -4.79 -2.30
CA LYS A 19 -6.34 -6.23 -2.25
C LYS A 19 -5.91 -6.78 -3.60
N PRO A 20 -6.76 -6.56 -4.63
CA PRO A 20 -6.48 -7.03 -5.99
C PRO A 20 -5.34 -6.25 -6.64
N TRP A 21 -4.93 -5.16 -6.00
CA TRP A 21 -3.84 -4.33 -6.53
C TRP A 21 -2.51 -4.74 -5.91
N ILE A 22 -2.56 -5.34 -4.72
CA ILE A 22 -1.36 -5.77 -4.03
C ILE A 22 -1.06 -7.24 -4.33
N GLU A 23 -2.11 -8.06 -4.34
CA GLU A 23 -1.96 -9.48 -4.61
C GLU A 23 -1.29 -9.72 -5.96
N LYS A 24 -1.48 -8.78 -6.88
CA LYS A 24 -0.90 -8.88 -8.22
C LYS A 24 0.46 -8.19 -8.26
N THR A 25 0.68 -7.25 -7.35
CA THR A 25 1.95 -6.52 -7.29
C THR A 25 3.03 -7.36 -6.60
N VAL A 26 2.70 -7.90 -5.45
CA VAL A 26 3.64 -8.72 -4.69
C VAL A 26 4.19 -9.86 -5.55
N LYS A 27 3.38 -10.33 -6.50
CA LYS A 27 3.78 -11.41 -7.38
C LYS A 27 4.85 -10.94 -8.36
N ARG A 28 4.90 -9.63 -8.59
CA ARG A 28 5.87 -9.06 -9.51
C ARG A 28 7.19 -8.76 -8.80
N VAL A 29 7.09 -8.13 -7.63
CA VAL A 29 8.28 -7.79 -6.85
C VAL A 29 9.05 -9.05 -6.45
N LEU A 30 8.31 -10.06 -5.97
CA LEU A 30 8.92 -11.31 -5.55
C LEU A 30 8.98 -12.30 -6.71
N GLY A 31 7.99 -12.23 -7.58
CA GLY A 31 7.94 -13.13 -8.72
C GLY A 31 7.11 -14.37 -8.45
N PHE A 32 6.83 -14.63 -7.18
CA PHE A 32 6.04 -15.79 -6.79
C PHE A 32 4.76 -15.36 -6.08
N SER A 33 4.83 -14.24 -5.38
CA SER A 33 3.67 -13.72 -4.65
C SER A 33 3.51 -14.44 -3.31
N GLU A 34 3.43 -13.66 -2.24
CA GLU A 34 3.28 -14.22 -0.90
C GLU A 34 2.04 -13.66 -0.21
N PRO A 35 1.30 -14.54 0.48
CA PRO A 35 0.08 -14.15 1.19
C PRO A 35 0.37 -13.28 2.42
N THR A 36 1.32 -13.72 3.23
CA THR A 36 1.70 -12.99 4.43
C THR A 36 2.13 -11.56 4.10
N VAL A 37 2.72 -11.39 2.92
CA VAL A 37 3.17 -10.07 2.49
C VAL A 37 1.99 -9.17 2.13
N VAL A 38 1.08 -9.70 1.33
CA VAL A 38 -0.10 -8.94 0.92
C VAL A 38 -0.74 -8.24 2.10
N THR A 39 -0.78 -8.93 3.25
CA THR A 39 -1.36 -8.36 4.46
C THR A 39 -0.46 -7.29 5.06
N ALA A 40 0.81 -7.61 5.23
CA ALA A 40 1.78 -6.68 5.79
C ALA A 40 1.72 -5.33 5.08
N ALA A 41 1.17 -5.34 3.86
CA ALA A 41 1.05 -4.11 3.08
C ALA A 41 -0.28 -3.42 3.35
N LEU A 42 -1.38 -4.17 3.24
CA LEU A 42 -2.71 -3.63 3.46
C LEU A 42 -2.80 -2.95 4.82
N ASN A 43 -2.09 -3.52 5.81
CA ASN A 43 -2.09 -2.96 7.16
C ASN A 43 -1.29 -1.66 7.21
N CYS A 44 -0.14 -1.65 6.56
CA CYS A 44 0.72 -0.48 6.52
C CYS A 44 -0.06 0.76 6.11
N VAL A 45 -0.43 0.82 4.84
CA VAL A 45 -1.18 1.95 4.31
C VAL A 45 -2.43 2.22 5.14
N GLY A 46 -3.04 1.13 5.63
CA GLY A 46 -4.24 1.27 6.44
C GLY A 46 -3.97 1.93 7.77
N LYS A 47 -2.80 1.66 8.35
CA LYS A 47 -2.43 2.24 9.63
C LYS A 47 -1.62 3.51 9.43
N GLY A 48 -1.79 4.14 8.28
CA GLY A 48 -1.08 5.37 7.99
C GLY A 48 0.42 5.25 8.23
N MET A 49 0.90 4.01 8.33
CA MET A 49 2.31 3.75 8.57
C MET A 49 3.18 4.58 7.63
N ASP A 50 4.45 4.72 7.98
CA ASP A 50 5.39 5.49 7.15
C ASP A 50 6.42 4.57 6.51
N LYS A 51 6.94 5.00 5.35
CA LYS A 51 7.94 4.23 4.63
C LYS A 51 8.93 3.59 5.60
N LYS A 52 9.33 4.35 6.62
CA LYS A 52 10.29 3.86 7.61
C LYS A 52 9.72 2.65 8.36
N LYS A 53 8.59 2.85 9.04
CA LYS A 53 7.96 1.77 9.79
C LYS A 53 7.56 0.62 8.86
N ALA A 54 6.73 0.92 7.88
CA ALA A 54 6.28 -0.08 6.92
C ALA A 54 7.42 -1.01 6.52
N ALA A 55 8.50 -0.43 6.03
CA ALA A 55 9.66 -1.21 5.61
C ALA A 55 10.06 -2.22 6.68
N ASP A 56 10.33 -1.74 7.88
CA ASP A 56 10.72 -2.60 8.99
C ASP A 56 9.71 -3.74 9.16
N HIS A 57 8.45 -3.45 8.89
CA HIS A 57 7.39 -4.44 9.01
C HIS A 57 7.46 -5.46 7.87
N LEU A 58 7.94 -5.00 6.72
CA LEU A 58 8.04 -5.87 5.55
C LEU A 58 9.43 -6.51 5.46
N LYS A 59 10.30 -6.13 6.40
CA LYS A 59 11.65 -6.67 6.45
C LYS A 59 11.64 -8.20 6.52
N PRO A 60 11.00 -8.73 7.58
CA PRO A 60 10.90 -10.17 7.80
C PRO A 60 9.97 -10.84 6.78
N PHE A 61 9.33 -10.03 5.95
CA PHE A 61 8.42 -10.54 4.93
C PHE A 61 8.98 -10.33 3.54
N LEU A 62 9.99 -9.46 3.44
CA LEU A 62 10.61 -9.16 2.15
C LEU A 62 12.10 -8.86 2.33
N ASP A 63 12.42 -8.00 3.29
CA ASP A 63 13.80 -7.63 3.56
C ASP A 63 14.48 -7.11 2.29
N ASP A 64 14.95 -8.03 1.47
CA ASP A 64 15.63 -7.66 0.22
C ASP A 64 14.64 -7.11 -0.79
N SER A 65 13.35 -7.31 -0.52
CA SER A 65 12.30 -6.83 -1.42
C SER A 65 11.37 -5.87 -0.69
N THR A 66 11.91 -5.16 0.29
CA THR A 66 11.12 -4.21 1.07
C THR A 66 11.18 -2.81 0.46
N LEU A 67 12.35 -2.17 0.60
CA LEU A 67 12.55 -0.82 0.06
C LEU A 67 12.04 -0.74 -1.39
N ARG A 68 12.16 -1.84 -2.11
CA ARG A 68 11.73 -1.88 -3.50
C ARG A 68 10.21 -2.04 -3.59
N PHE A 69 9.66 -2.89 -2.73
CA PHE A 69 8.22 -3.13 -2.72
C PHE A 69 7.48 -1.94 -2.13
N VAL A 70 7.66 -1.73 -0.82
CA VAL A 70 7.02 -0.63 -0.13
C VAL A 70 7.05 0.65 -0.97
N ASP A 71 8.11 0.80 -1.76
CA ASP A 71 8.28 1.96 -2.61
C ASP A 71 7.11 2.09 -3.59
N LYS A 72 6.73 0.97 -4.19
CA LYS A 72 5.63 0.96 -5.15
C LYS A 72 4.29 1.03 -4.44
N LEU A 73 4.20 0.35 -3.30
CA LEU A 73 2.96 0.33 -2.52
C LEU A 73 2.44 1.74 -2.30
N PHE A 74 3.21 2.54 -1.57
CA PHE A 74 2.82 3.92 -1.29
C PHE A 74 2.30 4.61 -2.55
N GLU A 75 3.05 4.51 -3.64
CA GLU A 75 2.66 5.12 -4.89
C GLU A 75 1.37 4.50 -5.43
N ALA A 76 1.09 3.27 -4.99
CA ALA A 76 -0.11 2.56 -5.42
C ALA A 76 -1.37 3.36 -5.07
N VAL A 77 -1.42 3.88 -3.85
CA VAL A 77 -2.57 4.66 -3.41
C VAL A 77 -2.99 5.68 -4.46
N GLU A 78 -2.00 6.31 -5.10
CA GLU A 78 -2.28 7.30 -6.14
C GLU A 78 -2.38 6.63 -7.51
N GLU A 79 -1.87 5.41 -7.61
CA GLU A 79 -1.92 4.67 -8.87
C GLU A 79 -3.27 3.99 -9.06
N GLY A 80 -3.58 3.06 -8.17
CA GLY A 80 -4.84 2.35 -8.25
C GLY A 80 -6.05 3.27 -8.14
N ARG A 81 -5.99 4.19 -7.18
CA ARG A 81 -7.08 5.14 -6.96
C ARG A 81 -7.06 6.24 -8.03
N SER A 82 -5.95 6.97 -8.08
CA SER A 82 -5.80 8.05 -9.06
C SER A 82 -6.51 9.32 -8.56
N SER A 83 -7.78 9.18 -8.18
CA SER A 83 -8.55 10.31 -7.69
C SER A 83 -9.05 11.17 -8.85
N ARG A 84 -10.14 11.89 -8.62
CA ARG A 84 -10.71 12.76 -9.64
C ARG A 84 -10.03 14.13 -9.63
N HIS A 85 -9.22 14.38 -10.66
CA HIS A 85 -8.52 15.66 -10.76
C HIS A 85 -8.49 16.13 -12.22
N SER A 86 -9.39 17.06 -12.55
CA SER A 86 -9.46 17.59 -13.90
C SER A 86 -10.41 18.79 -13.95
N SER A 87 -11.57 18.66 -13.30
CA SER A 87 -12.56 19.73 -13.27
C SER A 87 -12.50 20.49 -11.95
N GLY A 88 -11.28 20.74 -11.47
CA GLY A 88 -11.10 21.47 -10.23
C GLY A 88 -11.69 20.72 -9.04
N PRO A 89 -11.47 21.25 -7.83
CA PRO A 89 -11.96 20.65 -6.59
C PRO A 89 -13.48 20.75 -6.47
N SER A 90 -14.03 21.88 -6.91
CA SER A 90 -15.48 22.10 -6.84
C SER A 90 -15.86 23.41 -7.55
N SER A 91 -15.11 24.46 -7.26
CA SER A 91 -15.37 25.76 -7.86
C SER A 91 -15.64 25.62 -9.37
N GLY A 92 -16.86 25.95 -9.77
CA GLY A 92 -17.22 25.85 -11.17
C GLY A 92 -18.37 26.79 -11.54
N GLY A 1 -3.68 4.62 23.24
CA GLY A 1 -3.87 6.01 22.89
C GLY A 1 -5.33 6.42 22.93
N SER A 2 -6.16 5.76 22.12
CA SER A 2 -7.58 6.06 22.05
C SER A 2 -8.34 4.96 21.33
N SER A 3 -7.99 3.72 21.65
CA SER A 3 -8.64 2.56 21.03
C SER A 3 -10.15 2.76 20.95
N GLY A 4 -10.66 2.86 19.73
CA GLY A 4 -12.09 3.05 19.54
C GLY A 4 -12.46 3.27 18.09
N SER A 5 -13.48 4.08 17.85
CA SER A 5 -13.95 4.36 16.49
C SER A 5 -13.50 5.74 16.05
N SER A 6 -12.76 5.80 14.94
CA SER A 6 -12.27 7.06 14.42
C SER A 6 -11.84 6.92 12.96
N GLY A 7 -11.75 8.04 12.25
CA GLY A 7 -11.34 8.01 10.86
C GLY A 7 -9.92 7.55 10.68
N MET A 8 -9.74 6.44 9.97
CA MET A 8 -8.41 5.88 9.73
C MET A 8 -7.90 6.28 8.34
N ALA A 9 -6.70 5.84 8.01
CA ALA A 9 -6.11 6.14 6.72
C ALA A 9 -7.08 5.85 5.57
N LEU A 10 -7.31 4.57 5.33
CA LEU A 10 -8.23 4.14 4.27
C LEU A 10 -9.46 3.47 4.85
N SER A 11 -10.59 3.61 4.15
CA SER A 11 -11.84 3.02 4.59
C SER A 11 -11.88 1.52 4.27
N LYS A 12 -13.00 0.89 4.58
CA LYS A 12 -13.16 -0.54 4.34
C LYS A 12 -13.31 -0.81 2.83
N ARG A 13 -13.74 0.20 2.09
CA ARG A 13 -13.92 0.07 0.65
C ARG A 13 -12.64 0.49 -0.09
N GLU A 14 -11.94 1.47 0.46
CA GLU A 14 -10.71 1.96 -0.15
C GLU A 14 -9.65 0.87 -0.19
N LEU A 15 -9.35 0.28 0.96
CA LEU A 15 -8.35 -0.78 1.06
C LEU A 15 -8.74 -1.96 0.17
N ASP A 16 -10.04 -2.17 0.01
CA ASP A 16 -10.53 -3.27 -0.81
C ASP A 16 -9.98 -3.19 -2.23
N GLU A 17 -9.88 -1.97 -2.75
CA GLU A 17 -9.36 -1.75 -4.10
C GLU A 17 -7.87 -2.05 -4.15
N LEU A 18 -7.21 -2.02 -2.99
CA LEU A 18 -5.78 -2.28 -2.92
C LEU A 18 -5.51 -3.79 -2.88
N LYS A 19 -6.34 -4.51 -2.16
CA LYS A 19 -6.19 -5.96 -2.03
C LYS A 19 -5.80 -6.58 -3.37
N PRO A 20 -6.65 -6.38 -4.39
CA PRO A 20 -6.40 -6.92 -5.73
C PRO A 20 -5.25 -6.20 -6.44
N TRP A 21 -4.83 -5.07 -5.89
CA TRP A 21 -3.74 -4.29 -6.45
C TRP A 21 -2.41 -4.68 -5.81
N ILE A 22 -2.48 -5.25 -4.62
CA ILE A 22 -1.28 -5.66 -3.90
C ILE A 22 -0.96 -7.13 -4.16
N GLU A 23 -1.99 -7.95 -4.21
CA GLU A 23 -1.82 -9.38 -4.45
C GLU A 23 -1.10 -9.63 -5.78
N LYS A 24 -1.39 -8.78 -6.76
CA LYS A 24 -0.78 -8.89 -8.08
C LYS A 24 0.63 -8.31 -8.08
N THR A 25 0.80 -7.17 -7.42
CA THR A 25 2.10 -6.51 -7.35
C THR A 25 3.12 -7.39 -6.64
N VAL A 26 2.79 -7.82 -5.43
CA VAL A 26 3.69 -8.67 -4.65
C VAL A 26 4.24 -9.81 -5.51
N LYS A 27 3.42 -10.30 -6.44
CA LYS A 27 3.83 -11.38 -7.32
C LYS A 27 4.92 -10.91 -8.30
N ARG A 28 4.81 -9.66 -8.73
CA ARG A 28 5.77 -9.10 -9.67
C ARG A 28 7.06 -8.72 -8.94
N VAL A 29 6.93 -8.11 -7.76
CA VAL A 29 8.07 -7.71 -6.97
C VAL A 29 8.93 -8.91 -6.58
N LEU A 30 8.29 -9.93 -6.03
CA LEU A 30 8.99 -11.13 -5.61
C LEU A 30 9.06 -12.14 -6.75
N GLY A 31 8.04 -12.15 -7.59
CA GLY A 31 8.01 -13.06 -8.72
C GLY A 31 7.18 -14.30 -8.44
N PHE A 32 6.73 -14.44 -7.20
CA PHE A 32 5.92 -15.59 -6.80
C PHE A 32 4.68 -15.14 -6.05
N SER A 33 4.80 -14.03 -5.31
CA SER A 33 3.68 -13.50 -4.54
C SER A 33 3.53 -14.25 -3.22
N GLU A 34 3.65 -13.53 -2.12
CA GLU A 34 3.52 -14.13 -0.78
C GLU A 34 2.26 -13.63 -0.08
N PRO A 35 1.58 -14.54 0.62
CA PRO A 35 0.35 -14.21 1.35
C PRO A 35 0.62 -13.34 2.57
N THR A 36 1.60 -13.74 3.38
CA THR A 36 1.96 -12.99 4.58
C THR A 36 2.34 -11.56 4.23
N VAL A 37 2.88 -11.36 3.04
CA VAL A 37 3.29 -10.04 2.58
C VAL A 37 2.08 -9.17 2.23
N VAL A 38 1.15 -9.74 1.47
CA VAL A 38 -0.05 -9.03 1.06
C VAL A 38 -0.69 -8.31 2.24
N THR A 39 -0.80 -9.02 3.36
CA THR A 39 -1.40 -8.45 4.57
C THR A 39 -0.50 -7.38 5.16
N ALA A 40 0.76 -7.73 5.41
CA ALA A 40 1.72 -6.80 5.99
C ALA A 40 1.66 -5.45 5.28
N ALA A 41 1.19 -5.46 4.03
CA ALA A 41 1.08 -4.24 3.25
C ALA A 41 -0.24 -3.52 3.52
N LEU A 42 -1.34 -4.25 3.40
CA LEU A 42 -2.66 -3.68 3.64
C LEU A 42 -2.71 -2.94 4.97
N ASN A 43 -2.04 -3.49 5.97
CA ASN A 43 -2.00 -2.89 7.30
C ASN A 43 -1.19 -1.60 7.29
N CYS A 44 -0.04 -1.64 6.62
CA CYS A 44 0.84 -0.47 6.53
C CYS A 44 0.04 0.75 6.06
N VAL A 45 -0.40 0.72 4.82
CA VAL A 45 -1.16 1.83 4.25
C VAL A 45 -2.42 2.11 5.06
N GLY A 46 -3.05 1.04 5.57
CA GLY A 46 -4.25 1.20 6.36
C GLY A 46 -3.99 1.89 7.69
N LYS A 47 -2.79 1.69 8.22
CA LYS A 47 -2.42 2.30 9.49
C LYS A 47 -1.58 3.56 9.27
N GLY A 48 -1.76 4.18 8.10
CA GLY A 48 -1.02 5.39 7.79
C GLY A 48 0.46 5.25 8.05
N MET A 49 0.92 4.01 8.18
CA MET A 49 2.34 3.73 8.42
C MET A 49 3.23 4.62 7.55
N ASP A 50 4.50 4.70 7.90
CA ASP A 50 5.45 5.51 7.16
C ASP A 50 6.49 4.63 6.45
N LYS A 51 6.87 5.03 5.25
CA LYS A 51 7.85 4.27 4.48
C LYS A 51 8.93 3.68 5.38
N LYS A 52 9.20 4.36 6.49
CA LYS A 52 10.21 3.91 7.44
C LYS A 52 9.71 2.69 8.22
N LYS A 53 8.62 2.87 8.96
CA LYS A 53 8.04 1.79 9.74
C LYS A 53 7.66 0.62 8.85
N ALA A 54 6.83 0.88 7.84
CA ALA A 54 6.39 -0.15 6.91
C ALA A 54 7.51 -1.15 6.63
N ALA A 55 8.63 -0.65 6.12
CA ALA A 55 9.77 -1.49 5.80
C ALA A 55 10.01 -2.52 6.89
N ASP A 56 10.11 -2.05 8.13
CA ASP A 56 10.33 -2.94 9.27
C ASP A 56 9.26 -4.03 9.33
N HIS A 57 8.05 -3.68 8.91
CA HIS A 57 6.94 -4.62 8.91
C HIS A 57 7.02 -5.58 7.73
N LEU A 58 7.69 -5.15 6.68
CA LEU A 58 7.86 -5.96 5.48
C LEU A 58 9.27 -6.53 5.38
N LYS A 59 10.05 -6.31 6.44
CA LYS A 59 11.42 -6.81 6.47
C LYS A 59 11.45 -8.33 6.51
N PRO A 60 10.81 -8.91 7.53
CA PRO A 60 10.75 -10.37 7.71
C PRO A 60 9.88 -11.04 6.65
N PHE A 61 9.23 -10.23 5.82
CA PHE A 61 8.37 -10.75 4.77
C PHE A 61 8.99 -10.52 3.40
N LEU A 62 9.79 -9.47 3.27
CA LEU A 62 10.45 -9.16 2.02
C LEU A 62 11.95 -8.97 2.22
N ASP A 63 12.32 -8.02 3.07
CA ASP A 63 13.72 -7.74 3.36
C ASP A 63 14.43 -7.19 2.13
N ASP A 64 14.89 -8.09 1.26
CA ASP A 64 15.59 -7.69 0.05
C ASP A 64 14.63 -7.02 -0.94
N SER A 65 13.34 -7.27 -0.75
CA SER A 65 12.31 -6.70 -1.62
C SER A 65 11.40 -5.76 -0.85
N THR A 66 11.95 -5.12 0.18
CA THR A 66 11.19 -4.19 1.00
C THR A 66 11.26 -2.77 0.44
N LEU A 67 12.40 -2.12 0.62
CA LEU A 67 12.59 -0.76 0.13
C LEU A 67 12.06 -0.62 -1.29
N ARG A 68 12.11 -1.71 -2.05
CA ARG A 68 11.63 -1.70 -3.43
C ARG A 68 10.11 -1.88 -3.48
N PHE A 69 9.61 -2.80 -2.66
CA PHE A 69 8.17 -3.07 -2.61
C PHE A 69 7.42 -1.90 -1.99
N VAL A 70 7.66 -1.66 -0.71
CA VAL A 70 7.01 -0.56 0.00
C VAL A 70 7.01 0.71 -0.84
N ASP A 71 8.04 0.86 -1.67
CA ASP A 71 8.15 2.04 -2.52
C ASP A 71 7.00 2.12 -3.51
N LYS A 72 6.65 0.97 -4.08
CA LYS A 72 5.56 0.91 -5.06
C LYS A 72 4.21 0.95 -4.35
N LEU A 73 4.15 0.40 -3.15
CA LEU A 73 2.91 0.38 -2.37
C LEU A 73 2.36 1.79 -2.20
N PHE A 74 3.15 2.66 -1.58
CA PHE A 74 2.75 4.04 -1.34
C PHE A 74 2.33 4.71 -2.65
N GLU A 75 2.99 4.33 -3.74
CA GLU A 75 2.68 4.90 -5.05
C GLU A 75 1.41 4.27 -5.62
N ALA A 76 0.99 3.15 -5.05
CA ALA A 76 -0.21 2.46 -5.51
C ALA A 76 -1.46 3.28 -5.22
N VAL A 77 -1.55 3.82 -4.02
CA VAL A 77 -2.70 4.63 -3.62
C VAL A 77 -3.05 5.65 -4.70
N GLU A 78 -2.02 6.23 -5.31
CA GLU A 78 -2.22 7.23 -6.35
C GLU A 78 -2.32 6.56 -7.72
N GLU A 79 -1.85 5.32 -7.81
CA GLU A 79 -1.89 4.58 -9.06
C GLU A 79 -3.27 3.97 -9.29
N GLY A 80 -3.66 3.04 -8.42
CA GLY A 80 -4.96 2.40 -8.54
C GLY A 80 -6.10 3.39 -8.46
N ARG A 81 -6.03 4.31 -7.51
CA ARG A 81 -7.07 5.32 -7.33
C ARG A 81 -6.93 6.43 -8.35
N SER A 82 -5.76 7.08 -8.36
CA SER A 82 -5.50 8.17 -9.29
C SER A 82 -6.44 9.34 -9.03
N SER A 83 -5.95 10.36 -8.34
CA SER A 83 -6.74 11.53 -8.03
C SER A 83 -6.25 12.75 -8.80
N ARG A 84 -7.01 13.15 -9.82
CA ARG A 84 -6.65 14.29 -10.64
C ARG A 84 -5.14 14.35 -10.86
N HIS A 85 -4.66 13.61 -11.85
CA HIS A 85 -3.24 13.57 -12.16
C HIS A 85 -2.98 12.80 -13.45
N SER A 86 -3.86 13.00 -14.43
CA SER A 86 -3.73 12.31 -15.72
C SER A 86 -2.36 12.57 -16.34
N SER A 87 -2.05 13.84 -16.57
CA SER A 87 -0.77 14.23 -17.16
C SER A 87 0.39 13.84 -16.24
N GLY A 88 1.37 13.16 -16.80
CA GLY A 88 2.52 12.74 -16.02
C GLY A 88 3.01 11.35 -16.41
N PRO A 89 4.06 10.87 -15.71
CA PRO A 89 4.65 9.56 -15.98
C PRO A 89 3.72 8.42 -15.57
N SER A 90 3.87 7.27 -16.22
CA SER A 90 3.06 6.10 -15.92
C SER A 90 3.92 4.93 -15.49
N SER A 91 4.98 4.66 -16.26
CA SER A 91 5.88 3.57 -15.97
C SER A 91 6.66 3.83 -14.69
N GLY A 92 7.34 2.80 -14.19
CA GLY A 92 8.11 2.94 -12.97
C GLY A 92 7.25 3.18 -11.75
N GLY A 1 -5.70 16.04 24.89
CA GLY A 1 -5.26 15.20 23.78
C GLY A 1 -4.85 16.01 22.57
N SER A 2 -5.70 16.04 21.55
CA SER A 2 -5.42 16.78 20.33
C SER A 2 -6.66 16.87 19.45
N SER A 3 -6.63 17.79 18.48
CA SER A 3 -7.75 17.97 17.57
C SER A 3 -7.85 16.82 16.58
N GLY A 4 -9.00 16.16 16.54
CA GLY A 4 -9.19 15.05 15.63
C GLY A 4 -9.12 13.71 16.33
N SER A 5 -9.27 12.64 15.56
CA SER A 5 -9.23 11.29 16.11
C SER A 5 -7.91 10.61 15.79
N SER A 6 -7.48 10.73 14.54
CA SER A 6 -6.22 10.13 14.09
C SER A 6 -6.28 8.60 14.22
N GLY A 7 -5.36 7.93 13.55
CA GLY A 7 -5.31 6.47 13.59
C GLY A 7 -5.25 5.85 12.21
N MET A 8 -6.30 5.12 11.85
CA MET A 8 -6.36 4.47 10.54
C MET A 8 -6.32 5.49 9.42
N ALA A 9 -6.27 5.01 8.18
CA ALA A 9 -6.23 5.88 7.02
C ALA A 9 -7.30 5.51 6.00
N LEU A 10 -7.34 4.23 5.64
CA LEU A 10 -8.32 3.74 4.67
C LEU A 10 -9.31 2.78 5.34
N SER A 11 -10.53 2.75 4.82
CA SER A 11 -11.57 1.88 5.37
C SER A 11 -11.44 0.47 4.81
N LYS A 12 -12.37 -0.40 5.20
CA LYS A 12 -12.37 -1.78 4.73
C LYS A 12 -12.72 -1.86 3.26
N ARG A 13 -13.53 -0.91 2.79
CA ARG A 13 -13.95 -0.87 1.39
C ARG A 13 -12.88 -0.19 0.54
N GLU A 14 -12.14 0.73 1.14
CA GLU A 14 -11.08 1.45 0.42
C GLU A 14 -9.90 0.54 0.14
N LEU A 15 -9.43 -0.15 1.18
CA LEU A 15 -8.29 -1.06 1.05
C LEU A 15 -8.65 -2.24 0.17
N ASP A 16 -9.93 -2.60 0.13
CA ASP A 16 -10.40 -3.71 -0.68
C ASP A 16 -9.96 -3.54 -2.13
N GLU A 17 -10.04 -2.30 -2.64
CA GLU A 17 -9.66 -2.02 -4.01
C GLU A 17 -8.16 -2.23 -4.22
N LEU A 18 -7.41 -2.24 -3.11
CA LEU A 18 -5.97 -2.44 -3.17
C LEU A 18 -5.61 -3.92 -3.13
N LYS A 19 -6.45 -4.70 -2.46
CA LYS A 19 -6.23 -6.14 -2.35
C LYS A 19 -5.76 -6.72 -3.68
N PRO A 20 -6.60 -6.56 -4.72
CA PRO A 20 -6.30 -7.06 -6.07
C PRO A 20 -5.17 -6.29 -6.73
N TRP A 21 -4.79 -5.16 -6.13
CA TRP A 21 -3.72 -4.33 -6.66
C TRP A 21 -2.38 -4.68 -6.02
N ILE A 22 -2.44 -5.23 -4.81
CA ILE A 22 -1.23 -5.62 -4.10
C ILE A 22 -0.90 -7.08 -4.32
N GLU A 23 -1.94 -7.92 -4.41
CA GLU A 23 -1.76 -9.34 -4.63
C GLU A 23 -0.98 -9.60 -5.91
N LYS A 24 -1.21 -8.76 -6.92
CA LYS A 24 -0.54 -8.90 -8.21
C LYS A 24 0.87 -8.31 -8.15
N THR A 25 0.98 -7.15 -7.51
CA THR A 25 2.27 -6.47 -7.39
C THR A 25 3.28 -7.34 -6.63
N VAL A 26 2.89 -7.81 -5.45
CA VAL A 26 3.76 -8.65 -4.64
C VAL A 26 4.32 -9.81 -5.46
N LYS A 27 3.52 -10.31 -6.39
CA LYS A 27 3.94 -11.42 -7.25
C LYS A 27 5.03 -10.97 -8.23
N ARG A 28 4.90 -9.75 -8.73
CA ARG A 28 5.88 -9.21 -9.67
C ARG A 28 7.16 -8.80 -8.95
N VAL A 29 7.01 -8.25 -7.75
CA VAL A 29 8.15 -7.82 -6.95
C VAL A 29 9.00 -9.01 -6.54
N LEU A 30 8.36 -10.02 -5.95
CA LEU A 30 9.05 -11.22 -5.50
C LEU A 30 9.13 -12.25 -6.62
N GLY A 31 8.12 -12.28 -7.48
CA GLY A 31 8.09 -13.22 -8.58
C GLY A 31 7.27 -14.46 -8.26
N PHE A 32 6.97 -14.65 -6.98
CA PHE A 32 6.19 -15.81 -6.55
C PHE A 32 4.95 -15.36 -5.78
N SER A 33 4.96 -14.13 -5.29
CA SER A 33 3.84 -13.59 -4.55
C SER A 33 3.70 -14.29 -3.19
N GLU A 34 3.44 -13.50 -2.16
CA GLU A 34 3.28 -14.04 -0.81
C GLU A 34 2.03 -13.49 -0.15
N PRO A 35 1.27 -14.37 0.52
CA PRO A 35 0.03 -14.00 1.21
C PRO A 35 0.30 -13.15 2.45
N THR A 36 1.26 -13.58 3.25
CA THR A 36 1.62 -12.87 4.47
C THR A 36 2.08 -11.45 4.16
N VAL A 37 2.70 -11.27 3.01
CA VAL A 37 3.20 -9.96 2.59
C VAL A 37 2.05 -9.05 2.16
N VAL A 38 1.14 -9.59 1.35
CA VAL A 38 -0.01 -8.83 0.88
C VAL A 38 -0.68 -8.08 2.02
N THR A 39 -0.88 -8.78 3.14
CA THR A 39 -1.52 -8.18 4.31
C THR A 39 -0.62 -7.12 4.94
N ALA A 40 0.61 -7.48 5.24
CA ALA A 40 1.56 -6.56 5.84
C ALA A 40 1.50 -5.19 5.17
N ALA A 41 1.16 -5.19 3.88
CA ALA A 41 1.06 -3.94 3.12
C ALA A 41 -0.26 -3.24 3.39
N LEU A 42 -1.37 -3.96 3.19
CA LEU A 42 -2.70 -3.41 3.42
C LEU A 42 -2.78 -2.74 4.79
N ASN A 43 -2.15 -3.35 5.78
CA ASN A 43 -2.16 -2.81 7.14
C ASN A 43 -1.35 -1.52 7.20
N CYS A 44 -0.18 -1.52 6.58
CA CYS A 44 0.69 -0.36 6.58
C CYS A 44 -0.08 0.90 6.18
N VAL A 45 -0.46 0.97 4.90
CA VAL A 45 -1.20 2.11 4.39
C VAL A 45 -2.44 2.39 5.24
N GLY A 46 -3.12 1.33 5.65
CA GLY A 46 -4.31 1.48 6.47
C GLY A 46 -4.01 2.13 7.80
N LYS A 47 -2.84 1.85 8.35
CA LYS A 47 -2.43 2.42 9.62
C LYS A 47 -1.60 3.68 9.44
N GLY A 48 -1.73 4.30 8.27
CA GLY A 48 -0.98 5.51 7.97
C GLY A 48 0.51 5.34 8.22
N MET A 49 0.95 4.09 8.33
CA MET A 49 2.36 3.80 8.56
C MET A 49 3.25 4.69 7.69
N ASP A 50 4.53 4.76 8.05
CA ASP A 50 5.48 5.57 7.30
C ASP A 50 6.44 4.69 6.52
N LYS A 51 6.84 5.16 5.33
CA LYS A 51 7.76 4.41 4.49
C LYS A 51 8.85 3.73 5.32
N LYS A 52 9.29 4.42 6.37
CA LYS A 52 10.32 3.88 7.25
C LYS A 52 9.81 2.66 8.01
N LYS A 53 8.78 2.86 8.82
CA LYS A 53 8.18 1.78 9.60
C LYS A 53 7.79 0.61 8.69
N ALA A 54 6.88 0.87 7.77
CA ALA A 54 6.42 -0.16 6.84
C ALA A 54 7.54 -1.11 6.46
N ALA A 55 8.65 -0.54 5.98
CA ALA A 55 9.81 -1.34 5.59
C ALA A 55 10.12 -2.41 6.63
N ASP A 56 10.20 -2.00 7.89
CA ASP A 56 10.49 -2.93 8.98
C ASP A 56 9.41 -4.00 9.08
N HIS A 57 8.17 -3.63 8.79
CA HIS A 57 7.06 -4.57 8.84
C HIS A 57 7.15 -5.59 7.70
N LEU A 58 7.69 -5.16 6.57
CA LEU A 58 7.83 -6.03 5.41
C LEU A 58 9.26 -6.53 5.29
N LYS A 59 10.07 -6.27 6.31
CA LYS A 59 11.46 -6.70 6.32
C LYS A 59 11.57 -8.21 6.37
N PRO A 60 11.01 -8.81 7.43
CA PRO A 60 11.03 -10.27 7.63
C PRO A 60 10.13 -11.00 6.62
N PHE A 61 9.40 -10.22 5.82
CA PHE A 61 8.50 -10.79 4.82
C PHE A 61 9.08 -10.62 3.42
N LEU A 62 9.81 -9.53 3.21
CA LEU A 62 10.41 -9.26 1.91
C LEU A 62 11.93 -9.15 2.03
N ASP A 63 12.38 -8.38 3.01
CA ASP A 63 13.81 -8.18 3.23
C ASP A 63 14.49 -7.61 1.98
N ASP A 64 14.88 -8.48 1.07
CA ASP A 64 15.53 -8.07 -0.16
C ASP A 64 14.55 -7.34 -1.07
N SER A 65 13.27 -7.40 -0.72
CA SER A 65 12.23 -6.75 -1.52
C SER A 65 11.35 -5.87 -0.65
N THR A 66 11.96 -5.24 0.36
CA THR A 66 11.23 -4.37 1.27
C THR A 66 11.14 -2.95 0.71
N LEU A 67 12.26 -2.22 0.77
CA LEU A 67 12.30 -0.85 0.26
C LEU A 67 11.72 -0.76 -1.14
N ARG A 68 12.22 -1.60 -2.04
CA ARG A 68 11.75 -1.62 -3.42
C ARG A 68 10.24 -1.84 -3.47
N PHE A 69 9.74 -2.73 -2.62
CA PHE A 69 8.32 -3.03 -2.57
C PHE A 69 7.54 -1.87 -1.96
N VAL A 70 7.65 -1.72 -0.64
CA VAL A 70 6.95 -0.66 0.07
C VAL A 70 6.94 0.63 -0.75
N ASP A 71 8.02 0.87 -1.49
CA ASP A 71 8.13 2.06 -2.32
C ASP A 71 6.98 2.13 -3.32
N LYS A 72 6.73 1.02 -4.00
CA LYS A 72 5.67 0.95 -5.00
C LYS A 72 4.30 1.01 -4.32
N LEU A 73 4.17 0.30 -3.21
CA LEU A 73 2.91 0.26 -2.46
C LEU A 73 2.37 1.68 -2.24
N PHE A 74 3.14 2.48 -1.50
CA PHE A 74 2.75 3.85 -1.20
C PHE A 74 2.20 4.54 -2.45
N GLU A 75 3.02 4.59 -3.50
CA GLU A 75 2.62 5.22 -4.75
C GLU A 75 1.35 4.58 -5.29
N ALA A 76 1.10 3.34 -4.91
CA ALA A 76 -0.09 2.62 -5.36
C ALA A 76 -1.36 3.37 -4.97
N VAL A 77 -1.39 3.89 -3.76
CA VAL A 77 -2.54 4.63 -3.26
C VAL A 77 -3.10 5.55 -4.34
N GLU A 78 -2.22 6.14 -5.13
CA GLU A 78 -2.62 7.04 -6.19
C GLU A 78 -2.83 6.29 -7.50
N GLU A 79 -2.21 5.12 -7.61
CA GLU A 79 -2.32 4.30 -8.81
C GLU A 79 -3.62 3.49 -8.79
N GLY A 80 -3.76 2.62 -7.80
CA GLY A 80 -4.95 1.80 -7.69
C GLY A 80 -6.21 2.63 -7.51
N ARG A 81 -6.13 3.63 -6.62
CA ARG A 81 -7.27 4.50 -6.36
C ARG A 81 -7.39 5.58 -7.42
N SER A 82 -6.28 6.25 -7.70
CA SER A 82 -6.26 7.32 -8.70
C SER A 82 -7.53 8.17 -8.61
N SER A 83 -7.49 9.20 -7.78
CA SER A 83 -8.63 10.08 -7.60
C SER A 83 -8.20 11.54 -7.64
N ARG A 84 -8.46 12.21 -8.77
CA ARG A 84 -8.09 13.60 -8.93
C ARG A 84 -9.24 14.39 -9.57
N HIS A 85 -9.89 15.23 -8.76
CA HIS A 85 -11.01 16.04 -9.24
C HIS A 85 -11.38 17.10 -8.22
N SER A 86 -11.89 18.23 -8.71
CA SER A 86 -12.28 19.33 -7.84
C SER A 86 -13.43 20.12 -8.44
N SER A 87 -14.18 20.82 -7.60
CA SER A 87 -15.31 21.62 -8.05
C SER A 87 -14.95 22.40 -9.32
N GLY A 88 -13.79 23.05 -9.30
CA GLY A 88 -13.35 23.83 -10.44
C GLY A 88 -14.49 24.56 -11.11
N PRO A 89 -14.83 25.75 -10.57
CA PRO A 89 -15.92 26.57 -11.11
C PRO A 89 -15.56 27.18 -12.46
N SER A 90 -14.28 27.16 -12.80
CA SER A 90 -13.80 27.71 -14.06
C SER A 90 -14.76 27.35 -15.20
N SER A 91 -14.92 28.27 -16.15
CA SER A 91 -15.80 28.05 -17.29
C SER A 91 -15.46 26.74 -17.99
N GLY A 92 -16.24 25.70 -17.67
CA GLY A 92 -16.01 24.40 -18.27
C GLY A 92 -16.10 23.26 -17.27
N GLY A 1 -8.92 20.30 7.48
CA GLY A 1 -7.98 19.54 8.29
C GLY A 1 -8.51 19.25 9.68
N SER A 2 -9.68 18.62 9.74
CA SER A 2 -10.30 18.30 11.03
C SER A 2 -9.42 17.34 11.84
N SER A 3 -8.86 17.85 12.93
CA SER A 3 -7.99 17.06 13.78
C SER A 3 -6.84 16.44 12.98
N GLY A 4 -5.71 17.12 12.97
CA GLY A 4 -4.55 16.64 12.23
C GLY A 4 -4.42 15.12 12.30
N SER A 5 -4.74 14.45 11.19
CA SER A 5 -4.66 13.00 11.13
C SER A 5 -3.22 12.52 11.26
N SER A 6 -2.94 11.76 12.31
CA SER A 6 -1.59 11.26 12.56
C SER A 6 -1.02 10.64 11.29
N GLY A 7 -1.78 9.74 10.67
CA GLY A 7 -1.32 9.09 9.45
C GLY A 7 -2.25 9.33 8.28
N MET A 8 -3.33 8.54 8.20
CA MET A 8 -4.30 8.68 7.12
C MET A 8 -5.44 7.68 7.29
N ALA A 9 -5.11 6.39 7.32
CA ALA A 9 -6.10 5.35 7.48
C ALA A 9 -7.09 5.35 6.31
N LEU A 10 -7.16 4.22 5.61
CA LEU A 10 -8.07 4.09 4.47
C LEU A 10 -9.37 3.40 4.89
N SER A 11 -10.43 3.65 4.12
CA SER A 11 -11.74 3.07 4.41
C SER A 11 -11.80 1.62 3.94
N LYS A 12 -12.76 0.87 4.47
CA LYS A 12 -12.93 -0.53 4.11
C LYS A 12 -12.91 -0.70 2.59
N ARG A 13 -13.61 0.20 1.90
CA ARG A 13 -13.67 0.15 0.44
C ARG A 13 -12.33 0.52 -0.18
N GLU A 14 -11.64 1.46 0.45
CA GLU A 14 -10.34 1.91 -0.05
C GLU A 14 -9.35 0.76 -0.08
N LEU A 15 -9.15 0.12 1.07
CA LEU A 15 -8.22 -1.00 1.17
C LEU A 15 -8.65 -2.15 0.27
N ASP A 16 -9.96 -2.28 0.07
CA ASP A 16 -10.50 -3.34 -0.77
C ASP A 16 -9.94 -3.25 -2.19
N GLU A 17 -9.80 -2.03 -2.68
CA GLU A 17 -9.28 -1.80 -4.02
C GLU A 17 -7.79 -2.12 -4.09
N LEU A 18 -7.13 -2.06 -2.94
CA LEU A 18 -5.70 -2.34 -2.87
C LEU A 18 -5.45 -3.85 -2.83
N LYS A 19 -6.29 -4.57 -2.10
CA LYS A 19 -6.16 -6.02 -1.98
C LYS A 19 -5.76 -6.64 -3.32
N PRO A 20 -6.62 -6.45 -4.34
CA PRO A 20 -6.38 -6.98 -5.68
C PRO A 20 -5.24 -6.27 -6.39
N TRP A 21 -4.82 -5.14 -5.83
CA TRP A 21 -3.73 -4.36 -6.42
C TRP A 21 -2.39 -4.78 -5.83
N ILE A 22 -2.42 -5.33 -4.63
CA ILE A 22 -1.21 -5.77 -3.95
C ILE A 22 -0.92 -7.25 -4.25
N GLU A 23 -1.96 -8.06 -4.23
CA GLU A 23 -1.83 -9.49 -4.51
C GLU A 23 -1.16 -9.73 -5.85
N LYS A 24 -1.36 -8.80 -6.78
CA LYS A 24 -0.77 -8.90 -8.10
C LYS A 24 0.66 -8.35 -8.12
N THR A 25 0.83 -7.17 -7.53
CA THR A 25 2.15 -6.54 -7.47
C THR A 25 3.15 -7.43 -6.76
N VAL A 26 2.84 -7.82 -5.53
CA VAL A 26 3.71 -8.67 -4.74
C VAL A 26 4.26 -9.82 -5.58
N LYS A 27 3.45 -10.31 -6.51
CA LYS A 27 3.86 -11.40 -7.38
C LYS A 27 4.97 -10.96 -8.33
N ARG A 28 4.89 -9.71 -8.77
CA ARG A 28 5.89 -9.16 -9.69
C ARG A 28 7.15 -8.75 -8.94
N VAL A 29 6.96 -8.18 -7.75
CA VAL A 29 8.09 -7.75 -6.92
C VAL A 29 8.93 -8.94 -6.48
N LEU A 30 8.27 -10.00 -6.04
CA LEU A 30 8.96 -11.20 -5.58
C LEU A 30 9.05 -12.23 -6.69
N GLY A 31 8.06 -12.22 -7.59
CA GLY A 31 8.05 -13.16 -8.70
C GLY A 31 7.23 -14.40 -8.40
N PHE A 32 6.87 -14.57 -7.12
CA PHE A 32 6.07 -15.73 -6.70
C PHE A 32 4.81 -15.28 -5.97
N SER A 33 4.86 -14.08 -5.39
CA SER A 33 3.73 -13.54 -4.66
C SER A 33 3.55 -14.26 -3.32
N GLU A 34 3.74 -13.52 -2.23
CA GLU A 34 3.60 -14.10 -0.89
C GLU A 34 2.32 -13.60 -0.22
N PRO A 35 1.60 -14.52 0.43
CA PRO A 35 0.36 -14.20 1.14
C PRO A 35 0.59 -13.35 2.38
N THR A 36 1.52 -13.78 3.23
CA THR A 36 1.84 -13.05 4.45
C THR A 36 2.21 -11.61 4.16
N VAL A 37 2.84 -11.39 3.00
CA VAL A 37 3.25 -10.04 2.61
C VAL A 37 2.03 -9.19 2.26
N VAL A 38 1.14 -9.74 1.44
CA VAL A 38 -0.06 -9.03 1.04
C VAL A 38 -0.74 -8.35 2.23
N THR A 39 -0.91 -9.11 3.31
CA THR A 39 -1.54 -8.60 4.52
C THR A 39 -0.64 -7.60 5.21
N ALA A 40 0.64 -7.93 5.32
CA ALA A 40 1.61 -7.05 5.98
C ALA A 40 1.69 -5.70 5.27
N ALA A 41 1.22 -5.66 4.02
CA ALA A 41 1.24 -4.43 3.25
C ALA A 41 -0.07 -3.66 3.41
N LEU A 42 -1.18 -4.38 3.35
CA LEU A 42 -2.50 -3.77 3.49
C LEU A 42 -2.64 -3.08 4.84
N ASN A 43 -1.99 -3.63 5.86
CA ASN A 43 -2.04 -3.06 7.20
C ASN A 43 -1.23 -1.77 7.27
N CYS A 44 -0.05 -1.78 6.68
CA CYS A 44 0.82 -0.61 6.68
C CYS A 44 0.06 0.62 6.20
N VAL A 45 -0.30 0.62 4.92
CA VAL A 45 -1.03 1.75 4.35
C VAL A 45 -2.29 2.05 5.14
N GLY A 46 -2.83 1.04 5.80
CA GLY A 46 -4.03 1.21 6.58
C GLY A 46 -3.77 1.89 7.91
N LYS A 47 -2.57 1.67 8.45
CA LYS A 47 -2.19 2.27 9.73
C LYS A 47 -1.39 3.55 9.51
N GLY A 48 -1.53 4.13 8.33
CA GLY A 48 -0.83 5.37 8.02
C GLY A 48 0.67 5.24 8.22
N MET A 49 1.14 4.00 8.33
CA MET A 49 2.57 3.75 8.53
C MET A 49 3.41 4.58 7.56
N ASP A 50 4.65 4.85 7.94
CA ASP A 50 5.56 5.63 7.11
C ASP A 50 6.55 4.71 6.39
N LYS A 51 7.00 5.14 5.22
CA LYS A 51 7.96 4.36 4.43
C LYS A 51 9.01 3.73 5.33
N LYS A 52 9.42 4.46 6.36
CA LYS A 52 10.42 3.97 7.30
C LYS A 52 9.86 2.84 8.15
N LYS A 53 8.65 3.05 8.69
CA LYS A 53 8.00 2.05 9.52
C LYS A 53 7.56 0.85 8.69
N ALA A 54 6.70 1.10 7.70
CA ALA A 54 6.21 0.05 6.83
C ALA A 54 7.29 -0.98 6.54
N ALA A 55 8.43 -0.51 6.06
CA ALA A 55 9.55 -1.38 5.73
C ALA A 55 9.79 -2.40 6.84
N ASP A 56 9.98 -1.91 8.06
CA ASP A 56 10.22 -2.78 9.21
C ASP A 56 9.14 -3.85 9.31
N HIS A 57 7.96 -3.54 8.79
CA HIS A 57 6.84 -4.47 8.82
C HIS A 57 6.93 -5.47 7.68
N LEU A 58 7.54 -5.05 6.58
CA LEU A 58 7.69 -5.91 5.41
C LEU A 58 9.11 -6.45 5.32
N LYS A 59 9.92 -6.17 6.34
CA LYS A 59 11.30 -6.64 6.38
C LYS A 59 11.36 -8.17 6.46
N PRO A 60 10.74 -8.73 7.51
CA PRO A 60 10.71 -10.18 7.72
C PRO A 60 9.83 -10.90 6.70
N PHE A 61 9.15 -10.12 5.86
CA PHE A 61 8.28 -10.67 4.83
C PHE A 61 8.87 -10.46 3.44
N LEU A 62 9.67 -9.42 3.31
CA LEU A 62 10.30 -9.10 2.02
C LEU A 62 11.80 -8.86 2.19
N ASP A 63 12.16 -8.07 3.19
CA ASP A 63 13.57 -7.76 3.46
C ASP A 63 14.27 -7.29 2.19
N ASP A 64 14.76 -8.23 1.40
CA ASP A 64 15.46 -7.91 0.16
C ASP A 64 14.52 -7.21 -0.82
N SER A 65 13.23 -7.28 -0.55
CA SER A 65 12.22 -6.66 -1.41
C SER A 65 11.32 -5.74 -0.61
N THR A 66 11.87 -5.14 0.44
CA THR A 66 11.11 -4.23 1.30
C THR A 66 11.04 -2.84 0.68
N LEU A 67 12.15 -2.12 0.73
CA LEU A 67 12.21 -0.77 0.18
C LEU A 67 11.64 -0.73 -1.23
N ARG A 68 12.12 -1.65 -2.08
CA ARG A 68 11.66 -1.72 -3.46
C ARG A 68 10.14 -1.91 -3.52
N PHE A 69 9.63 -2.77 -2.65
CA PHE A 69 8.19 -3.04 -2.60
C PHE A 69 7.43 -1.84 -2.05
N VAL A 70 7.58 -1.59 -0.75
CA VAL A 70 6.92 -0.47 -0.11
C VAL A 70 6.99 0.79 -0.97
N ASP A 71 7.99 0.85 -1.84
CA ASP A 71 8.18 2.00 -2.72
C ASP A 71 7.01 2.12 -3.69
N LYS A 72 6.57 0.99 -4.23
CA LYS A 72 5.47 0.97 -5.19
C LYS A 72 4.13 1.04 -4.46
N LEU A 73 4.06 0.40 -3.29
CA LEU A 73 2.83 0.39 -2.50
C LEU A 73 2.36 1.80 -2.22
N PHE A 74 3.20 2.60 -1.56
CA PHE A 74 2.85 3.97 -1.22
C PHE A 74 2.46 4.75 -2.48
N GLU A 75 3.06 4.39 -3.61
CA GLU A 75 2.78 5.06 -4.87
C GLU A 75 1.52 4.48 -5.51
N ALA A 76 1.08 3.33 -5.01
CA ALA A 76 -0.11 2.68 -5.53
C ALA A 76 -1.37 3.48 -5.22
N VAL A 77 -1.48 3.93 -3.97
CA VAL A 77 -2.63 4.72 -3.54
C VAL A 77 -3.08 5.69 -4.63
N GLU A 78 -2.10 6.31 -5.29
CA GLU A 78 -2.40 7.26 -6.36
C GLU A 78 -2.51 6.55 -7.70
N GLU A 79 -1.84 5.41 -7.82
CA GLU A 79 -1.85 4.64 -9.05
C GLU A 79 -3.21 3.98 -9.27
N GLY A 80 -3.62 3.15 -8.31
CA GLY A 80 -4.90 2.47 -8.41
C GLY A 80 -6.08 3.43 -8.33
N ARG A 81 -5.97 4.43 -7.45
CA ARG A 81 -7.03 5.41 -7.28
C ARG A 81 -6.89 6.56 -8.29
N SER A 82 -5.79 7.31 -8.17
CA SER A 82 -5.54 8.43 -9.07
C SER A 82 -6.77 9.33 -9.17
N SER A 83 -6.76 10.41 -8.38
CA SER A 83 -7.87 11.35 -8.38
C SER A 83 -7.71 12.39 -9.48
N ARG A 84 -8.75 13.19 -9.70
CA ARG A 84 -8.72 14.22 -10.72
C ARG A 84 -9.06 15.59 -10.12
N HIS A 85 -8.91 16.63 -10.94
CA HIS A 85 -9.21 17.99 -10.48
C HIS A 85 -8.15 18.48 -9.50
N SER A 86 -8.26 19.73 -9.09
CA SER A 86 -7.31 20.32 -8.15
C SER A 86 -5.88 20.21 -8.68
N SER A 87 -4.94 20.82 -7.97
CA SER A 87 -3.54 20.79 -8.37
C SER A 87 -2.63 20.75 -7.15
N GLY A 88 -1.51 20.03 -7.28
CA GLY A 88 -0.57 19.93 -6.19
C GLY A 88 0.61 19.02 -6.51
N PRO A 89 1.41 19.43 -7.50
CA PRO A 89 2.59 18.66 -7.94
C PRO A 89 3.70 18.66 -6.90
N SER A 90 4.32 17.50 -6.68
CA SER A 90 5.39 17.37 -5.72
C SER A 90 4.88 17.60 -4.29
N SER A 91 4.88 16.55 -3.50
CA SER A 91 4.41 16.63 -2.12
C SER A 91 5.19 17.69 -1.35
N GLY A 92 4.53 18.27 -0.34
CA GLY A 92 5.19 19.30 0.46
C GLY A 92 6.47 18.80 1.10
N GLY A 1 -1.35 19.70 1.36
CA GLY A 1 -2.13 20.87 1.68
C GLY A 1 -2.01 21.27 3.14
N SER A 2 -0.78 21.31 3.64
CA SER A 2 -0.53 21.68 5.03
C SER A 2 -1.03 20.58 5.97
N SER A 3 -0.11 19.86 6.58
CA SER A 3 -0.46 18.78 7.50
C SER A 3 -1.47 17.84 6.87
N GLY A 4 -0.98 16.92 6.04
CA GLY A 4 -1.86 15.97 5.39
C GLY A 4 -1.09 14.88 4.65
N SER A 5 -0.10 14.30 5.32
CA SER A 5 0.71 13.24 4.73
C SER A 5 0.88 12.09 5.71
N SER A 6 1.22 12.41 6.95
CA SER A 6 1.41 11.38 7.97
C SER A 6 0.08 11.04 8.65
N GLY A 7 -0.37 9.80 8.44
CA GLY A 7 -1.62 9.35 9.04
C GLY A 7 -2.80 9.58 8.12
N MET A 8 -3.10 8.59 7.29
CA MET A 8 -4.22 8.69 6.35
C MET A 8 -5.37 7.78 6.78
N ALA A 9 -5.08 6.47 6.85
CA ALA A 9 -6.09 5.50 7.25
C ALA A 9 -7.12 5.30 6.15
N LEU A 10 -7.27 4.06 5.69
CA LEU A 10 -8.22 3.73 4.65
C LEU A 10 -9.43 3.00 5.22
N SER A 11 -10.55 3.07 4.50
CA SER A 11 -11.77 2.41 4.94
C SER A 11 -11.80 0.95 4.50
N LYS A 12 -12.93 0.29 4.74
CA LYS A 12 -13.09 -1.11 4.37
C LYS A 12 -13.23 -1.26 2.86
N ARG A 13 -13.71 -0.21 2.20
CA ARG A 13 -13.90 -0.24 0.76
C ARG A 13 -12.66 0.28 0.04
N GLU A 14 -11.83 1.03 0.76
CA GLU A 14 -10.61 1.59 0.20
C GLU A 14 -9.51 0.53 0.11
N LEU A 15 -9.34 -0.22 1.19
CA LEU A 15 -8.33 -1.27 1.23
C LEU A 15 -8.73 -2.45 0.33
N ASP A 16 -10.02 -2.66 0.18
CA ASP A 16 -10.53 -3.74 -0.65
C ASP A 16 -9.97 -3.64 -2.07
N GLU A 17 -9.89 -2.42 -2.58
CA GLU A 17 -9.37 -2.19 -3.93
C GLU A 17 -7.87 -2.47 -3.99
N LEU A 18 -7.19 -2.30 -2.86
CA LEU A 18 -5.76 -2.53 -2.79
C LEU A 18 -5.45 -4.03 -2.77
N LYS A 19 -6.25 -4.79 -2.03
CA LYS A 19 -6.06 -6.23 -1.92
C LYS A 19 -5.67 -6.82 -3.27
N PRO A 20 -6.55 -6.66 -4.27
CA PRO A 20 -6.32 -7.18 -5.62
C PRO A 20 -5.20 -6.42 -6.34
N TRP A 21 -4.85 -5.25 -5.82
CA TRP A 21 -3.80 -4.42 -6.41
C TRP A 21 -2.44 -4.79 -5.85
N ILE A 22 -2.43 -5.38 -4.66
CA ILE A 22 -1.19 -5.79 -4.02
C ILE A 22 -0.88 -7.25 -4.31
N GLU A 23 -1.90 -8.08 -4.30
CA GLU A 23 -1.73 -9.51 -4.56
C GLU A 23 -1.08 -9.74 -5.93
N LYS A 24 -1.37 -8.85 -6.87
CA LYS A 24 -0.81 -8.95 -8.22
C LYS A 24 0.59 -8.33 -8.27
N THR A 25 0.79 -7.26 -7.51
CA THR A 25 2.08 -6.59 -7.47
C THR A 25 3.14 -7.45 -6.79
N VAL A 26 2.83 -7.90 -5.57
CA VAL A 26 3.75 -8.74 -4.82
C VAL A 26 4.27 -9.89 -5.66
N LYS A 27 3.41 -10.43 -6.51
CA LYS A 27 3.79 -11.54 -7.39
C LYS A 27 4.85 -11.11 -8.39
N ARG A 28 4.83 -9.83 -8.76
CA ARG A 28 5.80 -9.29 -9.70
C ARG A 28 7.13 -8.98 -9.01
N VAL A 29 7.05 -8.23 -7.91
CA VAL A 29 8.23 -7.86 -7.15
C VAL A 29 9.03 -9.10 -6.73
N LEU A 30 8.33 -10.09 -6.20
CA LEU A 30 8.97 -11.32 -5.76
C LEU A 30 9.01 -12.34 -6.89
N GLY A 31 8.01 -12.29 -7.77
CA GLY A 31 7.95 -13.22 -8.88
C GLY A 31 7.13 -14.45 -8.57
N PHE A 32 6.69 -14.57 -7.32
CA PHE A 32 5.89 -15.72 -6.89
C PHE A 32 4.65 -15.25 -6.13
N SER A 33 4.79 -14.14 -5.40
CA SER A 33 3.68 -13.60 -4.63
C SER A 33 3.55 -14.33 -3.29
N GLU A 34 3.54 -13.57 -2.21
CA GLU A 34 3.42 -14.14 -0.87
C GLU A 34 2.17 -13.60 -0.16
N PRO A 35 1.45 -14.51 0.51
CA PRO A 35 0.23 -14.16 1.24
C PRO A 35 0.51 -13.32 2.48
N THR A 36 1.56 -13.68 3.21
CA THR A 36 1.94 -12.97 4.42
C THR A 36 2.36 -11.54 4.11
N VAL A 37 2.90 -11.34 2.90
CA VAL A 37 3.34 -10.02 2.47
C VAL A 37 2.15 -9.13 2.11
N VAL A 38 1.20 -9.69 1.39
CA VAL A 38 0.01 -8.95 0.98
C VAL A 38 -0.63 -8.25 2.18
N THR A 39 -0.73 -8.96 3.30
CA THR A 39 -1.32 -8.41 4.50
C THR A 39 -0.44 -7.32 5.10
N ALA A 40 0.83 -7.66 5.35
CA ALA A 40 1.78 -6.71 5.92
C ALA A 40 1.75 -5.40 5.17
N ALA A 41 1.27 -5.43 3.93
CA ALA A 41 1.20 -4.24 3.11
C ALA A 41 -0.13 -3.52 3.31
N LEU A 42 -1.22 -4.27 3.27
CA LEU A 42 -2.56 -3.70 3.46
C LEU A 42 -2.67 -3.02 4.81
N ASN A 43 -1.95 -3.53 5.79
CA ASN A 43 -1.96 -2.96 7.14
C ASN A 43 -1.20 -1.64 7.18
N CYS A 44 -0.04 -1.61 6.56
CA CYS A 44 0.78 -0.41 6.53
C CYS A 44 -0.02 0.80 6.06
N VAL A 45 -0.37 0.81 4.77
CA VAL A 45 -1.15 1.90 4.21
C VAL A 45 -2.40 2.17 5.03
N GLY A 46 -2.93 1.13 5.67
CA GLY A 46 -4.12 1.29 6.49
C GLY A 46 -3.84 2.00 7.79
N LYS A 47 -2.65 1.79 8.34
CA LYS A 47 -2.26 2.42 9.59
C LYS A 47 -1.46 3.70 9.33
N GLY A 48 -1.62 4.26 8.14
CA GLY A 48 -0.91 5.48 7.80
C GLY A 48 0.59 5.36 8.02
N MET A 49 1.06 4.13 8.19
CA MET A 49 2.48 3.88 8.42
C MET A 49 3.33 4.64 7.42
N ASP A 50 4.57 4.91 7.79
CA ASP A 50 5.50 5.64 6.92
C ASP A 50 6.48 4.67 6.25
N LYS A 51 6.96 5.06 5.07
CA LYS A 51 7.91 4.23 4.33
C LYS A 51 8.94 3.61 5.27
N LYS A 52 9.38 4.39 6.25
CA LYS A 52 10.36 3.92 7.22
C LYS A 52 9.77 2.81 8.09
N LYS A 53 8.58 3.05 8.63
CA LYS A 53 7.91 2.07 9.48
C LYS A 53 7.48 0.85 8.67
N ALA A 54 6.64 1.08 7.67
CA ALA A 54 6.15 0.00 6.81
C ALA A 54 7.25 -1.04 6.58
N ALA A 55 8.39 -0.59 6.09
CA ALA A 55 9.52 -1.48 5.82
C ALA A 55 9.70 -2.49 6.94
N ASP A 56 9.83 -1.99 8.17
CA ASP A 56 10.01 -2.85 9.33
C ASP A 56 8.97 -3.97 9.34
N HIS A 57 7.76 -3.66 8.88
CA HIS A 57 6.68 -4.63 8.84
C HIS A 57 6.85 -5.58 7.65
N LEU A 58 7.50 -5.09 6.60
CA LEU A 58 7.72 -5.88 5.41
C LEU A 58 9.14 -6.43 5.38
N LYS A 59 9.88 -6.23 6.46
CA LYS A 59 11.26 -6.70 6.56
C LYS A 59 11.30 -8.22 6.62
N PRO A 60 10.63 -8.80 7.63
CA PRO A 60 10.58 -10.25 7.81
C PRO A 60 9.75 -10.95 6.73
N PHE A 61 9.13 -10.16 5.86
CA PHE A 61 8.32 -10.70 4.79
C PHE A 61 9.00 -10.51 3.44
N LEU A 62 9.73 -9.41 3.30
CA LEU A 62 10.44 -9.12 2.06
C LEU A 62 11.92 -8.87 2.32
N ASP A 63 12.22 -7.95 3.23
CA ASP A 63 13.60 -7.63 3.57
C ASP A 63 14.37 -7.13 2.35
N ASP A 64 14.86 -8.06 1.55
CA ASP A 64 15.61 -7.73 0.35
C ASP A 64 14.70 -7.09 -0.70
N SER A 65 13.40 -7.22 -0.50
CA SER A 65 12.42 -6.65 -1.43
C SER A 65 11.46 -5.72 -0.70
N THR A 66 11.97 -5.01 0.30
CA THR A 66 11.16 -4.08 1.07
C THR A 66 11.21 -2.68 0.47
N LEU A 67 12.33 -1.99 0.65
CA LEU A 67 12.50 -0.65 0.14
C LEU A 67 11.99 -0.54 -1.30
N ARG A 68 12.18 -1.63 -2.06
CA ARG A 68 11.74 -1.66 -3.45
C ARG A 68 10.23 -1.87 -3.53
N PHE A 69 9.71 -2.76 -2.71
CA PHE A 69 8.28 -3.05 -2.68
C PHE A 69 7.50 -1.88 -2.09
N VAL A 70 7.70 -1.64 -0.80
CA VAL A 70 7.02 -0.55 -0.11
C VAL A 70 6.98 0.71 -0.97
N ASP A 71 8.01 0.89 -1.79
CA ASP A 71 8.10 2.05 -2.66
C ASP A 71 6.92 2.09 -3.63
N LYS A 72 6.58 0.93 -4.18
CA LYS A 72 5.47 0.83 -5.13
C LYS A 72 4.13 0.86 -4.40
N LEU A 73 4.08 0.27 -3.22
CA LEU A 73 2.86 0.24 -2.43
C LEU A 73 2.37 1.65 -2.12
N PHE A 74 3.16 2.39 -1.34
CA PHE A 74 2.80 3.76 -0.99
C PHE A 74 2.33 4.54 -2.21
N GLU A 75 3.03 4.36 -3.33
CA GLU A 75 2.69 5.05 -4.57
C GLU A 75 1.40 4.48 -5.16
N ALA A 76 1.11 3.23 -4.83
CA ALA A 76 -0.10 2.57 -5.33
C ALA A 76 -1.35 3.37 -4.98
N VAL A 77 -1.45 3.78 -3.73
CA VAL A 77 -2.60 4.54 -3.26
C VAL A 77 -3.01 5.60 -4.29
N GLU A 78 -2.00 6.24 -4.89
CA GLU A 78 -2.26 7.27 -5.89
C GLU A 78 -2.35 6.67 -7.28
N GLU A 79 -1.75 5.49 -7.45
CA GLU A 79 -1.77 4.80 -8.74
C GLU A 79 -3.14 4.20 -9.02
N GLY A 80 -3.59 3.33 -8.13
CA GLY A 80 -4.89 2.69 -8.30
C GLY A 80 -6.04 3.68 -8.17
N ARG A 81 -5.93 4.59 -7.21
CA ARG A 81 -6.96 5.59 -6.97
C ARG A 81 -6.80 6.78 -7.92
N SER A 82 -5.70 7.51 -7.76
CA SER A 82 -5.42 8.67 -8.59
C SER A 82 -6.47 9.75 -8.37
N SER A 83 -6.11 10.78 -7.60
CA SER A 83 -7.01 11.87 -7.31
C SER A 83 -6.30 13.22 -7.48
N ARG A 84 -7.06 14.23 -7.91
CA ARG A 84 -6.52 15.56 -8.12
C ARG A 84 -5.96 16.14 -6.82
N HIS A 85 -4.65 16.35 -6.78
CA HIS A 85 -4.01 16.90 -5.59
C HIS A 85 -4.41 18.35 -5.37
N SER A 86 -4.57 18.73 -4.11
CA SER A 86 -4.98 20.09 -3.76
C SER A 86 -3.98 21.10 -4.31
N SER A 87 -4.44 21.97 -5.19
CA SER A 87 -3.59 22.99 -5.80
C SER A 87 -2.49 22.34 -6.65
N GLY A 88 -2.42 22.74 -7.91
CA GLY A 88 -1.43 22.19 -8.81
C GLY A 88 -0.10 22.92 -8.70
N PRO A 89 0.77 22.72 -9.71
CA PRO A 89 2.09 23.36 -9.75
C PRO A 89 2.01 24.86 -10.01
N SER A 90 2.80 25.62 -9.27
CA SER A 90 2.81 27.08 -9.40
C SER A 90 3.78 27.71 -8.43
N SER A 91 4.75 28.44 -8.97
CA SER A 91 5.77 29.10 -8.14
C SER A 91 6.33 30.33 -8.85
N GLY A 92 7.04 31.16 -8.10
CA GLY A 92 7.63 32.35 -8.67
C GLY A 92 8.34 33.20 -7.64
N GLY A 1 -9.76 17.26 -0.37
CA GLY A 1 -9.21 16.78 0.88
C GLY A 1 -7.76 17.17 1.07
N SER A 2 -6.86 16.22 0.84
CA SER A 2 -5.43 16.47 0.99
C SER A 2 -5.12 17.06 2.36
N SER A 3 -5.77 16.52 3.39
CA SER A 3 -5.56 16.99 4.75
C SER A 3 -6.14 16.01 5.77
N GLY A 4 -5.82 16.22 7.04
CA GLY A 4 -6.31 15.34 8.08
C GLY A 4 -5.69 15.64 9.44
N SER A 5 -5.30 14.60 10.15
CA SER A 5 -4.69 14.77 11.48
C SER A 5 -3.97 13.49 11.90
N SER A 6 -2.65 13.58 11.98
CA SER A 6 -1.84 12.43 12.38
C SER A 6 -2.44 11.12 11.87
N GLY A 7 -2.03 10.72 10.67
CA GLY A 7 -2.55 9.50 10.09
C GLY A 7 -3.88 9.71 9.37
N MET A 8 -4.09 8.95 8.31
CA MET A 8 -5.32 9.06 7.53
C MET A 8 -6.19 7.81 7.70
N ALA A 9 -5.56 6.64 7.62
CA ALA A 9 -6.27 5.38 7.78
C ALA A 9 -7.33 5.22 6.70
N LEU A 10 -7.24 4.12 5.95
CA LEU A 10 -8.20 3.84 4.88
C LEU A 10 -9.39 3.06 5.41
N SER A 11 -10.51 3.12 4.68
CA SER A 11 -11.72 2.42 5.08
C SER A 11 -11.71 0.98 4.58
N LYS A 12 -12.74 0.23 4.92
CA LYS A 12 -12.85 -1.16 4.50
C LYS A 12 -12.95 -1.28 2.98
N ARG A 13 -13.65 -0.32 2.37
CA ARG A 13 -13.81 -0.32 0.92
C ARG A 13 -12.53 0.15 0.23
N GLU A 14 -11.89 1.16 0.80
CA GLU A 14 -10.66 1.70 0.25
C GLU A 14 -9.58 0.62 0.15
N LEU A 15 -9.28 -0.01 1.28
CA LEU A 15 -8.27 -1.05 1.33
C LEU A 15 -8.66 -2.23 0.45
N ASP A 16 -9.95 -2.54 0.43
CA ASP A 16 -10.46 -3.64 -0.38
C ASP A 16 -10.04 -3.50 -1.84
N GLU A 17 -9.95 -2.25 -2.29
CA GLU A 17 -9.56 -1.96 -3.66
C GLU A 17 -8.07 -2.26 -3.88
N LEU A 18 -7.30 -2.18 -2.80
CA LEU A 18 -5.87 -2.44 -2.87
C LEU A 18 -5.58 -3.93 -2.86
N LYS A 19 -6.42 -4.68 -2.15
CA LYS A 19 -6.26 -6.13 -2.05
C LYS A 19 -5.86 -6.72 -3.39
N PRO A 20 -6.72 -6.53 -4.41
CA PRO A 20 -6.49 -7.04 -5.76
C PRO A 20 -5.36 -6.30 -6.46
N TRP A 21 -4.95 -5.17 -5.89
CA TRP A 21 -3.88 -4.36 -6.47
C TRP A 21 -2.52 -4.76 -5.89
N ILE A 22 -2.55 -5.34 -4.69
CA ILE A 22 -1.33 -5.78 -4.03
C ILE A 22 -1.03 -7.24 -4.33
N GLU A 23 -2.05 -8.08 -4.29
CA GLU A 23 -1.90 -9.50 -4.56
C GLU A 23 -1.18 -9.72 -5.89
N LYS A 24 -1.43 -8.84 -6.84
CA LYS A 24 -0.81 -8.93 -8.16
C LYS A 24 0.59 -8.34 -8.15
N THR A 25 0.72 -7.15 -7.56
CA THR A 25 2.01 -6.48 -7.48
C THR A 25 3.05 -7.37 -6.81
N VAL A 26 2.75 -7.80 -5.59
CA VAL A 26 3.66 -8.66 -4.83
C VAL A 26 4.22 -9.78 -5.72
N LYS A 27 3.35 -10.35 -6.55
CA LYS A 27 3.76 -11.43 -7.43
C LYS A 27 4.86 -10.97 -8.39
N ARG A 28 4.80 -9.70 -8.78
CA ARG A 28 5.80 -9.13 -9.68
C ARG A 28 7.09 -8.81 -8.94
N VAL A 29 6.95 -8.18 -7.78
CA VAL A 29 8.11 -7.81 -6.97
C VAL A 29 8.91 -9.04 -6.57
N LEU A 30 8.22 -10.06 -6.07
CA LEU A 30 8.86 -11.29 -5.64
C LEU A 30 8.96 -12.29 -6.80
N GLY A 31 7.97 -12.24 -7.69
CA GLY A 31 7.95 -13.14 -8.83
C GLY A 31 7.11 -14.37 -8.59
N PHE A 32 6.63 -14.54 -7.35
CA PHE A 32 5.81 -15.69 -6.99
C PHE A 32 4.54 -15.24 -6.26
N SER A 33 4.65 -14.14 -5.52
CA SER A 33 3.51 -13.61 -4.78
C SER A 33 3.36 -14.34 -3.44
N GLU A 34 3.50 -13.61 -2.34
CA GLU A 34 3.37 -14.19 -1.01
C GLU A 34 2.15 -13.63 -0.30
N PRO A 35 1.38 -14.52 0.35
CA PRO A 35 0.17 -14.14 1.07
C PRO A 35 0.49 -13.36 2.35
N THR A 36 1.56 -13.75 3.02
CA THR A 36 1.97 -13.09 4.26
C THR A 36 2.38 -11.64 3.99
N VAL A 37 2.92 -11.40 2.80
CA VAL A 37 3.35 -10.05 2.42
C VAL A 37 2.16 -9.16 2.11
N VAL A 38 1.21 -9.69 1.35
CA VAL A 38 0.01 -8.94 0.97
C VAL A 38 -0.64 -8.30 2.20
N THR A 39 -0.69 -9.06 3.29
CA THR A 39 -1.29 -8.57 4.52
C THR A 39 -0.44 -7.46 5.14
N ALA A 40 0.81 -7.79 5.45
CA ALA A 40 1.73 -6.83 6.05
C ALA A 40 1.64 -5.48 5.35
N ALA A 41 1.32 -5.51 4.06
CA ALA A 41 1.20 -4.29 3.27
C ALA A 41 -0.14 -3.61 3.50
N LEU A 42 -1.22 -4.35 3.30
CA LEU A 42 -2.56 -3.81 3.50
C LEU A 42 -2.68 -3.10 4.84
N ASN A 43 -2.04 -3.65 5.86
CA ASN A 43 -2.06 -3.06 7.19
C ASN A 43 -1.27 -1.75 7.23
N CYS A 44 -0.10 -1.76 6.60
CA CYS A 44 0.75 -0.57 6.56
C CYS A 44 -0.04 0.64 6.10
N VAL A 45 -0.45 0.63 4.83
CA VAL A 45 -1.21 1.73 4.26
C VAL A 45 -2.48 1.99 5.06
N GLY A 46 -3.08 0.92 5.58
CA GLY A 46 -4.29 1.05 6.36
C GLY A 46 -4.06 1.77 7.67
N LYS A 47 -2.89 1.57 8.25
CA LYS A 47 -2.54 2.20 9.53
C LYS A 47 -1.78 3.50 9.30
N GLY A 48 -1.94 4.08 8.11
CA GLY A 48 -1.27 5.32 7.79
C GLY A 48 0.23 5.25 8.03
N MET A 49 0.75 4.03 8.15
CA MET A 49 2.17 3.83 8.37
C MET A 49 3.00 4.68 7.42
N ASP A 50 4.29 4.81 7.71
CA ASP A 50 5.20 5.59 6.87
C ASP A 50 6.23 4.69 6.21
N LYS A 51 6.79 5.17 5.11
CA LYS A 51 7.79 4.40 4.37
C LYS A 51 8.79 3.75 5.33
N LYS A 52 9.19 4.49 6.36
CA LYS A 52 10.14 3.98 7.35
C LYS A 52 9.56 2.76 8.07
N LYS A 53 8.46 2.96 8.78
CA LYS A 53 7.80 1.88 9.51
C LYS A 53 7.43 0.74 8.56
N ALA A 54 6.59 1.04 7.58
CA ALA A 54 6.16 0.05 6.62
C ALA A 54 7.31 -0.87 6.22
N ALA A 55 8.39 -0.26 5.73
CA ALA A 55 9.57 -1.01 5.31
C ALA A 55 10.04 -1.96 6.42
N ASP A 56 10.10 -1.43 7.64
CA ASP A 56 10.55 -2.22 8.79
C ASP A 56 9.57 -3.36 9.07
N HIS A 57 8.29 -3.10 8.86
CA HIS A 57 7.26 -4.11 9.09
C HIS A 57 7.30 -5.19 8.02
N LEU A 58 7.69 -4.80 6.81
CA LEU A 58 7.79 -5.75 5.70
C LEU A 58 9.17 -6.36 5.62
N LYS A 59 10.12 -5.76 6.33
CA LYS A 59 11.49 -6.26 6.34
C LYS A 59 11.54 -7.77 6.48
N PRO A 60 10.97 -8.28 7.59
CA PRO A 60 10.92 -9.72 7.87
C PRO A 60 9.97 -10.45 6.93
N PHE A 61 9.26 -9.70 6.10
CA PHE A 61 8.31 -10.29 5.16
C PHE A 61 8.87 -10.22 3.73
N LEU A 62 9.86 -9.36 3.52
CA LEU A 62 10.47 -9.21 2.21
C LEU A 62 11.99 -9.14 2.32
N ASP A 63 12.47 -8.28 3.21
CA ASP A 63 13.90 -8.11 3.42
C ASP A 63 14.58 -7.62 2.14
N ASP A 64 14.78 -8.53 1.20
CA ASP A 64 15.42 -8.18 -0.07
C ASP A 64 14.46 -7.45 -0.99
N SER A 65 13.17 -7.55 -0.68
CA SER A 65 12.14 -6.89 -1.48
C SER A 65 11.31 -5.93 -0.63
N THR A 66 11.98 -5.30 0.33
CA THR A 66 11.31 -4.35 1.21
C THR A 66 11.38 -2.93 0.66
N LEU A 67 12.57 -2.32 0.78
CA LEU A 67 12.77 -0.96 0.29
C LEU A 67 12.24 -0.80 -1.13
N ARG A 68 12.20 -1.91 -1.87
CA ARG A 68 11.71 -1.90 -3.24
C ARG A 68 10.19 -2.05 -3.28
N PHE A 69 9.68 -2.97 -2.47
CA PHE A 69 8.24 -3.22 -2.41
C PHE A 69 7.50 -2.00 -1.86
N VAL A 70 7.75 -1.69 -0.60
CA VAL A 70 7.10 -0.54 0.04
C VAL A 70 7.13 0.68 -0.87
N ASP A 71 8.19 0.82 -1.65
CA ASP A 71 8.34 1.93 -2.57
C ASP A 71 7.14 2.01 -3.52
N LYS A 72 6.79 0.88 -4.11
CA LYS A 72 5.67 0.82 -5.04
C LYS A 72 4.34 0.89 -4.30
N LEU A 73 4.26 0.19 -3.17
CA LEU A 73 3.04 0.16 -2.37
C LEU A 73 2.53 1.58 -2.12
N PHE A 74 3.29 2.34 -1.32
CA PHE A 74 2.91 3.72 -1.00
C PHE A 74 2.45 4.45 -2.26
N GLU A 75 3.21 4.31 -3.34
CA GLU A 75 2.88 4.97 -4.59
C GLU A 75 1.57 4.44 -5.15
N ALA A 76 1.25 3.19 -4.83
CA ALA A 76 0.02 2.56 -5.30
C ALA A 76 -1.21 3.40 -4.95
N VAL A 77 -1.27 3.81 -3.69
CA VAL A 77 -2.39 4.63 -3.21
C VAL A 77 -2.79 5.67 -4.25
N GLU A 78 -1.78 6.26 -4.91
CA GLU A 78 -2.03 7.28 -5.92
C GLU A 78 -2.17 6.64 -7.29
N GLU A 79 -1.62 5.44 -7.45
CA GLU A 79 -1.69 4.74 -8.72
C GLU A 79 -3.09 4.15 -8.95
N GLY A 80 -3.53 3.32 -8.01
CA GLY A 80 -4.84 2.71 -8.13
C GLY A 80 -5.96 3.72 -7.99
N ARG A 81 -5.77 4.71 -7.12
CA ARG A 81 -6.77 5.74 -6.89
C ARG A 81 -6.60 6.89 -7.89
N SER A 82 -5.43 7.49 -7.90
CA SER A 82 -5.15 8.61 -8.79
C SER A 82 -6.11 9.77 -8.54
N SER A 83 -5.60 10.98 -8.69
CA SER A 83 -6.40 12.18 -8.48
C SER A 83 -6.49 13.01 -9.75
N ARG A 84 -7.63 13.68 -9.94
CA ARG A 84 -7.83 14.51 -11.12
C ARG A 84 -6.81 15.64 -11.18
N HIS A 85 -6.57 16.28 -10.03
CA HIS A 85 -5.62 17.37 -9.95
C HIS A 85 -4.40 17.10 -10.84
N SER A 86 -3.78 15.94 -10.64
CA SER A 86 -2.60 15.56 -11.41
C SER A 86 -3.01 14.94 -12.74
N SER A 87 -2.37 15.39 -13.82
CA SER A 87 -2.65 14.88 -15.16
C SER A 87 -1.40 14.34 -15.82
N GLY A 88 -0.52 13.75 -15.01
CA GLY A 88 0.71 13.19 -15.53
C GLY A 88 0.49 11.90 -16.29
N PRO A 89 1.59 11.32 -16.82
CA PRO A 89 1.53 10.06 -17.57
C PRO A 89 1.18 8.87 -16.69
N SER A 90 -0.07 8.42 -16.79
CA SER A 90 -0.53 7.28 -15.99
C SER A 90 -1.90 6.80 -16.47
N SER A 91 -2.07 6.75 -17.79
CA SER A 91 -3.33 6.32 -18.38
C SER A 91 -3.94 5.18 -17.57
N GLY A 92 -3.15 4.15 -17.31
CA GLY A 92 -3.62 3.01 -16.56
C GLY A 92 -3.49 1.71 -17.32
N GLY A 1 -10.31 15.32 5.26
CA GLY A 1 -9.57 16.53 4.93
C GLY A 1 -8.08 16.39 5.20
N SER A 2 -7.28 16.48 4.14
CA SER A 2 -5.83 16.36 4.27
C SER A 2 -5.16 17.73 4.16
N SER A 3 -4.17 17.96 5.02
CA SER A 3 -3.45 19.24 5.00
C SER A 3 -2.04 19.05 4.46
N GLY A 4 -1.35 18.02 4.94
CA GLY A 4 0.00 17.76 4.49
C GLY A 4 0.39 16.30 4.64
N SER A 5 -0.53 15.40 4.30
CA SER A 5 -0.28 13.97 4.41
C SER A 5 0.04 13.58 5.85
N SER A 6 -0.92 12.92 6.50
CA SER A 6 -0.75 12.50 7.88
C SER A 6 -1.93 11.65 8.34
N GLY A 7 -1.65 10.42 8.75
CA GLY A 7 -2.70 9.53 9.21
C GLY A 7 -3.92 9.56 8.30
N MET A 8 -3.76 9.10 7.07
CA MET A 8 -4.85 9.08 6.10
C MET A 8 -5.90 8.04 6.50
N ALA A 9 -5.46 6.79 6.62
CA ALA A 9 -6.35 5.71 6.99
C ALA A 9 -7.39 5.45 5.89
N LEU A 10 -7.45 4.21 5.42
CA LEU A 10 -8.38 3.82 4.37
C LEU A 10 -9.50 2.96 4.93
N SER A 11 -10.65 2.99 4.26
CA SER A 11 -11.80 2.20 4.69
C SER A 11 -11.78 0.81 4.06
N LYS A 12 -12.74 -0.02 4.46
CA LYS A 12 -12.83 -1.38 3.94
C LYS A 12 -13.02 -1.36 2.43
N ARG A 13 -13.81 -0.41 1.94
CA ARG A 13 -14.08 -0.28 0.52
C ARG A 13 -12.86 0.25 -0.22
N GLU A 14 -12.12 1.14 0.43
CA GLU A 14 -10.93 1.73 -0.16
C GLU A 14 -9.82 0.70 -0.32
N LEU A 15 -9.50 0.02 0.79
CA LEU A 15 -8.45 -1.00 0.78
C LEU A 15 -8.85 -2.17 -0.10
N ASP A 16 -10.13 -2.52 -0.07
CA ASP A 16 -10.64 -3.64 -0.88
C ASP A 16 -10.15 -3.52 -2.32
N GLU A 17 -10.07 -2.29 -2.82
CA GLU A 17 -9.63 -2.05 -4.19
C GLU A 17 -8.13 -2.32 -4.33
N LEU A 18 -7.40 -2.14 -3.23
CA LEU A 18 -5.95 -2.36 -3.22
C LEU A 18 -5.64 -3.85 -3.16
N LYS A 19 -6.46 -4.60 -2.44
CA LYS A 19 -6.26 -6.03 -2.30
C LYS A 19 -5.81 -6.66 -3.62
N PRO A 20 -6.65 -6.53 -4.65
CA PRO A 20 -6.37 -7.07 -5.98
C PRO A 20 -5.25 -6.31 -6.69
N TRP A 21 -4.87 -5.17 -6.13
CA TRP A 21 -3.81 -4.34 -6.71
C TRP A 21 -2.46 -4.70 -6.09
N ILE A 22 -2.49 -5.23 -4.86
CA ILE A 22 -1.27 -5.61 -4.17
C ILE A 22 -0.94 -7.08 -4.40
N GLU A 23 -1.99 -7.91 -4.48
CA GLU A 23 -1.81 -9.34 -4.71
C GLU A 23 -1.13 -9.61 -6.05
N LYS A 24 -1.34 -8.70 -7.00
CA LYS A 24 -0.74 -8.83 -8.32
C LYS A 24 0.64 -8.19 -8.36
N THR A 25 0.82 -7.12 -7.60
CA THR A 25 2.10 -6.41 -7.55
C THR A 25 3.15 -7.24 -6.84
N VAL A 26 2.78 -7.77 -5.67
CA VAL A 26 3.71 -8.58 -4.88
C VAL A 26 4.23 -9.76 -5.69
N LYS A 27 3.38 -10.30 -6.55
CA LYS A 27 3.76 -11.43 -7.39
C LYS A 27 4.83 -11.03 -8.39
N ARG A 28 4.84 -9.76 -8.77
CA ARG A 28 5.83 -9.25 -9.72
C ARG A 28 7.15 -8.97 -9.03
N VAL A 29 7.10 -8.24 -7.92
CA VAL A 29 8.31 -7.91 -7.17
C VAL A 29 9.05 -9.17 -6.73
N LEU A 30 8.31 -10.10 -6.14
CA LEU A 30 8.90 -11.36 -5.68
C LEU A 30 8.92 -12.40 -6.80
N GLY A 31 7.95 -12.30 -7.71
CA GLY A 31 7.88 -13.24 -8.82
C GLY A 31 7.02 -14.45 -8.50
N PHE A 32 6.58 -14.55 -7.25
CA PHE A 32 5.76 -15.67 -6.83
C PHE A 32 4.53 -15.17 -6.07
N SER A 33 4.67 -14.06 -5.37
CA SER A 33 3.57 -13.48 -4.61
C SER A 33 3.42 -14.17 -3.26
N GLU A 34 3.45 -13.40 -2.19
CA GLU A 34 3.32 -13.93 -0.84
C GLU A 34 2.07 -13.39 -0.16
N PRO A 35 1.34 -14.28 0.52
CA PRO A 35 0.11 -13.91 1.24
C PRO A 35 0.39 -13.05 2.47
N THR A 36 1.38 -13.45 3.26
CA THR A 36 1.75 -12.72 4.46
C THR A 36 2.20 -11.30 4.13
N VAL A 37 2.70 -11.12 2.91
CA VAL A 37 3.18 -9.81 2.47
C VAL A 37 2.00 -8.91 2.07
N VAL A 38 1.07 -9.46 1.29
CA VAL A 38 -0.10 -8.71 0.85
C VAL A 38 -0.76 -8.00 2.02
N THR A 39 -0.86 -8.68 3.15
CA THR A 39 -1.48 -8.12 4.34
C THR A 39 -0.59 -7.05 4.97
N ALA A 40 0.65 -7.42 5.26
CA ALA A 40 1.60 -6.50 5.87
C ALA A 40 1.57 -5.14 5.17
N ALA A 41 1.13 -5.15 3.91
CA ALA A 41 1.05 -3.92 3.12
C ALA A 41 -0.28 -3.21 3.34
N LEU A 42 -1.37 -3.96 3.19
CA LEU A 42 -2.71 -3.41 3.38
C LEU A 42 -2.83 -2.70 4.72
N ASN A 43 -2.18 -3.27 5.74
CA ASN A 43 -2.22 -2.69 7.08
C ASN A 43 -1.41 -1.41 7.14
N CYS A 44 -0.23 -1.43 6.51
CA CYS A 44 0.64 -0.26 6.50
C CYS A 44 -0.11 0.98 6.03
N VAL A 45 -0.42 1.03 4.74
CA VAL A 45 -1.14 2.16 4.16
C VAL A 45 -2.40 2.47 4.95
N GLY A 46 -3.07 1.42 5.42
CA GLY A 46 -4.29 1.59 6.19
C GLY A 46 -4.02 2.25 7.54
N LYS A 47 -2.88 1.94 8.13
CA LYS A 47 -2.51 2.51 9.43
C LYS A 47 -1.68 3.77 9.26
N GLY A 48 -1.76 4.37 8.08
CA GLY A 48 -0.99 5.58 7.81
C GLY A 48 0.49 5.40 8.08
N MET A 49 0.93 4.15 8.20
CA MET A 49 2.32 3.85 8.46
C MET A 49 3.23 4.69 7.57
N ASP A 50 4.52 4.70 7.88
CA ASP A 50 5.50 5.47 7.12
C ASP A 50 6.50 4.54 6.44
N LYS A 51 7.02 4.98 5.29
CA LYS A 51 7.98 4.19 4.53
C LYS A 51 8.98 3.53 5.47
N LYS A 52 9.40 4.25 6.50
CA LYS A 52 10.35 3.74 7.47
C LYS A 52 9.76 2.57 8.26
N LYS A 53 8.67 2.84 8.98
CA LYS A 53 8.00 1.82 9.76
C LYS A 53 7.65 0.60 8.91
N ALA A 54 6.80 0.81 7.91
CA ALA A 54 6.38 -0.26 7.02
C ALA A 54 7.53 -1.22 6.75
N ALA A 55 8.64 -0.69 6.24
CA ALA A 55 9.81 -1.52 5.93
C ALA A 55 10.07 -2.53 7.04
N ASP A 56 10.15 -2.04 8.28
CA ASP A 56 10.40 -2.89 9.43
C ASP A 56 9.38 -4.03 9.48
N HIS A 57 8.15 -3.75 9.03
CA HIS A 57 7.10 -4.75 9.02
C HIS A 57 7.21 -5.67 7.82
N LEU A 58 7.82 -5.16 6.75
CA LEU A 58 7.99 -5.95 5.53
C LEU A 58 9.41 -6.51 5.45
N LYS A 59 10.19 -6.30 6.50
CA LYS A 59 11.56 -6.79 6.56
C LYS A 59 11.58 -8.32 6.56
N PRO A 60 10.92 -8.92 7.55
CA PRO A 60 10.85 -10.38 7.69
C PRO A 60 10.00 -11.02 6.60
N PHE A 61 9.37 -10.19 5.77
CA PHE A 61 8.53 -10.68 4.69
C PHE A 61 9.19 -10.43 3.34
N LEU A 62 10.02 -9.39 3.27
CA LEU A 62 10.71 -9.05 2.03
C LEU A 62 12.20 -8.85 2.28
N ASP A 63 12.53 -7.99 3.25
CA ASP A 63 13.91 -7.71 3.58
C ASP A 63 14.67 -7.16 2.38
N ASP A 64 15.15 -8.07 1.53
CA ASP A 64 15.89 -7.68 0.33
C ASP A 64 14.95 -7.07 -0.71
N SER A 65 13.65 -7.25 -0.52
CA SER A 65 12.66 -6.73 -1.44
C SER A 65 11.69 -5.79 -0.72
N THR A 66 12.18 -5.11 0.31
CA THR A 66 11.36 -4.19 1.09
C THR A 66 11.42 -2.78 0.50
N LEU A 67 12.55 -2.12 0.70
CA LEU A 67 12.74 -0.76 0.20
C LEU A 67 12.27 -0.65 -1.25
N ARG A 68 12.35 -1.75 -1.98
CA ARG A 68 11.94 -1.77 -3.37
C ARG A 68 10.43 -1.97 -3.48
N PHE A 69 9.89 -2.82 -2.63
CA PHE A 69 8.45 -3.10 -2.63
C PHE A 69 7.67 -1.95 -2.00
N VAL A 70 7.86 -1.76 -0.70
CA VAL A 70 7.17 -0.69 0.02
C VAL A 70 7.12 0.58 -0.81
N ASP A 71 8.11 0.76 -1.69
CA ASP A 71 8.16 1.94 -2.54
C ASP A 71 6.96 1.98 -3.48
N LYS A 72 6.66 0.85 -4.11
CA LYS A 72 5.54 0.76 -5.02
C LYS A 72 4.21 0.88 -4.29
N LEU A 73 4.07 0.12 -3.21
CA LEU A 73 2.85 0.15 -2.42
C LEU A 73 2.37 1.59 -2.20
N PHE A 74 3.14 2.36 -1.46
CA PHE A 74 2.80 3.76 -1.18
C PHE A 74 2.24 4.43 -2.42
N GLU A 75 3.03 4.45 -3.50
CA GLU A 75 2.61 5.07 -4.74
C GLU A 75 1.34 4.42 -5.27
N ALA A 76 1.13 3.16 -4.90
CA ALA A 76 -0.05 2.42 -5.34
C ALA A 76 -1.33 3.11 -4.88
N VAL A 77 -1.33 3.59 -3.65
CA VAL A 77 -2.50 4.28 -3.09
C VAL A 77 -3.16 5.16 -4.14
N GLU A 78 -2.34 5.89 -4.90
CA GLU A 78 -2.86 6.78 -5.93
C GLU A 78 -3.06 6.02 -7.24
N GLU A 79 -2.35 4.91 -7.40
CA GLU A 79 -2.46 4.11 -8.61
C GLU A 79 -3.76 3.29 -8.61
N GLY A 80 -3.90 2.43 -7.62
CA GLY A 80 -5.10 1.61 -7.51
C GLY A 80 -6.35 2.43 -7.29
N ARG A 81 -6.24 3.47 -6.48
CA ARG A 81 -7.37 4.34 -6.19
C ARG A 81 -7.49 5.45 -7.22
N SER A 82 -6.46 6.29 -7.32
CA SER A 82 -6.44 7.39 -8.27
C SER A 82 -7.80 8.11 -8.28
N SER A 83 -7.89 9.18 -7.49
CA SER A 83 -9.12 9.95 -7.41
C SER A 83 -8.85 11.44 -7.62
N ARG A 84 -8.97 11.89 -8.87
CA ARG A 84 -8.74 13.28 -9.21
C ARG A 84 -9.27 13.60 -10.61
N HIS A 85 -8.72 12.93 -11.62
CA HIS A 85 -9.14 13.13 -13.00
C HIS A 85 -9.36 11.80 -13.70
N SER A 86 -9.96 11.86 -14.89
CA SER A 86 -10.23 10.65 -15.67
C SER A 86 -10.34 10.98 -17.15
N SER A 87 -11.26 11.88 -17.49
CA SER A 87 -11.47 12.27 -18.88
C SER A 87 -11.47 11.06 -19.79
N GLY A 88 -12.66 10.50 -20.02
CA GLY A 88 -12.78 9.33 -20.88
C GLY A 88 -13.63 8.24 -20.26
N PRO A 89 -14.34 7.48 -21.10
CA PRO A 89 -15.19 6.39 -20.65
C PRO A 89 -14.40 5.20 -20.12
N SER A 90 -13.19 5.04 -20.63
CA SER A 90 -12.32 3.94 -20.19
C SER A 90 -11.84 4.15 -18.76
N SER A 91 -11.98 3.11 -17.94
CA SER A 91 -11.57 3.19 -16.54
C SER A 91 -11.74 1.84 -15.85
N GLY A 92 -11.46 0.77 -16.59
CA GLY A 92 -11.59 -0.57 -16.02
C GLY A 92 -10.34 -1.02 -15.31
N GLY A 1 -9.78 21.28 1.63
CA GLY A 1 -8.66 21.49 0.72
C GLY A 1 -7.33 21.16 1.36
N SER A 2 -7.20 19.93 1.87
CA SER A 2 -5.98 19.50 2.51
C SER A 2 -5.73 20.28 3.81
N SER A 3 -4.96 19.70 4.71
CA SER A 3 -4.65 20.34 5.98
C SER A 3 -3.33 19.82 6.54
N GLY A 4 -3.20 18.50 6.63
CA GLY A 4 -1.98 17.91 7.15
C GLY A 4 -2.18 17.31 8.53
N SER A 5 -2.22 15.98 8.59
CA SER A 5 -2.40 15.28 9.86
C SER A 5 -1.63 13.96 9.87
N SER A 6 -1.28 13.50 11.07
CA SER A 6 -0.54 12.26 11.21
C SER A 6 -1.35 11.07 10.71
N GLY A 7 -0.72 10.23 9.90
CA GLY A 7 -1.41 9.07 9.34
C GLY A 7 -2.54 9.45 8.43
N MET A 8 -3.29 8.45 7.96
CA MET A 8 -4.42 8.69 7.07
C MET A 8 -5.55 7.70 7.34
N ALA A 9 -5.21 6.41 7.32
CA ALA A 9 -6.19 5.36 7.56
C ALA A 9 -7.21 5.29 6.42
N LEU A 10 -7.19 4.19 5.69
CA LEU A 10 -8.11 3.99 4.57
C LEU A 10 -9.38 3.26 5.03
N SER A 11 -10.49 3.56 4.37
CA SER A 11 -11.77 2.93 4.71
C SER A 11 -11.80 1.48 4.22
N LYS A 12 -12.70 0.70 4.80
CA LYS A 12 -12.84 -0.70 4.44
C LYS A 12 -12.95 -0.86 2.92
N ARG A 13 -13.65 0.07 2.29
CA ARG A 13 -13.83 0.04 0.85
C ARG A 13 -12.57 0.49 0.12
N GLU A 14 -11.79 1.36 0.78
CA GLU A 14 -10.56 1.88 0.20
C GLU A 14 -9.52 0.77 0.06
N LEU A 15 -9.27 0.05 1.16
CA LEU A 15 -8.30 -1.03 1.15
C LEU A 15 -8.77 -2.19 0.28
N ASP A 16 -10.08 -2.33 0.17
CA ASP A 16 -10.67 -3.40 -0.64
C ASP A 16 -10.19 -3.30 -2.09
N GLU A 17 -10.04 -2.07 -2.58
CA GLU A 17 -9.60 -1.84 -3.94
C GLU A 17 -8.10 -2.09 -4.07
N LEU A 18 -7.39 -2.02 -2.95
CA LEU A 18 -5.95 -2.24 -2.95
C LEU A 18 -5.63 -3.73 -2.88
N LYS A 19 -6.43 -4.48 -2.14
CA LYS A 19 -6.23 -5.92 -2.00
C LYS A 19 -5.83 -6.54 -3.32
N PRO A 20 -6.70 -6.39 -4.33
CA PRO A 20 -6.45 -6.94 -5.68
C PRO A 20 -5.33 -6.21 -6.41
N TRP A 21 -4.94 -5.05 -5.88
CA TRP A 21 -3.88 -4.26 -6.47
C TRP A 21 -2.52 -4.65 -5.89
N ILE A 22 -2.52 -5.14 -4.66
CA ILE A 22 -1.29 -5.57 -4.01
C ILE A 22 -0.97 -7.02 -4.31
N GLU A 23 -1.99 -7.87 -4.27
CA GLU A 23 -1.81 -9.29 -4.55
C GLU A 23 -1.12 -9.50 -5.89
N LYS A 24 -1.42 -8.64 -6.85
CA LYS A 24 -0.82 -8.72 -8.17
C LYS A 24 0.60 -8.17 -8.17
N THR A 25 0.80 -7.07 -7.46
CA THR A 25 2.11 -6.44 -7.36
C THR A 25 3.12 -7.36 -6.68
N VAL A 26 2.77 -7.82 -5.49
CA VAL A 26 3.64 -8.71 -4.73
C VAL A 26 4.15 -9.86 -5.60
N LYS A 27 3.32 -10.29 -6.54
CA LYS A 27 3.68 -11.37 -7.45
C LYS A 27 4.77 -10.94 -8.42
N ARG A 28 4.72 -9.66 -8.80
CA ARG A 28 5.71 -9.11 -9.72
C ARG A 28 7.02 -8.79 -9.02
N VAL A 29 6.91 -8.21 -7.83
CA VAL A 29 8.09 -7.85 -7.04
C VAL A 29 8.88 -9.10 -6.65
N LEU A 30 8.19 -10.07 -6.08
CA LEU A 30 8.83 -11.32 -5.66
C LEU A 30 8.86 -12.33 -6.80
N GLY A 31 7.88 -12.24 -7.70
CA GLY A 31 7.82 -13.15 -8.82
C GLY A 31 6.94 -14.35 -8.54
N PHE A 32 6.69 -14.62 -7.28
CA PHE A 32 5.86 -15.76 -6.87
C PHE A 32 4.60 -15.28 -6.16
N SER A 33 4.71 -14.15 -5.47
CA SER A 33 3.59 -13.59 -4.74
C SER A 33 3.41 -14.28 -3.39
N GLU A 34 3.75 -13.57 -2.32
CA GLU A 34 3.63 -14.13 -0.97
C GLU A 34 2.35 -13.65 -0.30
N PRO A 35 1.63 -14.58 0.34
CA PRO A 35 0.38 -14.28 1.03
C PRO A 35 0.60 -13.46 2.30
N THR A 36 1.58 -13.87 3.10
CA THR A 36 1.89 -13.16 4.34
C THR A 36 2.29 -11.71 4.06
N VAL A 37 2.87 -11.48 2.90
CA VAL A 37 3.30 -10.13 2.51
C VAL A 37 2.10 -9.25 2.17
N VAL A 38 1.19 -9.78 1.37
CA VAL A 38 -0.01 -9.05 0.97
C VAL A 38 -0.65 -8.37 2.17
N THR A 39 -0.81 -9.11 3.26
CA THR A 39 -1.41 -8.58 4.47
C THR A 39 -0.52 -7.51 5.11
N ALA A 40 0.69 -7.91 5.47
CA ALA A 40 1.64 -6.99 6.09
C ALA A 40 1.63 -5.63 5.38
N ALA A 41 1.30 -5.63 4.10
CA ALA A 41 1.25 -4.40 3.32
C ALA A 41 -0.05 -3.66 3.56
N LEU A 42 -1.17 -4.37 3.43
CA LEU A 42 -2.48 -3.77 3.63
C LEU A 42 -2.55 -3.05 4.97
N ASN A 43 -1.89 -3.61 5.98
CA ASN A 43 -1.87 -3.01 7.30
C ASN A 43 -1.05 -1.72 7.31
N CYS A 44 0.11 -1.75 6.67
CA CYS A 44 0.98 -0.59 6.60
C CYS A 44 0.21 0.64 6.13
N VAL A 45 -0.28 0.59 4.89
CA VAL A 45 -1.04 1.71 4.33
C VAL A 45 -2.28 2.00 5.15
N GLY A 46 -2.93 0.94 5.63
CA GLY A 46 -4.13 1.10 6.42
C GLY A 46 -3.87 1.81 7.73
N LYS A 47 -2.68 1.61 8.28
CA LYS A 47 -2.31 2.24 9.54
C LYS A 47 -1.54 3.54 9.30
N GLY A 48 -1.73 4.13 8.12
CA GLY A 48 -1.05 5.35 7.79
C GLY A 48 0.45 5.28 8.02
N MET A 49 0.96 4.05 8.16
CA MET A 49 2.39 3.85 8.38
C MET A 49 3.22 4.64 7.39
N ASP A 50 4.45 4.95 7.77
CA ASP A 50 5.35 5.71 6.91
C ASP A 50 6.36 4.79 6.24
N LYS A 51 6.79 5.18 5.04
CA LYS A 51 7.76 4.39 4.29
C LYS A 51 8.83 3.82 5.21
N LYS A 52 9.24 4.62 6.20
CA LYS A 52 10.26 4.18 7.15
C LYS A 52 9.75 3.06 8.03
N LYS A 53 8.53 3.21 8.53
CA LYS A 53 7.91 2.20 9.38
C LYS A 53 7.52 0.96 8.57
N ALA A 54 6.70 1.17 7.55
CA ALA A 54 6.26 0.08 6.68
C ALA A 54 7.40 -0.89 6.39
N ALA A 55 8.49 -0.36 5.84
CA ALA A 55 9.65 -1.18 5.51
C ALA A 55 9.93 -2.20 6.62
N ASP A 56 9.88 -1.73 7.86
CA ASP A 56 10.13 -2.60 9.01
C ASP A 56 9.08 -3.70 9.11
N HIS A 57 7.84 -3.35 8.75
CA HIS A 57 6.74 -4.31 8.80
C HIS A 57 6.90 -5.37 7.71
N LEU A 58 7.46 -4.96 6.58
CA LEU A 58 7.67 -5.88 5.46
C LEU A 58 9.11 -6.35 5.40
N LYS A 59 9.88 -6.01 6.43
CA LYS A 59 11.28 -6.41 6.49
C LYS A 59 11.42 -7.93 6.57
N PRO A 60 10.84 -8.52 7.63
CA PRO A 60 10.87 -9.97 7.85
C PRO A 60 10.04 -10.73 6.83
N PHE A 61 9.32 -10.00 5.99
CA PHE A 61 8.48 -10.60 4.97
C PHE A 61 9.11 -10.49 3.59
N LEU A 62 9.85 -9.40 3.37
CA LEU A 62 10.52 -9.17 2.09
C LEU A 62 12.02 -9.02 2.28
N ASP A 63 12.42 -8.19 3.24
CA ASP A 63 13.83 -7.97 3.53
C ASP A 63 14.55 -7.40 2.31
N ASP A 64 14.95 -8.29 1.41
CA ASP A 64 15.66 -7.89 0.20
C ASP A 64 14.71 -7.18 -0.77
N SER A 65 13.41 -7.31 -0.52
CA SER A 65 12.41 -6.68 -1.36
C SER A 65 11.47 -5.79 -0.54
N THR A 66 12.05 -5.12 0.46
CA THR A 66 11.28 -4.23 1.32
C THR A 66 11.24 -2.82 0.75
N LEU A 67 12.34 -2.10 0.88
CA LEU A 67 12.43 -0.73 0.39
C LEU A 67 11.91 -0.64 -1.05
N ARG A 68 12.20 -1.65 -1.85
CA ARG A 68 11.77 -1.68 -3.24
C ARG A 68 10.26 -1.91 -3.33
N PHE A 69 9.77 -2.86 -2.52
CA PHE A 69 8.34 -3.17 -2.51
C PHE A 69 7.53 -2.00 -1.98
N VAL A 70 7.62 -1.76 -0.67
CA VAL A 70 6.89 -0.67 -0.04
C VAL A 70 6.89 0.57 -0.92
N ASP A 71 7.96 0.76 -1.67
CA ASP A 71 8.09 1.90 -2.57
C ASP A 71 6.93 1.96 -3.55
N LYS A 72 6.62 0.81 -4.14
CA LYS A 72 5.52 0.72 -5.11
C LYS A 72 4.18 0.68 -4.40
N LEU A 73 4.17 0.17 -3.19
CA LEU A 73 2.95 0.06 -2.40
C LEU A 73 2.36 1.44 -2.11
N PHE A 74 3.07 2.22 -1.29
CA PHE A 74 2.64 3.55 -0.93
C PHE A 74 2.25 4.35 -2.17
N GLU A 75 3.03 4.18 -3.23
CA GLU A 75 2.77 4.89 -4.48
C GLU A 75 1.54 4.30 -5.20
N ALA A 76 1.22 3.06 -4.86
CA ALA A 76 0.07 2.39 -5.46
C ALA A 76 -1.23 3.13 -5.17
N VAL A 77 -1.44 3.46 -3.90
CA VAL A 77 -2.64 4.18 -3.48
C VAL A 77 -3.04 5.22 -4.53
N GLU A 78 -2.10 6.06 -4.91
CA GLU A 78 -2.36 7.10 -5.90
C GLU A 78 -2.24 6.54 -7.32
N GLU A 79 -1.61 5.38 -7.44
CA GLU A 79 -1.43 4.74 -8.74
C GLU A 79 -2.73 4.13 -9.23
N GLY A 80 -3.53 3.62 -8.29
CA GLY A 80 -4.79 3.01 -8.65
C GLY A 80 -5.96 3.98 -8.56
N ARG A 81 -5.97 4.78 -7.49
CA ARG A 81 -7.04 5.75 -7.29
C ARG A 81 -6.99 6.83 -8.37
N SER A 82 -5.79 7.11 -8.87
CA SER A 82 -5.62 8.13 -9.90
C SER A 82 -6.82 8.17 -10.85
N SER A 83 -7.66 9.19 -10.68
CA SER A 83 -8.84 9.35 -11.51
C SER A 83 -8.64 10.43 -12.56
N ARG A 84 -8.20 11.60 -12.11
CA ARG A 84 -7.96 12.73 -13.02
C ARG A 84 -6.70 13.49 -12.61
N HIS A 85 -6.27 14.40 -13.49
CA HIS A 85 -5.08 15.19 -13.22
C HIS A 85 -5.42 16.43 -12.40
N SER A 86 -6.38 17.21 -12.91
CA SER A 86 -6.80 18.44 -12.22
C SER A 86 -8.09 18.21 -11.44
N SER A 87 -7.95 17.92 -10.15
CA SER A 87 -9.11 17.67 -9.29
C SER A 87 -9.12 18.65 -8.11
N GLY A 88 -9.83 19.75 -8.27
CA GLY A 88 -9.92 20.74 -7.20
C GLY A 88 -9.30 22.07 -7.60
N PRO A 89 -9.65 23.13 -6.86
CA PRO A 89 -9.14 24.47 -7.12
C PRO A 89 -7.66 24.62 -6.78
N SER A 90 -6.83 24.69 -7.81
CA SER A 90 -5.39 24.81 -7.63
C SER A 90 -4.91 26.21 -8.03
N SER A 91 -5.68 27.22 -7.65
CA SER A 91 -5.34 28.60 -7.98
C SER A 91 -5.28 28.81 -9.49
N GLY A 92 -6.23 29.58 -10.01
CA GLY A 92 -6.27 29.85 -11.43
C GLY A 92 -7.48 30.67 -11.83
N GLY A 1 -4.99 23.45 15.05
CA GLY A 1 -4.27 22.25 14.66
C GLY A 1 -3.55 21.60 15.82
N SER A 2 -4.19 20.64 16.47
CA SER A 2 -3.59 19.96 17.61
C SER A 2 -4.31 18.63 17.88
N SER A 3 -3.59 17.53 17.74
CA SER A 3 -4.16 16.21 17.96
C SER A 3 -5.28 15.91 16.96
N GLY A 4 -5.59 14.64 16.77
CA GLY A 4 -6.63 14.25 15.85
C GLY A 4 -6.16 13.23 14.84
N SER A 5 -6.28 11.95 15.19
CA SER A 5 -5.85 10.87 14.31
C SER A 5 -4.32 10.81 14.21
N SER A 6 -3.81 9.68 13.74
CA SER A 6 -2.37 9.49 13.60
C SER A 6 -1.94 9.63 12.14
N GLY A 7 -2.86 9.32 11.23
CA GLY A 7 -2.56 9.40 9.81
C GLY A 7 -3.81 9.50 8.96
N MET A 8 -3.76 8.91 7.78
CA MET A 8 -4.90 8.94 6.87
C MET A 8 -5.86 7.80 7.16
N ALA A 9 -5.35 6.57 7.15
CA ALA A 9 -6.16 5.40 7.41
C ALA A 9 -7.24 5.23 6.36
N LEU A 10 -7.16 4.15 5.59
CA LEU A 10 -8.14 3.88 4.55
C LEU A 10 -9.33 3.10 5.11
N SER A 11 -10.47 3.20 4.41
CA SER A 11 -11.68 2.50 4.84
C SER A 11 -11.71 1.08 4.31
N LYS A 12 -12.53 0.24 4.93
CA LYS A 12 -12.66 -1.16 4.51
C LYS A 12 -12.80 -1.27 3.00
N ARG A 13 -13.63 -0.40 2.43
CA ARG A 13 -13.85 -0.40 0.99
C ARG A 13 -12.63 0.11 0.24
N GLU A 14 -12.02 1.18 0.76
CA GLU A 14 -10.84 1.77 0.15
C GLU A 14 -9.76 0.72 -0.07
N LEU A 15 -9.37 0.05 1.01
CA LEU A 15 -8.34 -0.98 0.95
C LEU A 15 -8.78 -2.14 0.05
N ASP A 16 -10.07 -2.45 0.09
CA ASP A 16 -10.63 -3.53 -0.72
C ASP A 16 -10.11 -3.45 -2.15
N GLU A 17 -10.00 -2.23 -2.67
CA GLU A 17 -9.52 -2.01 -4.03
C GLU A 17 -8.02 -2.29 -4.13
N LEU A 18 -7.31 -2.06 -3.04
CA LEU A 18 -5.86 -2.29 -3.02
C LEU A 18 -5.56 -3.78 -2.96
N LYS A 19 -6.36 -4.52 -2.20
CA LYS A 19 -6.17 -5.96 -2.07
C LYS A 19 -5.75 -6.58 -3.39
N PRO A 20 -6.61 -6.44 -4.41
CA PRO A 20 -6.35 -6.98 -5.75
C PRO A 20 -5.22 -6.24 -6.46
N TRP A 21 -4.88 -5.06 -5.96
CA TRP A 21 -3.82 -4.26 -6.54
C TRP A 21 -2.47 -4.62 -5.95
N ILE A 22 -2.49 -5.17 -4.74
CA ILE A 22 -1.26 -5.55 -4.05
C ILE A 22 -0.94 -7.03 -4.30
N GLU A 23 -1.98 -7.87 -4.31
CA GLU A 23 -1.81 -9.29 -4.53
C GLU A 23 -1.11 -9.56 -5.86
N LYS A 24 -1.38 -8.70 -6.84
CA LYS A 24 -0.78 -8.85 -8.16
C LYS A 24 0.63 -8.27 -8.17
N THR A 25 0.84 -7.18 -7.44
CA THR A 25 2.13 -6.53 -7.38
C THR A 25 3.16 -7.42 -6.68
N VAL A 26 2.86 -7.80 -5.44
CA VAL A 26 3.75 -8.65 -4.66
C VAL A 26 4.29 -9.80 -5.51
N LYS A 27 3.44 -10.33 -6.38
CA LYS A 27 3.83 -11.44 -7.25
C LYS A 27 4.88 -10.98 -8.27
N ARG A 28 4.77 -9.73 -8.71
CA ARG A 28 5.71 -9.18 -9.67
C ARG A 28 7.04 -8.86 -9.01
N VAL A 29 6.99 -8.22 -7.85
CA VAL A 29 8.20 -7.86 -7.12
C VAL A 29 9.00 -9.10 -6.74
N LEU A 30 8.34 -10.05 -6.10
CA LEU A 30 9.00 -11.30 -5.69
C LEU A 30 9.04 -12.29 -6.83
N GLY A 31 8.01 -12.27 -7.67
CA GLY A 31 7.95 -13.19 -8.80
C GLY A 31 7.11 -14.42 -8.50
N PHE A 32 6.88 -14.68 -7.22
CA PHE A 32 6.09 -15.84 -6.81
C PHE A 32 4.87 -15.41 -6.01
N SER A 33 4.94 -14.20 -5.44
CA SER A 33 3.84 -13.67 -4.64
C SER A 33 3.77 -14.36 -3.29
N GLU A 34 3.26 -13.65 -2.29
CA GLU A 34 3.14 -14.19 -0.94
C GLU A 34 1.93 -13.61 -0.22
N PRO A 35 1.18 -14.48 0.47
CA PRO A 35 -0.02 -14.06 1.21
C PRO A 35 0.32 -13.23 2.44
N THR A 36 1.29 -13.70 3.22
CA THR A 36 1.71 -12.99 4.42
C THR A 36 2.16 -11.56 4.09
N VAL A 37 2.82 -11.41 2.94
CA VAL A 37 3.31 -10.10 2.52
C VAL A 37 2.16 -9.18 2.15
N VAL A 38 1.21 -9.70 1.36
CA VAL A 38 0.05 -8.91 0.94
C VAL A 38 -0.59 -8.20 2.12
N THR A 39 -0.73 -8.91 3.23
CA THR A 39 -1.32 -8.35 4.43
C THR A 39 -0.42 -7.30 5.06
N ALA A 40 0.85 -7.66 5.26
CA ALA A 40 1.82 -6.74 5.85
C ALA A 40 1.78 -5.38 5.16
N ALA A 41 1.35 -5.38 3.89
CA ALA A 41 1.26 -4.15 3.12
C ALA A 41 -0.04 -3.42 3.40
N LEU A 42 -1.15 -4.13 3.29
CA LEU A 42 -2.47 -3.54 3.53
C LEU A 42 -2.52 -2.85 4.89
N ASN A 43 -1.85 -3.44 5.88
CA ASN A 43 -1.81 -2.88 7.22
C ASN A 43 -1.00 -1.59 7.26
N CYS A 44 0.12 -1.59 6.54
CA CYS A 44 0.98 -0.41 6.48
C CYS A 44 0.22 0.82 6.00
N VAL A 45 -0.30 0.74 4.78
CA VAL A 45 -1.06 1.84 4.20
C VAL A 45 -2.33 2.10 4.99
N GLY A 46 -2.86 1.06 5.62
CA GLY A 46 -4.08 1.18 6.41
C GLY A 46 -3.84 1.88 7.73
N LYS A 47 -2.67 1.65 8.31
CA LYS A 47 -2.33 2.26 9.59
C LYS A 47 -1.55 3.56 9.39
N GLY A 48 -1.60 4.09 8.17
CA GLY A 48 -0.90 5.32 7.87
C GLY A 48 0.59 5.22 8.13
N MET A 49 1.08 4.00 8.30
CA MET A 49 2.50 3.77 8.55
C MET A 49 3.36 4.54 7.56
N ASP A 50 4.56 4.92 7.99
CA ASP A 50 5.49 5.66 7.15
C ASP A 50 6.44 4.71 6.43
N LYS A 51 6.89 5.12 5.25
CA LYS A 51 7.82 4.31 4.46
C LYS A 51 8.87 3.66 5.36
N LYS A 52 9.35 4.40 6.35
CA LYS A 52 10.35 3.89 7.27
C LYS A 52 9.78 2.76 8.13
N LYS A 53 8.60 2.99 8.69
CA LYS A 53 7.94 1.99 9.53
C LYS A 53 7.52 0.79 8.69
N ALA A 54 6.61 1.00 7.76
CA ALA A 54 6.13 -0.07 6.89
C ALA A 54 7.25 -1.05 6.56
N ALA A 55 8.34 -0.54 6.00
CA ALA A 55 9.48 -1.37 5.64
C ALA A 55 9.83 -2.33 6.76
N ASP A 56 9.89 -1.82 7.99
CA ASP A 56 10.21 -2.63 9.15
C ASP A 56 9.28 -3.83 9.25
N HIS A 57 8.02 -3.62 8.89
CA HIS A 57 7.02 -4.69 8.95
C HIS A 57 7.16 -5.63 7.75
N LEU A 58 7.68 -5.10 6.65
CA LEU A 58 7.86 -5.89 5.43
C LEU A 58 9.25 -6.51 5.40
N LYS A 59 10.06 -6.21 6.41
CA LYS A 59 11.41 -6.74 6.50
C LYS A 59 11.39 -8.26 6.54
N PRO A 60 10.71 -8.82 7.55
CA PRO A 60 10.60 -10.28 7.73
C PRO A 60 9.73 -10.92 6.65
N PHE A 61 9.13 -10.10 5.81
CA PHE A 61 8.27 -10.59 4.74
C PHE A 61 8.92 -10.34 3.38
N LEU A 62 9.86 -9.42 3.33
CA LEU A 62 10.55 -9.08 2.09
C LEU A 62 12.04 -8.83 2.34
N ASP A 63 12.33 -7.99 3.33
CA ASP A 63 13.71 -7.67 3.67
C ASP A 63 14.45 -7.08 2.46
N ASP A 64 14.95 -7.96 1.61
CA ASP A 64 15.68 -7.53 0.42
C ASP A 64 14.72 -6.95 -0.62
N SER A 65 13.44 -7.25 -0.48
CA SER A 65 12.42 -6.76 -1.40
C SER A 65 11.45 -5.82 -0.70
N THR A 66 11.94 -5.10 0.31
CA THR A 66 11.12 -4.18 1.06
C THR A 66 11.18 -2.77 0.46
N LEU A 67 12.31 -2.10 0.67
CA LEU A 67 12.50 -0.75 0.15
C LEU A 67 12.04 -0.66 -1.30
N ARG A 68 12.17 -1.76 -2.04
CA ARG A 68 11.77 -1.81 -3.44
C ARG A 68 10.26 -1.99 -3.56
N PHE A 69 9.71 -2.84 -2.71
CA PHE A 69 8.27 -3.12 -2.73
C PHE A 69 7.50 -1.95 -2.12
N VAL A 70 7.66 -1.75 -0.82
CA VAL A 70 6.98 -0.68 -0.11
C VAL A 70 6.97 0.60 -0.94
N ASP A 71 8.02 0.80 -1.73
CA ASP A 71 8.12 1.99 -2.57
C ASP A 71 6.93 2.07 -3.54
N LYS A 72 6.58 0.94 -4.14
CA LYS A 72 5.47 0.89 -5.08
C LYS A 72 4.13 0.91 -4.34
N LEU A 73 4.09 0.25 -3.19
CA LEU A 73 2.87 0.19 -2.38
C LEU A 73 2.32 1.59 -2.13
N PHE A 74 3.05 2.38 -1.34
CA PHE A 74 2.64 3.74 -1.03
C PHE A 74 2.11 4.45 -2.26
N GLU A 75 2.86 4.34 -3.36
CA GLU A 75 2.46 4.98 -4.61
C GLU A 75 1.20 4.35 -5.18
N ALA A 76 0.98 3.08 -4.85
CA ALA A 76 -0.19 2.35 -5.32
C ALA A 76 -1.47 3.13 -5.02
N VAL A 77 -1.59 3.60 -3.78
CA VAL A 77 -2.77 4.35 -3.36
C VAL A 77 -3.14 5.40 -4.40
N GLU A 78 -2.12 6.02 -5.00
CA GLU A 78 -2.35 7.05 -6.02
C GLU A 78 -2.41 6.43 -7.41
N GLU A 79 -1.81 5.25 -7.56
CA GLU A 79 -1.79 4.55 -8.83
C GLU A 79 -3.16 3.98 -9.17
N GLY A 80 -3.66 3.11 -8.28
CA GLY A 80 -4.96 2.50 -8.50
C GLY A 80 -6.09 3.49 -8.40
N ARG A 81 -5.92 4.49 -7.54
CA ARG A 81 -6.95 5.51 -7.34
C ARG A 81 -6.73 6.69 -8.29
N SER A 82 -5.60 7.37 -8.12
CA SER A 82 -5.27 8.53 -8.96
C SER A 82 -6.15 9.72 -8.61
N SER A 83 -5.92 10.84 -9.29
CA SER A 83 -6.68 12.05 -9.05
C SER A 83 -7.63 12.34 -10.20
N ARG A 84 -8.48 13.35 -10.04
CA ARG A 84 -9.43 13.73 -11.07
C ARG A 84 -10.43 12.60 -11.32
N HIS A 85 -11.66 12.78 -10.85
CA HIS A 85 -12.71 11.78 -11.02
C HIS A 85 -13.73 12.24 -12.05
N SER A 86 -14.07 11.34 -12.98
CA SER A 86 -15.03 11.65 -14.03
C SER A 86 -16.39 11.99 -13.43
N SER A 87 -16.91 13.15 -13.78
CA SER A 87 -18.21 13.60 -13.28
C SER A 87 -18.26 13.52 -11.76
N GLY A 88 -18.12 14.68 -11.10
CA GLY A 88 -18.16 14.71 -9.66
C GLY A 88 -19.53 15.08 -9.12
N PRO A 89 -19.93 14.43 -8.02
CA PRO A 89 -21.23 14.69 -7.38
C PRO A 89 -21.28 16.04 -6.70
N SER A 90 -20.14 16.53 -6.25
CA SER A 90 -20.05 17.82 -5.59
C SER A 90 -21.01 18.82 -6.22
N SER A 91 -20.93 18.96 -7.54
CA SER A 91 -21.78 19.88 -8.28
C SER A 91 -22.33 19.23 -9.54
N GLY A 92 -23.60 18.86 -9.50
CA GLY A 92 -24.23 18.22 -10.65
C GLY A 92 -24.26 19.13 -11.86
N GLY A 1 -25.40 1.23 18.83
CA GLY A 1 -24.09 1.12 18.21
C GLY A 1 -23.60 2.44 17.65
N SER A 2 -22.29 2.59 17.54
CA SER A 2 -21.70 3.82 17.03
C SER A 2 -20.19 3.69 16.90
N SER A 3 -19.67 3.92 15.69
CA SER A 3 -18.23 3.81 15.44
C SER A 3 -17.64 5.18 15.14
N GLY A 4 -16.36 5.35 15.45
CA GLY A 4 -15.70 6.62 15.21
C GLY A 4 -14.19 6.46 15.09
N SER A 5 -13.74 5.89 13.98
CA SER A 5 -12.32 5.67 13.74
C SER A 5 -11.50 6.87 14.22
N SER A 6 -10.39 6.60 14.89
CA SER A 6 -9.53 7.65 15.40
C SER A 6 -8.24 7.76 14.59
N GLY A 7 -7.66 6.60 14.27
CA GLY A 7 -6.42 6.58 13.50
C GLY A 7 -6.65 6.08 12.08
N MET A 8 -5.99 4.96 11.75
CA MET A 8 -6.11 4.39 10.42
C MET A 8 -6.02 5.46 9.35
N ALA A 9 -6.35 5.09 8.11
CA ALA A 9 -6.31 6.02 6.99
C ALA A 9 -7.34 5.66 5.93
N LEU A 10 -7.39 4.39 5.56
CA LEU A 10 -8.34 3.91 4.56
C LEU A 10 -9.39 3.01 5.19
N SER A 11 -10.58 2.99 4.60
CA SER A 11 -11.67 2.16 5.11
C SER A 11 -11.64 0.78 4.47
N LYS A 12 -12.50 -0.11 4.97
CA LYS A 12 -12.57 -1.47 4.45
C LYS A 12 -12.95 -1.47 2.98
N ARG A 13 -13.63 -0.42 2.54
CA ARG A 13 -14.04 -0.29 1.15
C ARG A 13 -12.92 0.29 0.29
N GLU A 14 -12.04 1.05 0.92
CA GLU A 14 -10.92 1.66 0.21
C GLU A 14 -9.77 0.68 0.04
N LEU A 15 -9.38 0.04 1.15
CA LEU A 15 -8.29 -0.93 1.12
C LEU A 15 -8.65 -2.13 0.24
N ASP A 16 -9.94 -2.44 0.18
CA ASP A 16 -10.41 -3.56 -0.64
C ASP A 16 -9.97 -3.40 -2.09
N GLU A 17 -10.02 -2.17 -2.59
CA GLU A 17 -9.62 -1.89 -3.96
C GLU A 17 -8.13 -2.12 -4.16
N LEU A 18 -7.39 -2.18 -3.06
CA LEU A 18 -5.95 -2.40 -3.11
C LEU A 18 -5.63 -3.90 -3.09
N LYS A 19 -6.46 -4.66 -2.40
CA LYS A 19 -6.27 -6.10 -2.30
C LYS A 19 -5.86 -6.69 -3.65
N PRO A 20 -6.72 -6.51 -4.67
CA PRO A 20 -6.46 -7.00 -6.02
C PRO A 20 -5.32 -6.25 -6.71
N TRP A 21 -4.90 -5.14 -6.11
CA TRP A 21 -3.82 -4.35 -6.67
C TRP A 21 -2.47 -4.74 -6.06
N ILE A 22 -2.52 -5.27 -4.84
CA ILE A 22 -1.31 -5.69 -4.15
C ILE A 22 -1.03 -7.18 -4.37
N GLU A 23 -2.10 -7.98 -4.37
CA GLU A 23 -1.97 -9.41 -4.57
C GLU A 23 -1.23 -9.72 -5.86
N LYS A 24 -1.36 -8.84 -6.84
CA LYS A 24 -0.70 -9.02 -8.12
C LYS A 24 0.67 -8.35 -8.13
N THR A 25 0.79 -7.25 -7.39
CA THR A 25 2.04 -6.52 -7.30
C THR A 25 3.12 -7.34 -6.59
N VAL A 26 2.73 -7.97 -5.48
CA VAL A 26 3.65 -8.79 -4.70
C VAL A 26 4.18 -9.95 -5.54
N LYS A 27 3.37 -10.42 -6.47
CA LYS A 27 3.76 -11.53 -7.34
C LYS A 27 4.75 -11.07 -8.40
N ARG A 28 4.75 -9.77 -8.69
CA ARG A 28 5.65 -9.21 -9.68
C ARG A 28 7.00 -8.85 -9.05
N VAL A 29 6.95 -8.25 -7.86
CA VAL A 29 8.17 -7.86 -7.16
C VAL A 29 8.98 -9.09 -6.76
N LEU A 30 8.31 -10.07 -6.15
CA LEU A 30 8.99 -11.29 -5.72
C LEU A 30 9.00 -12.32 -6.84
N GLY A 31 7.95 -12.32 -7.66
CA GLY A 31 7.87 -13.26 -8.77
C GLY A 31 7.07 -14.50 -8.41
N PHE A 32 6.86 -14.71 -7.12
CA PHE A 32 6.10 -15.86 -6.64
C PHE A 32 4.83 -15.42 -5.91
N SER A 33 4.90 -14.27 -5.27
CA SER A 33 3.76 -13.74 -4.53
C SER A 33 3.66 -14.39 -3.15
N GLU A 34 3.67 -13.55 -2.11
CA GLU A 34 3.58 -14.05 -0.74
C GLU A 34 2.32 -13.52 -0.06
N PRO A 35 1.62 -14.41 0.66
CA PRO A 35 0.39 -14.05 1.37
C PRO A 35 0.66 -13.16 2.58
N THR A 36 1.68 -13.52 3.35
CA THR A 36 2.05 -12.74 4.54
C THR A 36 2.45 -11.31 4.16
N VAL A 37 2.88 -11.14 2.92
CA VAL A 37 3.28 -9.82 2.44
C VAL A 37 2.08 -8.97 2.07
N VAL A 38 1.17 -9.56 1.28
CA VAL A 38 -0.03 -8.86 0.85
C VAL A 38 -0.69 -8.14 2.01
N THR A 39 -0.72 -8.79 3.17
CA THR A 39 -1.32 -8.20 4.36
C THR A 39 -0.44 -7.11 4.95
N ALA A 40 0.82 -7.45 5.21
CA ALA A 40 1.77 -6.50 5.77
C ALA A 40 1.66 -5.14 5.08
N ALA A 41 1.28 -5.16 3.80
CA ALA A 41 1.13 -3.94 3.03
C ALA A 41 -0.21 -3.27 3.30
N LEU A 42 -1.29 -4.03 3.16
CA LEU A 42 -2.63 -3.52 3.40
C LEU A 42 -2.72 -2.83 4.75
N ASN A 43 -2.00 -3.36 5.73
CA ASN A 43 -2.00 -2.81 7.07
C ASN A 43 -1.16 -1.53 7.13
N CYS A 44 0.00 -1.56 6.48
CA CYS A 44 0.88 -0.41 6.46
C CYS A 44 0.14 0.85 6.02
N VAL A 45 -0.23 0.89 4.74
CA VAL A 45 -0.95 2.04 4.19
C VAL A 45 -2.22 2.32 4.99
N GLY A 46 -2.91 1.26 5.37
CA GLY A 46 -4.14 1.41 6.15
C GLY A 46 -3.90 2.09 7.47
N LYS A 47 -2.77 1.80 8.10
CA LYS A 47 -2.43 2.38 9.39
C LYS A 47 -1.61 3.66 9.21
N GLY A 48 -1.69 4.25 8.02
CA GLY A 48 -0.95 5.47 7.74
C GLY A 48 0.52 5.34 8.06
N MET A 49 0.98 4.11 8.23
CA MET A 49 2.38 3.85 8.54
C MET A 49 3.30 4.70 7.66
N ASP A 50 4.56 4.79 8.04
CA ASP A 50 5.54 5.57 7.29
C ASP A 50 6.56 4.66 6.61
N LYS A 51 7.05 5.10 5.46
CA LYS A 51 8.03 4.32 4.69
C LYS A 51 9.04 3.67 5.63
N LYS A 52 9.40 4.37 6.69
CA LYS A 52 10.35 3.85 7.67
C LYS A 52 9.79 2.64 8.40
N LYS A 53 8.67 2.85 9.08
CA LYS A 53 8.02 1.77 9.84
C LYS A 53 7.62 0.63 8.90
N ALA A 54 6.82 0.95 7.90
CA ALA A 54 6.37 -0.05 6.94
C ALA A 54 7.46 -1.08 6.66
N ALA A 55 8.61 -0.61 6.18
CA ALA A 55 9.73 -1.48 5.88
C ALA A 55 9.90 -2.55 6.94
N ASP A 56 9.99 -2.13 8.19
CA ASP A 56 10.14 -3.06 9.31
C ASP A 56 9.05 -4.12 9.29
N HIS A 57 7.86 -3.73 8.84
CA HIS A 57 6.73 -4.64 8.76
C HIS A 57 6.83 -5.55 7.53
N LEU A 58 7.61 -5.12 6.55
CA LEU A 58 7.80 -5.88 5.32
C LEU A 58 9.21 -6.48 5.27
N LYS A 59 9.98 -6.28 6.33
CA LYS A 59 11.33 -6.80 6.40
C LYS A 59 11.33 -8.33 6.40
N PRO A 60 10.67 -8.91 7.41
CA PRO A 60 10.57 -10.37 7.55
C PRO A 60 9.70 -11.00 6.47
N PHE A 61 9.08 -10.16 5.65
CA PHE A 61 8.21 -10.63 4.58
C PHE A 61 8.83 -10.35 3.21
N LEU A 62 9.74 -9.39 3.18
CA LEU A 62 10.42 -9.02 1.93
C LEU A 62 11.92 -8.84 2.16
N ASP A 63 12.27 -8.07 3.18
CA ASP A 63 13.67 -7.82 3.51
C ASP A 63 14.42 -7.26 2.30
N ASP A 64 14.85 -8.15 1.41
CA ASP A 64 15.58 -7.74 0.22
C ASP A 64 14.64 -7.08 -0.80
N SER A 65 13.34 -7.28 -0.60
CA SER A 65 12.33 -6.71 -1.49
C SER A 65 11.41 -5.75 -0.73
N THR A 66 11.96 -5.09 0.27
CA THR A 66 11.20 -4.14 1.07
C THR A 66 11.30 -2.73 0.51
N LEU A 67 12.46 -2.11 0.71
CA LEU A 67 12.69 -0.75 0.22
C LEU A 67 12.22 -0.61 -1.23
N ARG A 68 12.26 -1.71 -1.97
CA ARG A 68 11.85 -1.70 -3.36
C ARG A 68 10.33 -1.87 -3.48
N PHE A 69 9.77 -2.73 -2.63
CA PHE A 69 8.34 -2.99 -2.63
C PHE A 69 7.57 -1.81 -2.02
N VAL A 70 7.79 -1.59 -0.73
CA VAL A 70 7.12 -0.50 -0.02
C VAL A 70 7.12 0.78 -0.87
N ASP A 71 8.15 0.94 -1.68
CA ASP A 71 8.26 2.12 -2.54
C ASP A 71 7.09 2.20 -3.52
N LYS A 72 6.72 1.04 -4.07
CA LYS A 72 5.61 0.98 -5.03
C LYS A 72 4.27 1.03 -4.31
N LEU A 73 4.19 0.33 -3.17
CA LEU A 73 2.95 0.30 -2.39
C LEU A 73 2.44 1.72 -2.12
N PHE A 74 3.29 2.53 -1.51
CA PHE A 74 2.92 3.91 -1.19
C PHE A 74 2.36 4.62 -2.43
N GLU A 75 3.11 4.58 -3.52
CA GLU A 75 2.69 5.22 -4.76
C GLU A 75 1.44 4.53 -5.33
N ALA A 76 1.17 3.32 -4.85
CA ALA A 76 0.01 2.57 -5.31
C ALA A 76 -1.29 3.25 -4.90
N VAL A 77 -1.32 3.77 -3.67
CA VAL A 77 -2.49 4.45 -3.15
C VAL A 77 -3.10 5.37 -4.20
N GLU A 78 -2.24 6.02 -4.98
CA GLU A 78 -2.69 6.93 -6.03
C GLU A 78 -2.87 6.19 -7.35
N GLU A 79 -2.24 5.03 -7.46
CA GLU A 79 -2.32 4.23 -8.67
C GLU A 79 -3.62 3.43 -8.72
N GLY A 80 -3.82 2.58 -7.72
CA GLY A 80 -5.02 1.77 -7.66
C GLY A 80 -6.28 2.60 -7.46
N ARG A 81 -6.21 3.56 -6.54
CA ARG A 81 -7.34 4.43 -6.25
C ARG A 81 -7.51 5.47 -7.35
N SER A 82 -6.46 6.22 -7.62
CA SER A 82 -6.49 7.26 -8.64
C SER A 82 -7.50 8.33 -8.28
N SER A 83 -7.14 9.59 -8.53
CA SER A 83 -8.01 10.72 -8.23
C SER A 83 -8.59 11.32 -9.51
N ARG A 84 -9.66 12.08 -9.37
CA ARG A 84 -10.30 12.71 -10.52
C ARG A 84 -9.93 14.19 -10.60
N HIS A 85 -10.10 14.91 -9.51
CA HIS A 85 -9.78 16.33 -9.46
C HIS A 85 -8.45 16.61 -10.15
N SER A 86 -7.46 15.74 -9.89
CA SER A 86 -6.14 15.90 -10.48
C SER A 86 -6.24 16.42 -11.91
N SER A 87 -7.13 15.82 -12.70
CA SER A 87 -7.32 16.22 -14.08
C SER A 87 -8.59 15.61 -14.66
N GLY A 88 -9.35 16.42 -15.39
CA GLY A 88 -10.59 15.95 -15.98
C GLY A 88 -11.81 16.62 -15.39
N PRO A 89 -12.82 16.88 -16.24
CA PRO A 89 -14.06 17.52 -15.82
C PRO A 89 -14.91 16.62 -14.93
N SER A 90 -14.41 15.42 -14.67
CA SER A 90 -15.13 14.45 -13.84
C SER A 90 -16.42 14.01 -14.52
N SER A 91 -16.34 12.93 -15.29
CA SER A 91 -17.50 12.40 -16.00
C SER A 91 -18.02 11.15 -15.31
N GLY A 92 -18.11 11.19 -13.98
CA GLY A 92 -18.60 10.05 -13.23
C GLY A 92 -19.89 10.36 -12.50
N GLY A 1 -6.02 14.26 0.49
CA GLY A 1 -5.31 14.25 1.76
C GLY A 1 -5.37 15.61 2.46
N SER A 2 -6.05 15.64 3.60
CA SER A 2 -6.20 16.88 4.37
C SER A 2 -5.06 17.02 5.38
N SER A 3 -4.89 15.99 6.22
CA SER A 3 -3.84 16.01 7.23
C SER A 3 -2.54 15.45 6.66
N GLY A 4 -1.42 16.09 7.02
CA GLY A 4 -0.12 15.65 6.55
C GLY A 4 0.61 14.82 7.58
N SER A 5 1.66 14.11 7.12
CA SER A 5 2.45 13.28 8.02
C SER A 5 1.55 12.41 8.89
N SER A 6 1.20 11.23 8.38
CA SER A 6 0.34 10.30 9.11
C SER A 6 -1.09 10.84 9.19
N GLY A 7 -2.05 9.96 8.93
CA GLY A 7 -3.45 10.36 8.97
C GLY A 7 -4.22 9.89 7.76
N MET A 8 -3.97 8.66 7.33
CA MET A 8 -4.64 8.09 6.16
C MET A 8 -5.81 7.21 6.59
N ALA A 9 -5.49 6.10 7.25
CA ALA A 9 -6.51 5.17 7.71
C ALA A 9 -7.60 4.96 6.65
N LEU A 10 -7.43 3.92 5.85
CA LEU A 10 -8.39 3.60 4.79
C LEU A 10 -9.55 2.77 5.33
N SER A 11 -10.68 2.83 4.63
CA SER A 11 -11.86 2.07 5.05
C SER A 11 -11.84 0.67 4.46
N LYS A 12 -12.77 -0.17 4.90
CA LYS A 12 -12.86 -1.55 4.43
C LYS A 12 -13.08 -1.58 2.92
N ARG A 13 -13.84 -0.62 2.41
CA ARG A 13 -14.12 -0.53 0.99
C ARG A 13 -12.95 0.07 0.23
N GLU A 14 -12.18 0.90 0.91
CA GLU A 14 -11.01 1.55 0.30
C GLU A 14 -9.89 0.55 0.08
N LEU A 15 -9.51 -0.15 1.14
CA LEU A 15 -8.44 -1.14 1.07
C LEU A 15 -8.83 -2.29 0.14
N ASP A 16 -10.13 -2.58 0.07
CA ASP A 16 -10.62 -3.65 -0.79
C ASP A 16 -10.15 -3.47 -2.23
N GLU A 17 -10.02 -2.21 -2.64
CA GLU A 17 -9.58 -1.89 -4.00
C GLU A 17 -8.09 -2.16 -4.16
N LEU A 18 -7.36 -2.08 -3.05
CA LEU A 18 -5.91 -2.31 -3.06
C LEU A 18 -5.60 -3.81 -3.02
N LYS A 19 -6.45 -4.56 -2.32
CA LYS A 19 -6.27 -5.99 -2.20
C LYS A 19 -5.81 -6.59 -3.53
N PRO A 20 -6.64 -6.44 -4.57
CA PRO A 20 -6.34 -6.96 -5.91
C PRO A 20 -5.19 -6.20 -6.58
N TRP A 21 -4.82 -5.07 -6.00
CA TRP A 21 -3.73 -4.26 -6.54
C TRP A 21 -2.40 -4.65 -5.92
N ILE A 22 -2.45 -5.19 -4.70
CA ILE A 22 -1.25 -5.61 -4.00
C ILE A 22 -0.93 -7.07 -4.27
N GLU A 23 -1.97 -7.89 -4.34
CA GLU A 23 -1.81 -9.32 -4.59
C GLU A 23 -1.11 -9.55 -5.94
N LYS A 24 -1.37 -8.67 -6.90
CA LYS A 24 -0.78 -8.78 -8.22
C LYS A 24 0.63 -8.19 -8.23
N THR A 25 0.81 -7.09 -7.49
CA THR A 25 2.11 -6.43 -7.42
C THR A 25 3.12 -7.29 -6.68
N VAL A 26 2.68 -7.91 -5.58
CA VAL A 26 3.55 -8.76 -4.78
C VAL A 26 4.12 -9.90 -5.61
N LYS A 27 3.31 -10.43 -6.52
CA LYS A 27 3.73 -11.52 -7.38
C LYS A 27 4.80 -11.06 -8.37
N ARG A 28 4.74 -9.79 -8.74
CA ARG A 28 5.70 -9.22 -9.68
C ARG A 28 7.02 -8.89 -8.97
N VAL A 29 6.92 -8.19 -7.84
CA VAL A 29 8.10 -7.81 -7.07
C VAL A 29 8.92 -9.04 -6.68
N LEU A 30 8.24 -10.03 -6.08
CA LEU A 30 8.91 -11.25 -5.66
C LEU A 30 8.98 -12.26 -6.81
N GLY A 31 7.97 -12.23 -7.67
CA GLY A 31 7.94 -13.14 -8.80
C GLY A 31 7.12 -14.39 -8.52
N PHE A 32 6.70 -14.55 -7.27
CA PHE A 32 5.91 -15.70 -6.86
C PHE A 32 4.66 -15.27 -6.11
N SER A 33 4.77 -14.15 -5.39
CA SER A 33 3.64 -13.63 -4.62
C SER A 33 3.54 -14.34 -3.27
N GLU A 34 3.50 -13.55 -2.20
CA GLU A 34 3.40 -14.10 -0.85
C GLU A 34 2.17 -13.56 -0.13
N PRO A 35 1.44 -14.46 0.55
CA PRO A 35 0.23 -14.10 1.29
C PRO A 35 0.53 -13.27 2.53
N THR A 36 1.54 -13.68 3.28
CA THR A 36 1.94 -12.97 4.49
C THR A 36 2.38 -11.55 4.18
N VAL A 37 2.79 -11.32 2.94
CA VAL A 37 3.23 -10.00 2.50
C VAL A 37 2.05 -9.11 2.16
N VAL A 38 1.12 -9.64 1.37
CA VAL A 38 -0.06 -8.89 0.96
C VAL A 38 -0.72 -8.21 2.17
N THR A 39 -0.72 -8.90 3.30
CA THR A 39 -1.31 -8.37 4.52
C THR A 39 -0.47 -7.25 5.10
N ALA A 40 0.81 -7.54 5.35
CA ALA A 40 1.72 -6.56 5.91
C ALA A 40 1.60 -5.23 5.17
N ALA A 41 1.20 -5.29 3.91
CA ALA A 41 1.05 -4.08 3.10
C ALA A 41 -0.30 -3.41 3.36
N LEU A 42 -1.37 -4.20 3.30
CA LEU A 42 -2.71 -3.69 3.53
C LEU A 42 -2.81 -3.03 4.90
N ASN A 43 -2.12 -3.60 5.89
CA ASN A 43 -2.13 -3.06 7.24
C ASN A 43 -1.34 -1.77 7.32
N CYS A 44 -0.18 -1.75 6.68
CA CYS A 44 0.69 -0.57 6.68
C CYS A 44 -0.11 0.68 6.32
N VAL A 45 -0.52 0.77 5.06
CA VAL A 45 -1.28 1.91 4.58
C VAL A 45 -2.49 2.17 5.46
N GLY A 46 -3.15 1.10 5.89
CA GLY A 46 -4.31 1.23 6.74
C GLY A 46 -3.98 1.82 8.10
N LYS A 47 -2.77 1.53 8.58
CA LYS A 47 -2.33 2.03 9.87
C LYS A 47 -1.54 3.33 9.72
N GLY A 48 -1.76 4.01 8.60
CA GLY A 48 -1.05 5.26 8.35
C GLY A 48 0.44 5.11 8.49
N MET A 49 0.92 3.88 8.51
CA MET A 49 2.35 3.61 8.65
C MET A 49 3.16 4.50 7.71
N ASP A 50 4.43 4.68 8.02
CA ASP A 50 5.32 5.51 7.21
C ASP A 50 6.36 4.66 6.50
N LYS A 51 6.83 5.13 5.36
CA LYS A 51 7.83 4.41 4.58
C LYS A 51 8.90 3.80 5.49
N LYS A 52 9.27 4.55 6.52
CA LYS A 52 10.28 4.08 7.48
C LYS A 52 9.79 2.84 8.23
N LYS A 53 8.72 3.00 8.99
CA LYS A 53 8.14 1.90 9.74
C LYS A 53 7.75 0.75 8.83
N ALA A 54 6.85 1.03 7.89
CA ALA A 54 6.40 0.02 6.93
C ALA A 54 7.54 -0.93 6.56
N ALA A 55 8.63 -0.37 6.06
CA ALA A 55 9.79 -1.16 5.65
C ALA A 55 10.09 -2.25 6.68
N ASP A 56 10.28 -1.84 7.93
CA ASP A 56 10.58 -2.78 9.00
C ASP A 56 9.51 -3.88 9.07
N HIS A 57 8.26 -3.50 8.81
CA HIS A 57 7.15 -4.44 8.85
C HIS A 57 7.25 -5.45 7.70
N LEU A 58 7.85 -5.01 6.59
CA LEU A 58 8.02 -5.87 5.42
C LEU A 58 9.42 -6.46 5.38
N LYS A 59 10.21 -6.19 6.40
CA LYS A 59 11.58 -6.69 6.48
C LYS A 59 11.58 -8.21 6.59
N PRO A 60 10.93 -8.73 7.63
CA PRO A 60 10.85 -10.18 7.87
C PRO A 60 9.97 -10.89 6.85
N PHE A 61 9.35 -10.11 5.97
CA PHE A 61 8.48 -10.66 4.93
C PHE A 61 9.07 -10.43 3.54
N LEU A 62 9.93 -9.43 3.44
CA LEU A 62 10.58 -9.10 2.17
C LEU A 62 12.07 -8.86 2.37
N ASP A 63 12.40 -7.96 3.28
CA ASP A 63 13.79 -7.63 3.56
C ASP A 63 14.50 -7.13 2.31
N ASP A 64 14.92 -8.05 1.46
CA ASP A 64 15.61 -7.71 0.22
C ASP A 64 14.64 -7.09 -0.78
N SER A 65 13.35 -7.30 -0.56
CA SER A 65 12.32 -6.76 -1.44
C SER A 65 11.41 -5.81 -0.70
N THR A 66 11.96 -5.09 0.27
CA THR A 66 11.20 -4.14 1.07
C THR A 66 11.25 -2.74 0.45
N LEU A 67 12.39 -2.07 0.61
CA LEU A 67 12.57 -0.73 0.08
C LEU A 67 12.05 -0.64 -1.36
N ARG A 68 12.08 -1.76 -2.06
CA ARG A 68 11.60 -1.81 -3.44
C ARG A 68 10.09 -2.02 -3.48
N PHE A 69 9.59 -2.89 -2.61
CA PHE A 69 8.16 -3.17 -2.55
C PHE A 69 7.40 -2.01 -1.93
N VAL A 70 7.67 -1.74 -0.65
CA VAL A 70 7.02 -0.65 0.06
C VAL A 70 6.93 0.60 -0.80
N ASP A 71 7.82 0.69 -1.79
CA ASP A 71 7.85 1.84 -2.69
C ASP A 71 6.70 1.77 -3.69
N LYS A 72 6.43 0.57 -4.19
CA LYS A 72 5.36 0.37 -5.16
C LYS A 72 3.99 0.43 -4.48
N LEU A 73 3.96 0.13 -3.19
CA LEU A 73 2.72 0.15 -2.43
C LEU A 73 2.23 1.58 -2.20
N PHE A 74 3.07 2.39 -1.56
CA PHE A 74 2.73 3.78 -1.29
C PHE A 74 2.29 4.49 -2.57
N GLU A 75 3.03 4.26 -3.65
CA GLU A 75 2.71 4.88 -4.93
C GLU A 75 1.40 4.34 -5.49
N ALA A 76 1.09 3.09 -5.15
CA ALA A 76 -0.14 2.46 -5.62
C ALA A 76 -1.35 3.35 -5.33
N VAL A 77 -1.46 3.81 -4.09
CA VAL A 77 -2.57 4.67 -3.70
C VAL A 77 -2.88 5.71 -4.77
N GLU A 78 -1.83 6.26 -5.36
CA GLU A 78 -1.99 7.27 -6.42
C GLU A 78 -2.09 6.62 -7.79
N GLU A 79 -1.66 5.36 -7.87
CA GLU A 79 -1.69 4.62 -9.13
C GLU A 79 -3.08 4.02 -9.36
N GLY A 80 -3.48 3.12 -8.46
CA GLY A 80 -4.78 2.49 -8.58
C GLY A 80 -5.92 3.48 -8.54
N ARG A 81 -5.81 4.46 -7.65
CA ARG A 81 -6.84 5.48 -7.50
C ARG A 81 -6.70 6.56 -8.57
N SER A 82 -5.54 7.20 -8.61
CA SER A 82 -5.27 8.25 -9.58
C SER A 82 -6.00 9.54 -9.19
N SER A 83 -7.33 9.46 -9.10
CA SER A 83 -8.13 10.62 -8.73
C SER A 83 -9.56 10.20 -8.38
N ARG A 84 -9.69 9.05 -7.72
CA ARG A 84 -10.99 8.53 -7.32
C ARG A 84 -11.82 8.17 -8.55
N HIS A 85 -11.60 6.96 -9.07
CA HIS A 85 -12.33 6.50 -10.24
C HIS A 85 -13.84 6.61 -10.02
N SER A 86 -14.33 5.99 -8.96
CA SER A 86 -15.75 6.02 -8.65
C SER A 86 -15.98 5.79 -7.16
N SER A 87 -17.15 6.21 -6.67
CA SER A 87 -17.49 6.06 -5.26
C SER A 87 -18.71 5.15 -5.10
N GLY A 88 -19.73 5.38 -5.94
CA GLY A 88 -20.94 4.59 -5.86
C GLY A 88 -22.11 5.26 -6.54
N PRO A 89 -23.33 4.83 -6.19
CA PRO A 89 -24.56 5.37 -6.76
C PRO A 89 -24.83 6.81 -6.29
N SER A 90 -23.93 7.33 -5.46
CA SER A 90 -24.07 8.68 -4.93
C SER A 90 -25.13 8.73 -3.83
N SER A 91 -25.14 9.84 -3.09
CA SER A 91 -26.09 10.01 -2.00
C SER A 91 -26.27 11.49 -1.66
N GLY A 92 -25.16 12.22 -1.64
CA GLY A 92 -25.20 13.63 -1.32
C GLY A 92 -26.11 14.41 -2.27
N GLY A 1 -19.40 -7.73 22.54
CA GLY A 1 -18.79 -6.71 21.70
C GLY A 1 -18.69 -5.37 22.41
N SER A 2 -19.58 -4.45 22.05
CA SER A 2 -19.58 -3.12 22.66
C SER A 2 -18.37 -2.32 22.20
N SER A 3 -18.05 -2.43 20.92
CA SER A 3 -16.90 -1.71 20.35
C SER A 3 -17.26 -1.09 19.01
N GLY A 4 -16.52 -0.05 18.64
CA GLY A 4 -16.78 0.63 17.38
C GLY A 4 -15.75 0.30 16.32
N SER A 5 -15.47 -0.99 16.15
CA SER A 5 -14.49 -1.44 15.16
C SER A 5 -14.67 -0.70 13.84
N SER A 6 -13.61 -0.06 13.38
CA SER A 6 -13.66 0.70 12.12
C SER A 6 -12.50 0.29 11.21
N GLY A 7 -11.27 0.47 11.70
CA GLY A 7 -10.11 0.12 10.92
C GLY A 7 -8.89 0.94 11.29
N MET A 8 -7.71 0.42 10.98
CA MET A 8 -6.46 1.12 11.29
C MET A 8 -6.61 2.61 11.06
N ALA A 9 -6.67 3.01 9.79
CA ALA A 9 -6.80 4.42 9.43
C ALA A 9 -7.58 4.57 8.13
N LEU A 10 -7.35 3.67 7.19
CA LEU A 10 -8.03 3.70 5.91
C LEU A 10 -9.44 3.14 6.01
N SER A 11 -10.29 3.47 5.05
CA SER A 11 -11.66 3.00 5.03
C SER A 11 -11.73 1.53 4.62
N LYS A 12 -12.83 0.87 4.97
CA LYS A 12 -13.02 -0.54 4.63
C LYS A 12 -13.00 -0.74 3.12
N ARG A 13 -13.64 0.16 2.39
CA ARG A 13 -13.70 0.08 0.94
C ARG A 13 -12.38 0.56 0.33
N GLU A 14 -11.72 1.50 1.00
CA GLU A 14 -10.46 2.04 0.51
C GLU A 14 -9.42 0.94 0.38
N LEU A 15 -9.18 0.20 1.46
CA LEU A 15 -8.21 -0.88 1.46
C LEU A 15 -8.66 -2.02 0.56
N ASP A 16 -9.97 -2.14 0.37
CA ASP A 16 -10.53 -3.19 -0.47
C ASP A 16 -10.07 -3.03 -1.92
N GLU A 17 -9.83 -1.79 -2.32
CA GLU A 17 -9.38 -1.49 -3.67
C GLU A 17 -7.89 -1.80 -3.84
N LEU A 18 -7.19 -1.93 -2.71
CA LEU A 18 -5.77 -2.22 -2.73
C LEU A 18 -5.52 -3.73 -2.72
N LYS A 19 -6.38 -4.46 -2.01
CA LYS A 19 -6.26 -5.91 -1.92
C LYS A 19 -5.91 -6.51 -3.28
N PRO A 20 -6.79 -6.31 -4.27
CA PRO A 20 -6.59 -6.82 -5.62
C PRO A 20 -5.46 -6.09 -6.36
N TRP A 21 -4.99 -5.01 -5.77
CA TRP A 21 -3.90 -4.24 -6.37
C TRP A 21 -2.55 -4.66 -5.80
N ILE A 22 -2.57 -5.24 -4.59
CA ILE A 22 -1.35 -5.69 -3.95
C ILE A 22 -1.08 -7.16 -4.27
N GLU A 23 -2.13 -7.98 -4.22
CA GLU A 23 -2.00 -9.40 -4.51
C GLU A 23 -1.28 -9.63 -5.84
N LYS A 24 -1.44 -8.68 -6.75
CA LYS A 24 -0.81 -8.78 -8.07
C LYS A 24 0.58 -8.17 -8.04
N THR A 25 0.70 -6.99 -7.44
CA THR A 25 1.99 -6.31 -7.35
C THR A 25 3.05 -7.20 -6.72
N VAL A 26 2.72 -7.80 -5.59
CA VAL A 26 3.65 -8.69 -4.89
C VAL A 26 4.19 -9.76 -5.83
N LYS A 27 3.30 -10.39 -6.59
CA LYS A 27 3.70 -11.43 -7.53
C LYS A 27 4.71 -10.90 -8.53
N ARG A 28 4.68 -9.59 -8.75
CA ARG A 28 5.60 -8.96 -9.69
C ARG A 28 6.92 -8.59 -9.01
N VAL A 29 6.84 -8.14 -7.76
CA VAL A 29 8.02 -7.77 -7.00
C VAL A 29 8.84 -8.99 -6.62
N LEU A 30 8.17 -10.02 -6.10
CA LEU A 30 8.83 -11.25 -5.70
C LEU A 30 8.87 -12.25 -6.84
N GLY A 31 7.96 -12.08 -7.80
CA GLY A 31 7.90 -12.97 -8.94
C GLY A 31 7.12 -14.23 -8.66
N PHE A 32 6.88 -14.51 -7.38
CA PHE A 32 6.13 -15.69 -6.97
C PHE A 32 4.95 -15.32 -6.07
N SER A 33 4.88 -14.03 -5.72
CA SER A 33 3.82 -13.54 -4.85
C SER A 33 3.85 -14.23 -3.49
N GLU A 34 3.20 -13.63 -2.51
CA GLU A 34 3.16 -14.18 -1.16
C GLU A 34 1.94 -13.67 -0.39
N PRO A 35 1.26 -14.58 0.31
CA PRO A 35 0.07 -14.24 1.10
C PRO A 35 0.41 -13.40 2.33
N THR A 36 1.38 -13.86 3.11
CA THR A 36 1.81 -13.15 4.31
C THR A 36 2.17 -11.71 3.99
N VAL A 37 2.86 -11.50 2.88
CA VAL A 37 3.27 -10.16 2.47
C VAL A 37 2.06 -9.29 2.17
N VAL A 38 1.14 -9.81 1.36
CA VAL A 38 -0.08 -9.08 1.01
C VAL A 38 -0.68 -8.39 2.23
N THR A 39 -0.73 -9.10 3.34
CA THR A 39 -1.29 -8.55 4.58
C THR A 39 -0.36 -7.48 5.16
N ALA A 40 0.87 -7.86 5.44
CA ALA A 40 1.85 -6.93 6.00
C ALA A 40 1.75 -5.57 5.33
N ALA A 41 1.36 -5.57 4.06
CA ALA A 41 1.23 -4.33 3.30
C ALA A 41 -0.08 -3.62 3.62
N LEU A 42 -1.18 -4.35 3.50
CA LEU A 42 -2.51 -3.79 3.77
C LEU A 42 -2.53 -3.09 5.12
N ASN A 43 -1.78 -3.64 6.08
CA ASN A 43 -1.72 -3.07 7.42
C ASN A 43 -0.94 -1.75 7.41
N CYS A 44 0.20 -1.74 6.73
CA CYS A 44 1.02 -0.55 6.64
C CYS A 44 0.21 0.64 6.16
N VAL A 45 -0.18 0.62 4.88
CA VAL A 45 -0.96 1.70 4.30
C VAL A 45 -2.24 1.95 5.10
N GLY A 46 -2.83 0.88 5.60
CA GLY A 46 -4.05 1.00 6.38
C GLY A 46 -3.85 1.77 7.66
N LYS A 47 -2.68 1.61 8.27
CA LYS A 47 -2.37 2.31 9.51
C LYS A 47 -1.61 3.61 9.24
N GLY A 48 -1.83 4.16 8.04
CA GLY A 48 -1.17 5.40 7.67
C GLY A 48 0.32 5.36 7.94
N MET A 49 0.86 4.16 8.11
CA MET A 49 2.29 3.98 8.36
C MET A 49 3.12 4.80 7.37
N ASP A 50 4.43 4.82 7.58
CA ASP A 50 5.34 5.55 6.71
C ASP A 50 6.35 4.61 6.07
N LYS A 51 6.84 4.98 4.90
CA LYS A 51 7.82 4.17 4.18
C LYS A 51 8.86 3.61 5.14
N LYS A 52 9.27 4.42 6.10
CA LYS A 52 10.26 4.00 7.10
C LYS A 52 9.71 2.89 7.98
N LYS A 53 8.52 3.13 8.55
CA LYS A 53 7.88 2.14 9.42
C LYS A 53 7.51 0.88 8.64
N ALA A 54 6.60 1.02 7.70
CA ALA A 54 6.15 -0.11 6.88
C ALA A 54 7.31 -1.07 6.62
N ALA A 55 8.40 -0.55 6.06
CA ALA A 55 9.57 -1.36 5.76
C ALA A 55 9.87 -2.33 6.91
N ASP A 56 9.88 -1.81 8.12
CA ASP A 56 10.16 -2.62 9.30
C ASP A 56 9.16 -3.76 9.42
N HIS A 57 7.93 -3.51 9.01
CA HIS A 57 6.86 -4.52 9.06
C HIS A 57 6.98 -5.49 7.89
N LEU A 58 7.65 -5.05 6.83
CA LEU A 58 7.82 -5.87 5.64
C LEU A 58 9.24 -6.44 5.57
N LYS A 59 10.03 -6.16 6.60
CA LYS A 59 11.40 -6.63 6.66
C LYS A 59 11.46 -8.16 6.69
N PRO A 60 10.80 -8.76 7.69
CA PRO A 60 10.75 -10.21 7.85
C PRO A 60 9.91 -10.89 6.77
N PHE A 61 9.28 -10.08 5.93
CA PHE A 61 8.45 -10.59 4.85
C PHE A 61 9.12 -10.40 3.50
N LEU A 62 9.95 -9.36 3.41
CA LEU A 62 10.67 -9.07 2.16
C LEU A 62 12.15 -8.84 2.43
N ASP A 63 12.44 -7.88 3.31
CA ASP A 63 13.82 -7.57 3.66
C ASP A 63 14.59 -7.07 2.43
N ASP A 64 15.04 -8.01 1.61
CA ASP A 64 15.78 -7.67 0.40
C ASP A 64 14.87 -7.03 -0.65
N SER A 65 13.57 -7.16 -0.43
CA SER A 65 12.59 -6.60 -1.36
C SER A 65 11.62 -5.66 -0.63
N THR A 66 12.08 -5.11 0.49
CA THR A 66 11.26 -4.21 1.28
C THR A 66 11.22 -2.80 0.66
N LEU A 67 12.33 -2.08 0.79
CA LEU A 67 12.44 -0.73 0.24
C LEU A 67 11.92 -0.68 -1.19
N ARG A 68 12.17 -1.75 -1.94
CA ARG A 68 11.74 -1.83 -3.33
C ARG A 68 10.23 -2.06 -3.41
N PHE A 69 9.71 -2.88 -2.50
CA PHE A 69 8.28 -3.18 -2.48
C PHE A 69 7.49 -1.99 -1.94
N VAL A 70 7.66 -1.71 -0.66
CA VAL A 70 6.96 -0.60 -0.02
C VAL A 70 6.98 0.64 -0.90
N ASP A 71 7.97 0.73 -1.77
CA ASP A 71 8.10 1.86 -2.69
C ASP A 71 6.92 1.91 -3.66
N LYS A 72 6.57 0.75 -4.20
CA LYS A 72 5.47 0.64 -5.15
C LYS A 72 4.13 0.69 -4.44
N LEU A 73 4.09 0.16 -3.22
CA LEU A 73 2.87 0.13 -2.42
C LEU A 73 2.35 1.55 -2.18
N PHE A 74 3.13 2.34 -1.45
CA PHE A 74 2.75 3.71 -1.15
C PHE A 74 2.30 4.45 -2.41
N GLU A 75 3.11 4.35 -3.46
CA GLU A 75 2.79 5.00 -4.72
C GLU A 75 1.52 4.42 -5.34
N ALA A 76 1.21 3.18 -4.97
CA ALA A 76 0.02 2.50 -5.49
C ALA A 76 -1.23 3.31 -5.17
N VAL A 77 -1.35 3.76 -3.93
CA VAL A 77 -2.51 4.54 -3.51
C VAL A 77 -2.92 5.53 -4.58
N GLU A 78 -1.94 6.16 -5.21
CA GLU A 78 -2.20 7.14 -6.26
C GLU A 78 -2.23 6.47 -7.63
N GLU A 79 -1.67 5.27 -7.72
CA GLU A 79 -1.65 4.53 -8.96
C GLU A 79 -3.02 3.93 -9.28
N GLY A 80 -3.55 3.18 -8.33
CA GLY A 80 -4.85 2.56 -8.51
C GLY A 80 -5.99 3.55 -8.41
N ARG A 81 -5.88 4.50 -7.48
CA ARG A 81 -6.90 5.51 -7.28
C ARG A 81 -6.71 6.67 -8.25
N SER A 82 -5.55 7.33 -8.16
CA SER A 82 -5.24 8.47 -9.01
C SER A 82 -6.18 9.64 -8.72
N SER A 83 -5.61 10.73 -8.24
CA SER A 83 -6.39 11.93 -7.92
C SER A 83 -6.40 12.90 -9.09
N ARG A 84 -7.23 13.94 -8.98
CA ARG A 84 -7.34 14.94 -10.03
C ARG A 84 -6.47 16.15 -9.70
N HIS A 85 -6.66 16.70 -8.50
CA HIS A 85 -5.89 17.87 -8.07
C HIS A 85 -4.78 17.46 -7.12
N SER A 86 -3.53 17.67 -7.54
CA SER A 86 -2.38 17.32 -6.73
C SER A 86 -1.22 18.27 -7.00
N SER A 87 -1.10 19.32 -6.19
CA SER A 87 -0.03 20.30 -6.34
C SER A 87 1.19 19.92 -5.50
N GLY A 88 1.52 18.63 -5.49
CA GLY A 88 2.65 18.16 -4.73
C GLY A 88 3.92 18.12 -5.54
N PRO A 89 5.08 18.27 -4.86
CA PRO A 89 6.39 18.25 -5.52
C PRO A 89 6.76 16.87 -6.04
N SER A 90 7.76 16.82 -6.92
CA SER A 90 8.20 15.56 -7.49
C SER A 90 9.63 15.67 -8.01
N SER A 91 10.46 14.68 -7.69
CA SER A 91 11.85 14.67 -8.13
C SER A 91 11.99 14.09 -9.53
N GLY A 92 11.92 14.95 -10.54
CA GLY A 92 12.03 14.49 -11.91
C GLY A 92 11.32 15.42 -12.88
N GLY A 1 -15.44 12.17 3.87
CA GLY A 1 -14.75 11.52 4.97
C GLY A 1 -15.70 10.96 6.01
N SER A 2 -15.84 9.65 6.03
CA SER A 2 -16.73 8.99 6.98
C SER A 2 -16.01 8.69 8.29
N SER A 3 -16.72 8.84 9.40
CA SER A 3 -16.14 8.59 10.72
C SER A 3 -15.60 7.17 10.81
N GLY A 4 -14.34 7.06 11.21
CA GLY A 4 -13.72 5.75 11.32
C GLY A 4 -14.13 5.03 12.60
N SER A 5 -14.73 3.86 12.45
CA SER A 5 -15.19 3.08 13.59
C SER A 5 -14.17 3.16 14.74
N SER A 6 -12.94 2.75 14.46
CA SER A 6 -11.89 2.77 15.47
C SER A 6 -10.87 3.87 15.16
N GLY A 7 -10.37 3.88 13.92
CA GLY A 7 -9.41 4.88 13.53
C GLY A 7 -8.79 4.58 12.18
N MET A 8 -7.59 3.99 12.20
CA MET A 8 -6.89 3.65 10.97
C MET A 8 -6.88 4.83 10.00
N ALA A 9 -6.41 4.59 8.79
CA ALA A 9 -6.34 5.63 7.76
C ALA A 9 -7.31 5.34 6.62
N LEU A 10 -7.32 4.08 6.18
CA LEU A 10 -8.20 3.66 5.08
C LEU A 10 -9.37 2.83 5.61
N SER A 11 -10.50 2.94 4.93
CA SER A 11 -11.70 2.20 5.33
C SER A 11 -11.70 0.80 4.71
N LYS A 12 -12.55 -0.07 5.24
CA LYS A 12 -12.66 -1.43 4.75
C LYS A 12 -12.69 -1.46 3.23
N ARG A 13 -13.39 -0.50 2.63
CA ARG A 13 -13.49 -0.41 1.18
C ARG A 13 -12.18 0.08 0.57
N GLU A 14 -11.71 1.23 1.03
CA GLU A 14 -10.47 1.81 0.53
C GLU A 14 -9.40 0.73 0.36
N LEU A 15 -9.18 -0.05 1.41
CA LEU A 15 -8.18 -1.11 1.38
C LEU A 15 -8.66 -2.27 0.51
N ASP A 16 -9.97 -2.34 0.28
CA ASP A 16 -10.55 -3.39 -0.53
C ASP A 16 -10.02 -3.33 -1.97
N GLU A 17 -9.91 -2.11 -2.48
CA GLU A 17 -9.42 -1.91 -3.85
C GLU A 17 -7.93 -2.22 -3.94
N LEU A 18 -7.23 -2.10 -2.82
CA LEU A 18 -5.81 -2.37 -2.78
C LEU A 18 -5.53 -3.87 -2.74
N LYS A 19 -6.34 -4.59 -1.98
CA LYS A 19 -6.19 -6.04 -1.87
C LYS A 19 -5.85 -6.66 -3.22
N PRO A 20 -6.75 -6.48 -4.21
CA PRO A 20 -6.56 -7.01 -5.56
C PRO A 20 -5.45 -6.29 -6.31
N TRP A 21 -5.00 -5.17 -5.77
CA TRP A 21 -3.94 -4.39 -6.39
C TRP A 21 -2.58 -4.79 -5.84
N ILE A 22 -2.57 -5.34 -4.63
CA ILE A 22 -1.33 -5.77 -3.99
C ILE A 22 -1.04 -7.23 -4.28
N GLU A 23 -2.08 -8.05 -4.28
CA GLU A 23 -1.93 -9.47 -4.55
C GLU A 23 -1.29 -9.71 -5.91
N LYS A 24 -1.49 -8.76 -6.82
CA LYS A 24 -0.94 -8.86 -8.16
C LYS A 24 0.45 -8.21 -8.23
N THR A 25 0.67 -7.21 -7.40
CA THR A 25 1.95 -6.51 -7.37
C THR A 25 3.02 -7.35 -6.69
N VAL A 26 2.67 -7.93 -5.54
CA VAL A 26 3.60 -8.76 -4.79
C VAL A 26 4.13 -9.91 -5.66
N LYS A 27 3.28 -10.43 -6.53
CA LYS A 27 3.67 -11.52 -7.42
C LYS A 27 4.72 -11.06 -8.42
N ARG A 28 4.72 -9.76 -8.71
CA ARG A 28 5.68 -9.20 -9.66
C ARG A 28 7.01 -8.90 -8.98
N VAL A 29 6.96 -8.13 -7.90
CA VAL A 29 8.16 -7.77 -7.15
C VAL A 29 8.96 -9.02 -6.77
N LEU A 30 8.28 -9.98 -6.15
CA LEU A 30 8.93 -11.22 -5.73
C LEU A 30 8.98 -12.22 -6.88
N GLY A 31 7.99 -12.15 -7.77
CA GLY A 31 7.93 -13.05 -8.90
C GLY A 31 7.18 -14.33 -8.59
N PHE A 32 6.89 -14.54 -7.31
CA PHE A 32 6.17 -15.74 -6.87
C PHE A 32 4.99 -15.37 -5.98
N SER A 33 4.88 -14.09 -5.65
CA SER A 33 3.80 -13.60 -4.80
C SER A 33 3.86 -14.26 -3.43
N GLU A 34 3.31 -13.58 -2.43
CA GLU A 34 3.31 -14.09 -1.07
C GLU A 34 2.11 -13.55 -0.28
N PRO A 35 1.45 -14.43 0.47
CA PRO A 35 0.28 -14.07 1.29
C PRO A 35 0.65 -13.18 2.47
N THR A 36 1.65 -13.61 3.23
CA THR A 36 2.11 -12.86 4.40
C THR A 36 2.45 -11.42 4.02
N VAL A 37 3.05 -11.25 2.85
CA VAL A 37 3.43 -9.92 2.37
C VAL A 37 2.22 -9.08 2.06
N VAL A 38 1.29 -9.64 1.28
CA VAL A 38 0.06 -8.94 0.92
C VAL A 38 -0.55 -8.23 2.11
N THR A 39 -0.64 -8.95 3.23
CA THR A 39 -1.21 -8.40 4.45
C THR A 39 -0.31 -7.30 5.03
N ALA A 40 0.92 -7.68 5.36
CA ALA A 40 1.88 -6.74 5.92
C ALA A 40 1.75 -5.36 5.25
N ALA A 41 1.41 -5.37 3.97
CA ALA A 41 1.27 -4.13 3.22
C ALA A 41 -0.06 -3.44 3.54
N LEU A 42 -1.15 -4.20 3.43
CA LEU A 42 -2.47 -3.68 3.72
C LEU A 42 -2.52 -3.01 5.08
N ASN A 43 -1.78 -3.57 6.04
CA ASN A 43 -1.74 -3.02 7.39
C ASN A 43 -0.98 -1.69 7.41
N CYS A 44 0.14 -1.65 6.69
CA CYS A 44 0.96 -0.44 6.62
C CYS A 44 0.14 0.76 6.17
N VAL A 45 -0.25 0.75 4.90
CA VAL A 45 -1.05 1.84 4.33
C VAL A 45 -2.29 2.09 5.18
N GLY A 46 -2.89 1.01 5.69
CA GLY A 46 -4.08 1.15 6.49
C GLY A 46 -3.83 1.86 7.80
N LYS A 47 -2.69 1.58 8.41
CA LYS A 47 -2.32 2.21 9.68
C LYS A 47 -1.55 3.50 9.45
N GLY A 48 -1.73 4.08 8.26
CA GLY A 48 -1.04 5.32 7.93
C GLY A 48 0.46 5.24 8.17
N MET A 49 0.97 4.03 8.32
CA MET A 49 2.38 3.82 8.57
C MET A 49 3.23 4.65 7.60
N ASP A 50 4.49 4.86 7.95
CA ASP A 50 5.40 5.63 7.12
C ASP A 50 6.39 4.72 6.39
N LYS A 51 6.86 5.17 5.24
CA LYS A 51 7.82 4.40 4.45
C LYS A 51 8.85 3.72 5.35
N LYS A 52 9.28 4.45 6.38
CA LYS A 52 10.27 3.92 7.32
C LYS A 52 9.68 2.79 8.15
N LYS A 53 8.48 3.01 8.67
CA LYS A 53 7.80 2.00 9.49
C LYS A 53 7.43 0.78 8.64
N ALA A 54 6.56 0.98 7.67
CA ALA A 54 6.13 -0.10 6.79
C ALA A 54 7.26 -1.09 6.53
N ALA A 55 8.37 -0.58 6.00
CA ALA A 55 9.53 -1.42 5.71
C ALA A 55 9.81 -2.38 6.86
N ASP A 56 9.74 -1.87 8.08
CA ASP A 56 9.99 -2.69 9.27
C ASP A 56 9.01 -3.86 9.33
N HIS A 57 7.78 -3.62 8.90
CA HIS A 57 6.75 -4.66 8.91
C HIS A 57 6.89 -5.58 7.71
N LEU A 58 7.56 -5.09 6.67
CA LEU A 58 7.77 -5.87 5.46
C LEU A 58 9.18 -6.45 5.42
N LYS A 59 9.93 -6.21 6.48
CA LYS A 59 11.30 -6.71 6.58
C LYS A 59 11.32 -8.23 6.61
N PRO A 60 10.64 -8.83 7.60
CA PRO A 60 10.57 -10.27 7.76
C PRO A 60 9.74 -10.93 6.67
N PHE A 61 9.12 -10.11 5.82
CA PHE A 61 8.28 -10.62 4.73
C PHE A 61 8.96 -10.38 3.39
N LEU A 62 9.85 -9.40 3.33
CA LEU A 62 10.56 -9.07 2.10
C LEU A 62 12.04 -8.84 2.37
N ASP A 63 12.34 -7.99 3.35
CA ASP A 63 13.72 -7.69 3.71
C ASP A 63 14.49 -7.15 2.52
N ASP A 64 14.90 -8.05 1.63
CA ASP A 64 15.66 -7.65 0.44
C ASP A 64 14.74 -7.03 -0.60
N SER A 65 13.45 -7.30 -0.48
CA SER A 65 12.45 -6.78 -1.41
C SER A 65 11.49 -5.83 -0.71
N THR A 66 11.99 -5.13 0.32
CA THR A 66 11.18 -4.19 1.07
C THR A 66 11.25 -2.79 0.48
N LEU A 67 12.38 -2.12 0.71
CA LEU A 67 12.58 -0.77 0.19
C LEU A 67 12.09 -0.65 -1.24
N ARG A 68 12.18 -1.76 -1.99
CA ARG A 68 11.75 -1.78 -3.38
C ARG A 68 10.25 -2.01 -3.47
N PHE A 69 9.71 -2.86 -2.60
CA PHE A 69 8.29 -3.16 -2.59
C PHE A 69 7.50 -1.98 -2.02
N VAL A 70 7.68 -1.72 -0.74
CA VAL A 70 6.99 -0.62 -0.08
C VAL A 70 6.95 0.62 -0.96
N ASP A 71 7.99 0.81 -1.76
CA ASP A 71 8.08 1.95 -2.66
C ASP A 71 6.90 1.96 -3.63
N LYS A 72 6.56 0.79 -4.16
CA LYS A 72 5.47 0.66 -5.11
C LYS A 72 4.11 0.74 -4.39
N LEU A 73 4.06 0.20 -3.18
CA LEU A 73 2.84 0.20 -2.39
C LEU A 73 2.33 1.62 -2.19
N PHE A 74 3.14 2.45 -1.54
CA PHE A 74 2.78 3.84 -1.29
C PHE A 74 2.30 4.52 -2.56
N GLU A 75 3.08 4.38 -3.63
CA GLU A 75 2.73 5.00 -4.90
C GLU A 75 1.46 4.36 -5.47
N ALA A 76 1.12 3.17 -4.99
CA ALA A 76 -0.06 2.47 -5.46
C ALA A 76 -1.33 3.27 -5.15
N VAL A 77 -1.40 3.81 -3.95
CA VAL A 77 -2.56 4.61 -3.54
C VAL A 77 -2.93 5.63 -4.62
N GLU A 78 -1.93 6.24 -5.22
CA GLU A 78 -2.15 7.22 -6.27
C GLU A 78 -2.22 6.57 -7.64
N GLU A 79 -1.68 5.35 -7.74
CA GLU A 79 -1.68 4.62 -8.99
C GLU A 79 -3.06 4.05 -9.29
N GLY A 80 -3.56 3.22 -8.37
CA GLY A 80 -4.87 2.63 -8.55
C GLY A 80 -5.99 3.64 -8.46
N ARG A 81 -5.89 4.54 -7.49
CA ARG A 81 -6.91 5.58 -7.30
C ARG A 81 -6.74 6.71 -8.31
N SER A 82 -5.61 7.41 -8.22
CA SER A 82 -5.32 8.52 -9.12
C SER A 82 -6.25 9.70 -8.83
N SER A 83 -5.71 10.72 -8.19
CA SER A 83 -6.48 11.90 -7.85
C SER A 83 -5.58 12.99 -7.24
N ARG A 84 -5.17 13.93 -8.07
CA ARG A 84 -4.31 15.02 -7.61
C ARG A 84 -4.63 16.32 -8.34
N HIS A 85 -5.19 17.28 -7.62
CA HIS A 85 -5.55 18.56 -8.20
C HIS A 85 -4.71 19.69 -7.60
N SER A 86 -3.42 19.41 -7.40
CA SER A 86 -2.50 20.39 -6.84
C SER A 86 -2.15 21.46 -7.87
N SER A 87 -2.41 22.72 -7.53
CA SER A 87 -2.12 23.83 -8.43
C SER A 87 -0.76 24.44 -8.11
N GLY A 88 0.23 24.13 -8.95
CA GLY A 88 1.56 24.65 -8.74
C GLY A 88 2.63 23.58 -8.75
N PRO A 89 2.87 22.99 -9.93
CA PRO A 89 3.87 21.92 -10.09
C PRO A 89 5.29 22.43 -9.95
N SER A 90 5.46 23.74 -10.10
CA SER A 90 6.78 24.36 -9.99
C SER A 90 6.88 25.21 -8.73
N SER A 91 6.00 26.21 -8.64
CA SER A 91 5.99 27.11 -7.48
C SER A 91 7.36 27.74 -7.27
N GLY A 92 7.62 28.82 -8.00
CA GLY A 92 8.90 29.50 -7.88
C GLY A 92 8.76 31.01 -8.00
N GLY A 1 -16.71 -10.07 15.12
CA GLY A 1 -16.48 -9.06 14.12
C GLY A 1 -15.68 -7.89 14.64
N SER A 2 -14.84 -7.32 13.77
CA SER A 2 -14.00 -6.18 14.16
C SER A 2 -14.83 -4.91 14.30
N SER A 3 -14.78 -4.31 15.48
CA SER A 3 -15.53 -3.09 15.74
C SER A 3 -14.71 -2.14 16.61
N GLY A 4 -14.59 -0.89 16.14
CA GLY A 4 -13.83 0.11 16.88
C GLY A 4 -12.50 0.43 16.22
N SER A 5 -12.32 1.70 15.86
CA SER A 5 -11.09 2.14 15.21
C SER A 5 -10.32 3.09 16.11
N SER A 6 -9.11 3.44 15.69
CA SER A 6 -8.26 4.34 16.46
C SER A 6 -7.37 5.16 15.53
N GLY A 7 -7.88 5.50 14.36
CA GLY A 7 -7.12 6.28 13.40
C GLY A 7 -7.25 5.76 11.99
N MET A 8 -6.22 5.06 11.52
CA MET A 8 -6.23 4.50 10.17
C MET A 8 -6.24 5.61 9.13
N ALA A 9 -6.16 5.22 7.86
CA ALA A 9 -6.17 6.19 6.76
C ALA A 9 -7.14 5.75 5.66
N LEU A 10 -7.11 4.47 5.33
CA LEU A 10 -7.99 3.94 4.29
C LEU A 10 -9.13 3.14 4.90
N SER A 11 -10.28 3.13 4.22
CA SER A 11 -11.44 2.39 4.70
C SER A 11 -11.52 1.01 4.06
N LYS A 12 -12.57 0.26 4.41
CA LYS A 12 -12.75 -1.08 3.87
C LYS A 12 -12.90 -1.05 2.36
N ARG A 13 -13.46 0.04 1.84
CA ARG A 13 -13.65 0.19 0.40
C ARG A 13 -12.37 0.68 -0.27
N GLU A 14 -11.69 1.62 0.38
CA GLU A 14 -10.45 2.17 -0.14
C GLU A 14 -9.38 1.09 -0.28
N LEU A 15 -9.16 0.35 0.80
CA LEU A 15 -8.16 -0.72 0.80
C LEU A 15 -8.60 -1.87 -0.11
N ASP A 16 -9.90 -2.10 -0.17
CA ASP A 16 -10.44 -3.17 -1.00
C ASP A 16 -9.92 -3.06 -2.43
N GLU A 17 -9.95 -1.85 -2.99
CA GLU A 17 -9.48 -1.63 -4.34
C GLU A 17 -7.99 -1.92 -4.46
N LEU A 18 -7.29 -1.84 -3.34
CA LEU A 18 -5.85 -2.10 -3.31
C LEU A 18 -5.57 -3.60 -3.23
N LYS A 19 -6.46 -4.33 -2.57
CA LYS A 19 -6.32 -5.77 -2.41
C LYS A 19 -5.84 -6.41 -3.71
N PRO A 20 -6.64 -6.25 -4.78
CA PRO A 20 -6.32 -6.80 -6.10
C PRO A 20 -5.14 -6.09 -6.75
N TRP A 21 -4.76 -4.94 -6.19
CA TRP A 21 -3.64 -4.17 -6.73
C TRP A 21 -2.34 -4.57 -6.05
N ILE A 22 -2.44 -5.09 -4.83
CA ILE A 22 -1.26 -5.51 -4.09
C ILE A 22 -0.98 -7.00 -4.30
N GLU A 23 -2.05 -7.80 -4.32
CA GLU A 23 -1.91 -9.23 -4.51
C GLU A 23 -1.13 -9.54 -5.78
N LYS A 24 -1.27 -8.69 -6.78
CA LYS A 24 -0.58 -8.87 -8.06
C LYS A 24 0.83 -8.30 -7.99
N THR A 25 0.96 -7.10 -7.41
CA THR A 25 2.24 -6.45 -7.28
C THR A 25 3.25 -7.34 -6.56
N VAL A 26 2.90 -7.74 -5.34
CA VAL A 26 3.78 -8.60 -4.55
C VAL A 26 4.31 -9.76 -5.39
N LYS A 27 3.51 -10.22 -6.34
CA LYS A 27 3.91 -11.32 -7.21
C LYS A 27 4.98 -10.88 -8.20
N ARG A 28 4.86 -9.64 -8.68
CA ARG A 28 5.82 -9.10 -9.63
C ARG A 28 7.14 -8.75 -8.94
N VAL A 29 7.04 -8.16 -7.75
CA VAL A 29 8.22 -7.79 -6.98
C VAL A 29 9.02 -9.01 -6.57
N LEU A 30 8.34 -9.97 -5.97
CA LEU A 30 9.00 -11.21 -5.52
C LEU A 30 9.07 -12.22 -6.65
N GLY A 31 8.06 -12.21 -7.52
CA GLY A 31 8.04 -13.14 -8.63
C GLY A 31 7.23 -14.39 -8.33
N PHE A 32 6.73 -14.48 -7.10
CA PHE A 32 5.95 -15.64 -6.68
C PHE A 32 4.69 -15.20 -5.96
N SER A 33 4.78 -14.08 -5.23
CA SER A 33 3.65 -13.57 -4.48
C SER A 33 3.52 -14.26 -3.14
N GLU A 34 3.55 -13.48 -2.06
CA GLU A 34 3.43 -14.01 -0.72
C GLU A 34 2.17 -13.50 -0.03
N PRO A 35 1.43 -14.41 0.62
CA PRO A 35 0.20 -14.07 1.34
C PRO A 35 0.46 -13.25 2.60
N THR A 36 1.52 -13.60 3.32
CA THR A 36 1.88 -12.90 4.54
C THR A 36 2.32 -11.48 4.25
N VAL A 37 2.71 -11.23 3.01
CA VAL A 37 3.15 -9.90 2.60
C VAL A 37 1.96 -9.02 2.22
N VAL A 38 1.05 -9.58 1.43
CA VAL A 38 -0.14 -8.84 1.00
C VAL A 38 -0.82 -8.16 2.18
N THR A 39 -0.83 -8.84 3.32
CA THR A 39 -1.45 -8.30 4.53
C THR A 39 -0.61 -7.16 5.12
N ALA A 40 0.66 -7.45 5.39
CA ALA A 40 1.56 -6.46 5.96
C ALA A 40 1.45 -5.13 5.21
N ALA A 41 1.11 -5.21 3.93
CA ALA A 41 0.98 -4.01 3.10
C ALA A 41 -0.37 -3.34 3.34
N LEU A 42 -1.44 -4.11 3.24
CA LEU A 42 -2.78 -3.58 3.45
C LEU A 42 -2.90 -2.86 4.79
N ASN A 43 -2.23 -3.42 5.80
CA ASN A 43 -2.25 -2.83 7.14
C ASN A 43 -1.43 -1.55 7.18
N CYS A 44 -0.25 -1.59 6.56
CA CYS A 44 0.63 -0.44 6.52
C CYS A 44 -0.12 0.82 6.09
N VAL A 45 -0.47 0.87 4.81
CA VAL A 45 -1.19 2.02 4.27
C VAL A 45 -2.43 2.33 5.10
N GLY A 46 -3.13 1.28 5.52
CA GLY A 46 -4.33 1.46 6.32
C GLY A 46 -4.04 2.12 7.66
N LYS A 47 -2.88 1.82 8.23
CA LYS A 47 -2.49 2.39 9.51
C LYS A 47 -1.64 3.64 9.31
N GLY A 48 -1.78 4.27 8.15
CA GLY A 48 -1.03 5.47 7.85
C GLY A 48 0.46 5.31 8.13
N MET A 49 0.90 4.07 8.25
CA MET A 49 2.30 3.77 8.51
C MET A 49 3.21 4.67 7.66
N ASP A 50 4.49 4.72 8.03
CA ASP A 50 5.46 5.54 7.29
C ASP A 50 6.46 4.65 6.55
N LYS A 51 6.90 5.11 5.39
CA LYS A 51 7.86 4.37 4.58
C LYS A 51 8.91 3.71 5.48
N LYS A 52 9.30 4.38 6.55
CA LYS A 52 10.29 3.85 7.48
C LYS A 52 9.77 2.61 8.19
N LYS A 53 8.71 2.79 8.98
CA LYS A 53 8.11 1.69 9.72
C LYS A 53 7.74 0.54 8.77
N ALA A 54 6.87 0.83 7.82
CA ALA A 54 6.43 -0.16 6.85
C ALA A 54 7.58 -1.10 6.48
N ALA A 55 8.67 -0.52 5.99
CA ALA A 55 9.84 -1.31 5.60
C ALA A 55 10.13 -2.39 6.62
N ASP A 56 10.26 -2.00 7.88
CA ASP A 56 10.55 -2.94 8.95
C ASP A 56 9.49 -4.02 9.04
N HIS A 57 8.25 -3.65 8.70
CA HIS A 57 7.14 -4.59 8.73
C HIS A 57 7.24 -5.60 7.59
N LEU A 58 7.74 -5.13 6.45
CA LEU A 58 7.90 -6.00 5.28
C LEU A 58 9.34 -6.50 5.16
N LYS A 59 10.14 -6.23 6.18
CA LYS A 59 11.53 -6.66 6.19
C LYS A 59 11.63 -8.18 6.27
N PRO A 60 11.07 -8.76 7.34
CA PRO A 60 11.08 -10.21 7.56
C PRO A 60 10.19 -10.95 6.57
N PHE A 61 9.47 -10.19 5.74
CA PHE A 61 8.58 -10.78 4.75
C PHE A 61 9.14 -10.59 3.34
N LEU A 62 9.91 -9.52 3.16
CA LEU A 62 10.50 -9.22 1.86
C LEU A 62 12.02 -9.05 1.98
N ASP A 63 12.44 -8.29 2.98
CA ASP A 63 13.86 -8.04 3.21
C ASP A 63 14.51 -7.48 1.95
N ASP A 64 14.93 -8.36 1.05
CA ASP A 64 15.57 -7.95 -0.19
C ASP A 64 14.58 -7.22 -1.10
N SER A 65 13.30 -7.36 -0.80
CA SER A 65 12.26 -6.70 -1.59
C SER A 65 11.38 -5.83 -0.71
N THR A 66 12.00 -5.19 0.28
CA THR A 66 11.27 -4.32 1.20
C THR A 66 11.26 -2.88 0.69
N LEU A 67 12.40 -2.20 0.82
CA LEU A 67 12.51 -0.82 0.37
C LEU A 67 11.98 -0.66 -1.05
N ARG A 68 12.20 -1.67 -1.88
CA ARG A 68 11.73 -1.64 -3.26
C ARG A 68 10.23 -1.86 -3.33
N PHE A 69 9.72 -2.76 -2.51
CA PHE A 69 8.29 -3.06 -2.48
C PHE A 69 7.51 -1.91 -1.86
N VAL A 70 7.68 -1.73 -0.55
CA VAL A 70 6.99 -0.66 0.17
C VAL A 70 6.87 0.60 -0.70
N ASP A 71 7.88 0.85 -1.52
CA ASP A 71 7.88 2.00 -2.40
C ASP A 71 6.73 1.93 -3.40
N LYS A 72 6.55 0.76 -4.00
CA LYS A 72 5.49 0.57 -4.98
C LYS A 72 4.12 0.59 -4.31
N LEU A 73 4.09 0.21 -3.04
CA LEU A 73 2.84 0.19 -2.28
C LEU A 73 2.33 1.60 -2.03
N PHE A 74 3.17 2.45 -1.47
CA PHE A 74 2.80 3.83 -1.20
C PHE A 74 2.29 4.52 -2.45
N GLU A 75 2.99 4.32 -3.57
CA GLU A 75 2.61 4.92 -4.83
C GLU A 75 1.30 4.31 -5.35
N ALA A 76 1.07 3.06 -4.99
CA ALA A 76 -0.14 2.36 -5.42
C ALA A 76 -1.39 3.14 -5.03
N VAL A 77 -1.45 3.59 -3.78
CA VAL A 77 -2.59 4.34 -3.29
C VAL A 77 -3.09 5.32 -4.34
N GLU A 78 -2.17 5.92 -5.08
CA GLU A 78 -2.53 6.87 -6.12
C GLU A 78 -2.69 6.17 -7.48
N GLU A 79 -2.05 5.02 -7.61
CA GLU A 79 -2.12 4.25 -8.85
C GLU A 79 -3.41 3.45 -8.92
N GLY A 80 -3.60 2.55 -7.96
CA GLY A 80 -4.80 1.72 -7.93
C GLY A 80 -6.05 2.56 -7.80
N ARG A 81 -6.06 3.48 -6.85
CA ARG A 81 -7.21 4.34 -6.62
C ARG A 81 -7.36 5.36 -7.75
N SER A 82 -6.25 5.99 -8.12
CA SER A 82 -6.27 6.99 -9.18
C SER A 82 -6.84 8.31 -8.67
N SER A 83 -8.12 8.29 -8.32
CA SER A 83 -8.80 9.48 -7.82
C SER A 83 -10.18 9.14 -7.28
N ARG A 84 -10.97 8.43 -8.09
CA ARG A 84 -12.32 8.05 -7.70
C ARG A 84 -12.29 6.80 -6.82
N HIS A 85 -13.31 6.65 -5.98
CA HIS A 85 -13.40 5.50 -5.08
C HIS A 85 -14.82 5.33 -4.56
N SER A 86 -15.56 4.41 -5.19
CA SER A 86 -16.94 4.15 -4.79
C SER A 86 -17.81 5.38 -5.04
N SER A 87 -18.50 5.41 -6.17
CA SER A 87 -19.37 6.52 -6.52
C SER A 87 -20.05 7.09 -5.28
N GLY A 88 -20.54 6.20 -4.43
CA GLY A 88 -21.21 6.63 -3.21
C GLY A 88 -21.21 5.55 -2.14
N PRO A 89 -21.13 5.98 -0.87
CA PRO A 89 -21.14 5.05 0.27
C PRO A 89 -22.49 4.38 0.47
N SER A 90 -23.55 5.06 0.05
CA SER A 90 -24.90 4.53 0.19
C SER A 90 -24.96 3.07 -0.25
N SER A 91 -25.15 2.17 0.71
CA SER A 91 -25.23 0.74 0.43
C SER A 91 -25.89 -0.01 1.58
N GLY A 92 -26.94 0.58 2.14
CA GLY A 92 -27.64 -0.05 3.25
C GLY A 92 -27.45 0.69 4.55
N GLY A 1 -5.60 13.80 23.55
CA GLY A 1 -6.68 14.10 24.47
C GLY A 1 -7.92 13.28 24.18
N SER A 2 -8.82 13.84 23.37
CA SER A 2 -10.06 13.16 23.02
C SER A 2 -9.84 12.17 21.88
N SER A 3 -9.26 12.67 20.79
CA SER A 3 -8.99 11.82 19.62
C SER A 3 -7.52 11.90 19.23
N GLY A 4 -7.05 13.12 18.96
CA GLY A 4 -5.66 13.31 18.57
C GLY A 4 -5.53 13.81 17.15
N SER A 5 -6.25 13.18 16.24
CA SER A 5 -6.20 13.56 14.83
C SER A 5 -4.80 13.34 14.25
N SER A 6 -4.64 12.24 13.53
CA SER A 6 -3.36 11.90 12.93
C SER A 6 -3.48 10.71 11.99
N GLY A 7 -2.52 10.57 11.08
CA GLY A 7 -2.55 9.46 10.13
C GLY A 7 -3.63 9.64 9.08
N MET A 8 -3.48 8.94 7.96
CA MET A 8 -4.44 9.01 6.88
C MET A 8 -5.55 7.98 7.06
N ALA A 9 -5.17 6.70 7.04
CA ALA A 9 -6.13 5.62 7.21
C ALA A 9 -7.09 5.55 6.03
N LEU A 10 -7.16 4.38 5.41
CA LEU A 10 -8.04 4.17 4.25
C LEU A 10 -9.36 3.55 4.70
N SER A 11 -10.38 3.70 3.85
CA SER A 11 -11.70 3.16 4.14
C SER A 11 -11.78 1.68 3.75
N LYS A 12 -12.76 0.98 4.31
CA LYS A 12 -12.95 -0.43 4.02
C LYS A 12 -12.96 -0.69 2.51
N ARG A 13 -13.42 0.30 1.76
CA ARG A 13 -13.48 0.20 0.30
C ARG A 13 -12.15 0.56 -0.33
N GLU A 14 -11.48 1.57 0.24
CA GLU A 14 -10.20 2.02 -0.27
C GLU A 14 -9.18 0.88 -0.28
N LEU A 15 -9.13 0.13 0.83
CA LEU A 15 -8.22 -0.98 0.96
C LEU A 15 -8.68 -2.17 0.12
N ASP A 16 -9.98 -2.25 -0.10
CA ASP A 16 -10.56 -3.34 -0.88
C ASP A 16 -10.04 -3.31 -2.32
N GLU A 17 -10.11 -2.12 -2.93
CA GLU A 17 -9.65 -1.95 -4.31
C GLU A 17 -8.15 -2.22 -4.42
N LEU A 18 -7.44 -2.07 -3.31
CA LEU A 18 -6.00 -2.29 -3.28
C LEU A 18 -5.69 -3.78 -3.16
N LYS A 19 -6.57 -4.52 -2.51
CA LYS A 19 -6.39 -5.96 -2.33
C LYS A 19 -5.96 -6.62 -3.63
N PRO A 20 -6.80 -6.48 -4.68
CA PRO A 20 -6.51 -7.05 -5.99
C PRO A 20 -5.37 -6.35 -6.70
N TRP A 21 -4.97 -5.19 -6.18
CA TRP A 21 -3.87 -4.42 -6.75
C TRP A 21 -2.55 -4.78 -6.10
N ILE A 22 -2.61 -5.27 -4.86
CA ILE A 22 -1.41 -5.65 -4.13
C ILE A 22 -1.14 -7.13 -4.28
N GLU A 23 -2.20 -7.92 -4.42
CA GLU A 23 -2.07 -9.36 -4.57
C GLU A 23 -1.31 -9.71 -5.85
N LYS A 24 -1.38 -8.82 -6.84
CA LYS A 24 -0.72 -9.04 -8.11
C LYS A 24 0.67 -8.39 -8.11
N THR A 25 0.77 -7.21 -7.48
CA THR A 25 2.02 -6.49 -7.40
C THR A 25 3.09 -7.30 -6.66
N VAL A 26 2.74 -7.74 -5.45
CA VAL A 26 3.67 -8.52 -4.63
C VAL A 26 4.25 -9.68 -5.43
N LYS A 27 3.49 -10.15 -6.42
CA LYS A 27 3.92 -11.26 -7.26
C LYS A 27 5.01 -10.82 -8.24
N ARG A 28 4.93 -9.56 -8.67
CA ARG A 28 5.90 -9.01 -9.61
C ARG A 28 7.20 -8.67 -8.90
N VAL A 29 7.10 -8.02 -7.75
CA VAL A 29 8.27 -7.63 -6.97
C VAL A 29 9.08 -8.86 -6.56
N LEU A 30 8.40 -9.84 -5.97
CA LEU A 30 9.05 -11.06 -5.53
C LEU A 30 9.14 -12.07 -6.67
N GLY A 31 8.14 -12.06 -7.54
CA GLY A 31 8.13 -12.98 -8.66
C GLY A 31 7.35 -14.25 -8.37
N PHE A 32 6.94 -14.41 -7.11
CA PHE A 32 6.18 -15.58 -6.70
C PHE A 32 4.89 -15.18 -5.99
N SER A 33 4.94 -14.04 -5.30
CA SER A 33 3.77 -13.54 -4.58
C SER A 33 3.62 -14.26 -3.23
N GLU A 34 3.49 -13.49 -2.16
CA GLU A 34 3.34 -14.05 -0.82
C GLU A 34 2.05 -13.56 -0.17
N PRO A 35 1.33 -14.48 0.49
CA PRO A 35 0.08 -14.16 1.17
C PRO A 35 0.29 -13.31 2.41
N THR A 36 1.29 -13.67 3.21
CA THR A 36 1.60 -12.94 4.43
C THR A 36 2.01 -11.50 4.11
N VAL A 37 2.60 -11.30 2.94
CA VAL A 37 3.04 -9.97 2.52
C VAL A 37 1.86 -9.10 2.13
N VAL A 38 0.94 -9.67 1.34
CA VAL A 38 -0.24 -8.94 0.90
C VAL A 38 -0.91 -8.21 2.06
N THR A 39 -0.95 -8.86 3.22
CA THR A 39 -1.56 -8.27 4.41
C THR A 39 -0.64 -7.25 5.05
N ALA A 40 0.64 -7.61 5.19
CA ALA A 40 1.63 -6.72 5.78
C ALA A 40 1.62 -5.35 5.10
N ALA A 41 1.10 -5.31 3.88
CA ALA A 41 1.03 -4.06 3.12
C ALA A 41 -0.27 -3.34 3.40
N LEU A 42 -1.39 -4.04 3.27
CA LEU A 42 -2.71 -3.46 3.52
C LEU A 42 -2.78 -2.82 4.89
N ASN A 43 -2.12 -3.44 5.87
CA ASN A 43 -2.10 -2.92 7.23
C ASN A 43 -1.29 -1.64 7.32
N CYS A 44 -0.13 -1.64 6.67
CA CYS A 44 0.75 -0.47 6.68
C CYS A 44 -0.01 0.78 6.27
N VAL A 45 -0.37 0.86 4.99
CA VAL A 45 -1.10 2.01 4.47
C VAL A 45 -2.34 2.29 5.31
N GLY A 46 -3.00 1.23 5.75
CA GLY A 46 -4.20 1.39 6.55
C GLY A 46 -3.92 2.03 7.89
N LYS A 47 -2.72 1.79 8.42
CA LYS A 47 -2.34 2.36 9.71
C LYS A 47 -1.51 3.62 9.52
N GLY A 48 -1.60 4.21 8.32
CA GLY A 48 -0.86 5.43 8.04
C GLY A 48 0.63 5.27 8.28
N MET A 49 1.08 4.02 8.38
CA MET A 49 2.49 3.74 8.60
C MET A 49 3.37 4.62 7.73
N ASP A 50 4.63 4.78 8.12
CA ASP A 50 5.56 5.60 7.37
C ASP A 50 6.59 4.72 6.65
N LYS A 51 7.01 5.16 5.47
CA LYS A 51 7.99 4.43 4.67
C LYS A 51 9.03 3.76 5.58
N LYS A 52 9.37 4.43 6.67
CA LYS A 52 10.35 3.91 7.61
C LYS A 52 9.82 2.67 8.32
N LYS A 53 8.72 2.84 9.06
CA LYS A 53 8.10 1.73 9.79
C LYS A 53 7.74 0.60 8.84
N ALA A 54 6.94 0.90 7.83
CA ALA A 54 6.53 -0.10 6.85
C ALA A 54 7.68 -1.05 6.51
N ALA A 55 8.79 -0.47 6.05
CA ALA A 55 9.95 -1.25 5.69
C ALA A 55 10.24 -2.33 6.74
N ASP A 56 10.37 -1.92 7.99
CA ASP A 56 10.64 -2.85 9.08
C ASP A 56 9.53 -3.89 9.19
N HIS A 57 8.30 -3.48 8.90
CA HIS A 57 7.16 -4.37 8.96
C HIS A 57 7.21 -5.41 7.84
N LEU A 58 7.71 -4.98 6.68
CA LEU A 58 7.82 -5.87 5.52
C LEU A 58 9.24 -6.40 5.37
N LYS A 59 10.08 -6.12 6.36
CA LYS A 59 11.47 -6.56 6.33
C LYS A 59 11.56 -8.08 6.35
N PRO A 60 11.01 -8.68 7.42
CA PRO A 60 11.01 -10.15 7.59
C PRO A 60 10.07 -10.84 6.60
N PHE A 61 9.35 -10.05 5.82
CA PHE A 61 8.42 -10.59 4.83
C PHE A 61 9.00 -10.47 3.43
N LEU A 62 9.76 -9.40 3.20
CA LEU A 62 10.37 -9.16 1.89
C LEU A 62 11.88 -9.02 2.02
N ASP A 63 12.32 -8.24 2.99
CA ASP A 63 13.75 -8.04 3.22
C ASP A 63 14.43 -7.51 1.96
N ASP A 64 14.82 -8.42 1.07
CA ASP A 64 15.48 -8.05 -0.17
C ASP A 64 14.53 -7.27 -1.08
N SER A 65 13.22 -7.41 -0.82
CA SER A 65 12.22 -6.72 -1.62
C SER A 65 11.35 -5.82 -0.74
N THR A 66 11.96 -5.27 0.31
CA THR A 66 11.25 -4.39 1.24
C THR A 66 11.28 -2.94 0.75
N LEU A 67 12.42 -2.31 0.90
CA LEU A 67 12.59 -0.92 0.47
C LEU A 67 12.07 -0.72 -0.94
N ARG A 68 12.23 -1.74 -1.78
CA ARG A 68 11.77 -1.67 -3.17
C ARG A 68 10.26 -1.83 -3.25
N PHE A 69 9.73 -2.80 -2.49
CA PHE A 69 8.29 -3.05 -2.48
C PHE A 69 7.53 -1.85 -1.92
N VAL A 70 7.66 -1.63 -0.62
CA VAL A 70 6.99 -0.51 0.04
C VAL A 70 6.97 0.73 -0.85
N ASP A 71 8.05 0.91 -1.61
CA ASP A 71 8.15 2.05 -2.51
C ASP A 71 6.99 2.09 -3.48
N LYS A 72 6.67 0.95 -4.07
CA LYS A 72 5.57 0.85 -5.03
C LYS A 72 4.22 0.95 -4.31
N LEU A 73 4.10 0.25 -3.20
CA LEU A 73 2.86 0.26 -2.42
C LEU A 73 2.36 1.69 -2.23
N PHE A 74 3.16 2.51 -1.56
CA PHE A 74 2.79 3.90 -1.31
C PHE A 74 2.30 4.57 -2.59
N GLU A 75 3.04 4.38 -3.68
CA GLU A 75 2.68 4.97 -4.96
C GLU A 75 1.42 4.31 -5.53
N ALA A 76 1.14 3.10 -5.08
CA ALA A 76 -0.04 2.37 -5.53
C ALA A 76 -1.31 3.12 -5.19
N VAL A 77 -1.38 3.65 -3.97
CA VAL A 77 -2.55 4.40 -3.52
C VAL A 77 -3.06 5.34 -4.63
N GLU A 78 -2.13 5.91 -5.37
CA GLU A 78 -2.48 6.84 -6.45
C GLU A 78 -2.64 6.08 -7.77
N GLU A 79 -2.06 4.89 -7.84
CA GLU A 79 -2.14 4.07 -9.05
C GLU A 79 -3.47 3.33 -9.12
N GLY A 80 -3.75 2.52 -8.11
CA GLY A 80 -4.99 1.77 -8.07
C GLY A 80 -6.21 2.66 -7.95
N ARG A 81 -6.08 3.73 -7.17
CA ARG A 81 -7.18 4.66 -6.96
C ARG A 81 -7.22 5.70 -8.08
N SER A 82 -6.14 6.47 -8.22
CA SER A 82 -6.06 7.49 -9.25
C SER A 82 -6.86 8.73 -8.84
N SER A 83 -8.14 8.53 -8.53
CA SER A 83 -9.01 9.63 -8.14
C SER A 83 -9.44 10.45 -9.35
N ARG A 84 -8.45 10.90 -10.13
CA ARG A 84 -8.73 11.69 -11.32
C ARG A 84 -7.56 11.64 -12.29
N HIS A 85 -7.54 10.63 -13.15
CA HIS A 85 -6.47 10.47 -14.13
C HIS A 85 -6.30 11.74 -14.97
N SER A 86 -7.36 12.12 -15.68
CA SER A 86 -7.34 13.31 -16.51
C SER A 86 -8.22 14.41 -15.93
N SER A 87 -7.69 15.63 -15.89
CA SER A 87 -8.42 16.77 -15.35
C SER A 87 -9.69 17.03 -16.16
N GLY A 88 -10.84 16.83 -15.53
CA GLY A 88 -12.11 17.04 -16.20
C GLY A 88 -12.38 18.51 -16.47
N PRO A 89 -12.91 18.81 -17.67
CA PRO A 89 -13.22 20.18 -18.06
C PRO A 89 -14.40 20.75 -17.29
N SER A 90 -15.16 19.88 -16.64
CA SER A 90 -16.33 20.30 -15.87
C SER A 90 -16.47 19.46 -14.60
N SER A 91 -17.48 19.77 -13.80
CA SER A 91 -17.72 19.04 -12.56
C SER A 91 -18.94 18.14 -12.69
N GLY A 92 -18.73 16.95 -13.24
CA GLY A 92 -19.83 16.01 -13.41
C GLY A 92 -19.42 14.78 -14.19
N GLY A 1 -10.27 13.94 0.82
CA GLY A 1 -9.00 14.15 1.50
C GLY A 1 -8.87 15.56 2.06
N SER A 2 -7.86 15.77 2.89
CA SER A 2 -7.63 17.07 3.51
C SER A 2 -6.15 17.26 3.84
N SER A 3 -5.54 16.23 4.42
CA SER A 3 -4.13 16.29 4.79
C SER A 3 -3.69 14.99 5.46
N GLY A 4 -2.40 14.88 5.73
CA GLY A 4 -1.87 13.68 6.37
C GLY A 4 -0.63 13.97 7.19
N SER A 5 -0.82 14.28 8.47
CA SER A 5 0.29 14.58 9.36
C SER A 5 0.82 13.30 10.01
N SER A 6 -0.04 12.63 10.77
CA SER A 6 0.34 11.39 11.45
C SER A 6 0.22 10.20 10.51
N GLY A 7 -1.00 9.97 10.00
CA GLY A 7 -1.23 8.86 9.10
C GLY A 7 -2.22 9.20 8.01
N MET A 8 -3.20 8.32 7.81
CA MET A 8 -4.22 8.53 6.79
C MET A 8 -5.44 7.66 7.05
N ALA A 9 -5.21 6.39 7.33
CA ALA A 9 -6.30 5.45 7.61
C ALA A 9 -7.26 5.36 6.43
N LEU A 10 -7.39 4.16 5.87
CA LEU A 10 -8.28 3.94 4.73
C LEU A 10 -9.54 3.21 5.16
N SER A 11 -10.58 3.30 4.34
CA SER A 11 -11.85 2.65 4.63
C SER A 11 -11.86 1.21 4.10
N LYS A 12 -12.73 0.38 4.69
CA LYS A 12 -12.84 -1.01 4.28
C LYS A 12 -12.89 -1.12 2.75
N ARG A 13 -13.72 -0.30 2.13
CA ARG A 13 -13.86 -0.31 0.68
C ARG A 13 -12.58 0.19 0.01
N GLU A 14 -11.97 1.21 0.59
CA GLU A 14 -10.73 1.78 0.05
C GLU A 14 -9.64 0.71 -0.04
N LEU A 15 -9.39 0.04 1.07
CA LEU A 15 -8.36 -1.00 1.12
C LEU A 15 -8.73 -2.16 0.22
N ASP A 16 -10.02 -2.46 0.14
CA ASP A 16 -10.51 -3.56 -0.70
C ASP A 16 -10.04 -3.38 -2.14
N GLU A 17 -9.94 -2.12 -2.58
CA GLU A 17 -9.51 -1.82 -3.94
C GLU A 17 -8.01 -2.03 -4.09
N LEU A 18 -7.32 -2.18 -2.97
CA LEU A 18 -5.88 -2.40 -2.98
C LEU A 18 -5.54 -3.88 -2.94
N LYS A 19 -6.36 -4.65 -2.24
CA LYS A 19 -6.16 -6.10 -2.14
C LYS A 19 -5.76 -6.69 -3.48
N PRO A 20 -6.63 -6.54 -4.48
CA PRO A 20 -6.38 -7.05 -5.84
C PRO A 20 -5.26 -6.28 -6.55
N TRP A 21 -4.88 -5.15 -5.98
CA TRP A 21 -3.82 -4.33 -6.57
C TRP A 21 -2.46 -4.68 -5.98
N ILE A 22 -2.47 -5.23 -4.77
CA ILE A 22 -1.24 -5.62 -4.09
C ILE A 22 -0.90 -7.09 -4.35
N GLU A 23 -1.94 -7.92 -4.41
CA GLU A 23 -1.76 -9.35 -4.66
C GLU A 23 -1.07 -9.59 -6.00
N LYS A 24 -1.40 -8.76 -6.98
CA LYS A 24 -0.82 -8.88 -8.31
C LYS A 24 0.57 -8.24 -8.36
N THR A 25 0.77 -7.24 -7.50
CA THR A 25 2.05 -6.54 -7.44
C THR A 25 3.12 -7.39 -6.77
N VAL A 26 2.76 -7.96 -5.61
CA VAL A 26 3.69 -8.81 -4.87
C VAL A 26 4.22 -9.95 -5.73
N LYS A 27 3.34 -10.50 -6.56
CA LYS A 27 3.72 -11.60 -7.44
C LYS A 27 4.75 -11.14 -8.47
N ARG A 28 4.84 -9.84 -8.69
CA ARG A 28 5.78 -9.27 -9.63
C ARG A 28 7.10 -8.94 -8.97
N VAL A 29 7.02 -8.30 -7.80
CA VAL A 29 8.22 -7.92 -7.05
C VAL A 29 9.00 -9.15 -6.61
N LEU A 30 8.28 -10.14 -6.09
CA LEU A 30 8.91 -11.38 -5.63
C LEU A 30 8.96 -12.41 -6.75
N GLY A 31 7.99 -12.37 -7.64
CA GLY A 31 7.94 -13.30 -8.75
C GLY A 31 7.11 -14.54 -8.45
N PHE A 32 6.85 -14.77 -7.16
CA PHE A 32 6.07 -15.92 -6.73
C PHE A 32 4.81 -15.47 -6.00
N SER A 33 4.87 -14.30 -5.40
CA SER A 33 3.73 -13.75 -4.67
C SER A 33 3.60 -14.41 -3.29
N GLU A 34 3.56 -13.58 -2.25
CA GLU A 34 3.45 -14.08 -0.89
C GLU A 34 2.20 -13.52 -0.21
N PRO A 35 1.45 -14.39 0.47
CA PRO A 35 0.22 -14.00 1.17
C PRO A 35 0.50 -13.16 2.41
N THR A 36 1.50 -13.58 3.19
CA THR A 36 1.87 -12.86 4.40
C THR A 36 2.26 -11.42 4.09
N VAL A 37 2.86 -11.22 2.92
CA VAL A 37 3.28 -9.89 2.49
C VAL A 37 2.09 -9.02 2.12
N VAL A 38 1.19 -9.57 1.31
CA VAL A 38 0.00 -8.85 0.87
C VAL A 38 -0.70 -8.20 2.06
N THR A 39 -0.73 -8.90 3.19
CA THR A 39 -1.37 -8.39 4.39
C THR A 39 -0.49 -7.34 5.08
N ALA A 40 0.81 -7.61 5.12
CA ALA A 40 1.75 -6.69 5.75
C ALA A 40 1.68 -5.31 5.10
N ALA A 41 1.16 -5.26 3.88
CA ALA A 41 1.04 -4.00 3.15
C ALA A 41 -0.31 -3.34 3.42
N LEU A 42 -1.37 -4.11 3.29
CA LEU A 42 -2.72 -3.60 3.53
C LEU A 42 -2.83 -2.96 4.90
N ASN A 43 -2.08 -3.48 5.85
CA ASN A 43 -2.10 -2.96 7.21
C ASN A 43 -1.34 -1.63 7.30
N CYS A 44 -0.16 -1.59 6.68
CA CYS A 44 0.65 -0.39 6.68
C CYS A 44 -0.16 0.82 6.25
N VAL A 45 -0.48 0.89 4.96
CA VAL A 45 -1.25 2.01 4.42
C VAL A 45 -2.51 2.25 5.25
N GLY A 46 -3.07 1.18 5.81
CA GLY A 46 -4.27 1.30 6.62
C GLY A 46 -3.99 1.95 7.97
N LYS A 47 -2.81 1.68 8.51
CA LYS A 47 -2.42 2.24 9.81
C LYS A 47 -1.66 3.54 9.63
N GLY A 48 -1.71 4.10 8.42
CA GLY A 48 -1.02 5.34 8.15
C GLY A 48 0.47 5.24 8.39
N MET A 49 0.97 4.02 8.50
CA MET A 49 2.40 3.80 8.73
C MET A 49 3.24 4.67 7.81
N ASP A 50 4.52 4.78 8.13
CA ASP A 50 5.44 5.58 7.33
C ASP A 50 6.44 4.69 6.58
N LYS A 51 6.87 5.15 5.41
CA LYS A 51 7.82 4.40 4.60
C LYS A 51 8.90 3.76 5.48
N LYS A 52 9.27 4.46 6.54
CA LYS A 52 10.29 3.96 7.46
C LYS A 52 9.78 2.75 8.23
N LYS A 53 8.64 2.91 8.90
CA LYS A 53 8.05 1.84 9.67
C LYS A 53 7.66 0.66 8.78
N ALA A 54 6.80 0.93 7.79
CA ALA A 54 6.36 -0.10 6.87
C ALA A 54 7.48 -1.09 6.57
N ALA A 55 8.61 -0.58 6.09
CA ALA A 55 9.75 -1.42 5.76
C ALA A 55 10.06 -2.39 6.90
N ASP A 56 10.24 -1.84 8.09
CA ASP A 56 10.55 -2.66 9.27
C ASP A 56 9.54 -3.79 9.41
N HIS A 57 8.30 -3.53 9.04
CA HIS A 57 7.24 -4.52 9.13
C HIS A 57 7.29 -5.48 7.94
N LEU A 58 7.82 -4.99 6.82
CA LEU A 58 7.92 -5.81 5.61
C LEU A 58 9.32 -6.42 5.49
N LYS A 59 10.16 -6.17 6.49
CA LYS A 59 11.52 -6.70 6.50
C LYS A 59 11.50 -8.23 6.53
N PRO A 60 10.87 -8.79 7.56
CA PRO A 60 10.77 -10.24 7.73
C PRO A 60 9.85 -10.89 6.69
N PHE A 61 9.22 -10.06 5.87
CA PHE A 61 8.31 -10.55 4.84
C PHE A 61 8.93 -10.39 3.46
N LEU A 62 9.80 -9.39 3.31
CA LEU A 62 10.47 -9.13 2.05
C LEU A 62 11.96 -8.94 2.24
N ASP A 63 12.33 -8.03 3.14
CA ASP A 63 13.74 -7.76 3.42
C ASP A 63 14.45 -7.26 2.18
N ASP A 64 14.89 -8.19 1.34
CA ASP A 64 15.59 -7.84 0.10
C ASP A 64 14.65 -7.18 -0.90
N SER A 65 13.34 -7.31 -0.65
CA SER A 65 12.34 -6.73 -1.53
C SER A 65 11.42 -5.80 -0.76
N THR A 66 11.97 -5.13 0.25
CA THR A 66 11.20 -4.21 1.07
C THR A 66 11.27 -2.79 0.51
N LEU A 67 12.41 -2.15 0.69
CA LEU A 67 12.62 -0.79 0.20
C LEU A 67 12.08 -0.63 -1.23
N ARG A 68 12.18 -1.71 -2.00
CA ARG A 68 11.71 -1.70 -3.38
C ARG A 68 10.20 -1.88 -3.44
N PHE A 69 9.69 -2.81 -2.65
CA PHE A 69 8.26 -3.09 -2.62
C PHE A 69 7.49 -1.91 -2.03
N VAL A 70 7.73 -1.63 -0.74
CA VAL A 70 7.07 -0.53 -0.06
C VAL A 70 7.06 0.73 -0.93
N ASP A 71 8.01 0.81 -1.86
CA ASP A 71 8.11 1.95 -2.74
C ASP A 71 6.93 2.01 -3.71
N LYS A 72 6.52 0.84 -4.21
CA LYS A 72 5.39 0.75 -5.13
C LYS A 72 4.06 0.86 -4.39
N LEU A 73 4.01 0.26 -3.21
CA LEU A 73 2.79 0.28 -2.40
C LEU A 73 2.32 1.72 -2.19
N PHE A 74 3.13 2.52 -1.53
CA PHE A 74 2.79 3.92 -1.26
C PHE A 74 2.26 4.59 -2.53
N GLU A 75 3.00 4.43 -3.62
CA GLU A 75 2.63 5.03 -4.89
C GLU A 75 1.37 4.37 -5.45
N ALA A 76 1.09 3.16 -5.00
CA ALA A 76 -0.08 2.41 -5.44
C ALA A 76 -1.37 3.17 -5.11
N VAL A 77 -1.38 3.81 -3.95
CA VAL A 77 -2.55 4.57 -3.51
C VAL A 77 -3.06 5.48 -4.63
N GLU A 78 -2.15 6.22 -5.25
CA GLU A 78 -2.51 7.12 -6.33
C GLU A 78 -2.48 6.41 -7.67
N GLU A 79 -1.83 5.25 -7.71
CA GLU A 79 -1.73 4.47 -8.94
C GLU A 79 -3.04 3.76 -9.24
N GLY A 80 -3.75 3.35 -8.19
CA GLY A 80 -5.01 2.67 -8.36
C GLY A 80 -6.20 3.60 -8.23
N ARG A 81 -6.18 4.43 -7.20
CA ARG A 81 -7.26 5.38 -6.95
C ARG A 81 -7.42 6.33 -8.13
N SER A 82 -6.29 6.73 -8.73
CA SER A 82 -6.30 7.64 -9.85
C SER A 82 -6.46 6.88 -11.17
N SER A 83 -5.73 5.80 -11.31
CA SER A 83 -5.78 4.98 -12.51
C SER A 83 -5.34 5.78 -13.73
N ARG A 84 -4.18 5.45 -14.27
CA ARG A 84 -3.64 6.14 -15.44
C ARG A 84 -4.77 6.50 -16.42
N HIS A 85 -5.07 7.79 -16.54
CA HIS A 85 -6.11 8.25 -17.43
C HIS A 85 -5.52 9.08 -18.57
N SER A 86 -5.06 8.40 -19.61
CA SER A 86 -4.47 9.07 -20.76
C SER A 86 -5.55 9.62 -21.69
N SER A 87 -6.35 8.72 -22.26
CA SER A 87 -7.41 9.11 -23.17
C SER A 87 -8.72 8.39 -22.82
N GLY A 88 -8.64 7.08 -22.66
CA GLY A 88 -9.81 6.30 -22.32
C GLY A 88 -10.67 5.99 -23.53
N PRO A 89 -10.30 4.94 -24.28
CA PRO A 89 -11.04 4.52 -25.47
C PRO A 89 -12.41 3.94 -25.14
N SER A 90 -12.65 3.70 -23.87
CA SER A 90 -13.91 3.13 -23.41
C SER A 90 -14.89 4.24 -23.01
N SER A 91 -15.63 4.74 -24.00
CA SER A 91 -16.59 5.80 -23.75
C SER A 91 -15.90 7.06 -23.23
N GLY A 92 -15.90 8.10 -24.05
CA GLY A 92 -15.27 9.36 -23.66
C GLY A 92 -15.91 10.56 -24.32
N GLY A 1 -8.44 5.47 19.69
CA GLY A 1 -9.30 6.56 20.11
C GLY A 1 -9.61 7.52 18.99
N SER A 2 -10.83 8.06 18.98
CA SER A 2 -11.24 9.00 17.95
C SER A 2 -10.13 10.01 17.67
N SER A 3 -9.70 10.72 18.70
CA SER A 3 -8.65 11.72 18.57
C SER A 3 -7.54 11.23 17.64
N GLY A 4 -7.10 12.10 16.74
CA GLY A 4 -6.05 11.74 15.81
C GLY A 4 -5.72 12.86 14.84
N SER A 5 -4.58 12.73 14.16
CA SER A 5 -4.15 13.75 13.20
C SER A 5 -2.74 13.44 12.70
N SER A 6 -2.42 12.16 12.59
CA SER A 6 -1.11 11.74 12.12
C SER A 6 -1.22 10.98 10.80
N GLY A 7 -2.08 9.96 10.79
CA GLY A 7 -2.27 9.17 9.59
C GLY A 7 -3.58 9.47 8.89
N MET A 8 -3.94 8.65 7.91
CA MET A 8 -5.17 8.83 7.17
C MET A 8 -6.10 7.64 7.36
N ALA A 9 -5.53 6.43 7.31
CA ALA A 9 -6.31 5.21 7.48
C ALA A 9 -7.31 5.05 6.35
N LEU A 10 -7.25 3.90 5.67
CA LEU A 10 -8.16 3.62 4.56
C LEU A 10 -9.35 2.79 5.03
N SER A 11 -10.45 2.88 4.30
CA SER A 11 -11.66 2.14 4.65
C SER A 11 -11.68 0.78 3.96
N LYS A 12 -12.52 -0.12 4.46
CA LYS A 12 -12.64 -1.45 3.89
C LYS A 12 -12.81 -1.39 2.37
N ARG A 13 -13.66 -0.48 1.91
CA ARG A 13 -13.91 -0.32 0.48
C ARG A 13 -12.68 0.24 -0.22
N GLU A 14 -11.94 1.11 0.48
CA GLU A 14 -10.74 1.72 -0.07
C GLU A 14 -9.65 0.68 -0.29
N LEU A 15 -9.31 -0.05 0.77
CA LEU A 15 -8.28 -1.07 0.70
C LEU A 15 -8.73 -2.23 -0.19
N ASP A 16 -10.03 -2.47 -0.22
CA ASP A 16 -10.58 -3.55 -1.04
C ASP A 16 -10.11 -3.45 -2.49
N GLU A 17 -10.04 -2.22 -2.98
CA GLU A 17 -9.60 -1.98 -4.36
C GLU A 17 -8.10 -2.23 -4.49
N LEU A 18 -7.39 -2.15 -3.38
CA LEU A 18 -5.94 -2.37 -3.38
C LEU A 18 -5.61 -3.86 -3.32
N LYS A 19 -6.48 -4.61 -2.63
CA LYS A 19 -6.28 -6.05 -2.49
C LYS A 19 -5.82 -6.67 -3.82
N PRO A 20 -6.64 -6.51 -4.86
CA PRO A 20 -6.34 -7.04 -6.20
C PRO A 20 -5.18 -6.31 -6.86
N TRP A 21 -4.79 -5.18 -6.28
CA TRP A 21 -3.70 -4.38 -6.82
C TRP A 21 -2.38 -4.77 -6.17
N ILE A 22 -2.45 -5.28 -4.95
CA ILE A 22 -1.25 -5.68 -4.22
C ILE A 22 -0.95 -7.16 -4.44
N GLU A 23 -2.00 -7.97 -4.49
CA GLU A 23 -1.86 -9.40 -4.69
C GLU A 23 -1.08 -9.70 -5.97
N LYS A 24 -1.31 -8.87 -6.99
CA LYS A 24 -0.63 -9.04 -8.27
C LYS A 24 0.77 -8.43 -8.24
N THR A 25 0.89 -7.29 -7.54
CA THR A 25 2.17 -6.61 -7.43
C THR A 25 3.18 -7.46 -6.67
N VAL A 26 2.78 -7.97 -5.52
CA VAL A 26 3.66 -8.80 -4.70
C VAL A 26 4.21 -9.97 -5.50
N LYS A 27 3.40 -10.47 -6.43
CA LYS A 27 3.80 -11.60 -7.27
C LYS A 27 4.85 -11.17 -8.29
N ARG A 28 4.83 -9.89 -8.65
CA ARG A 28 5.77 -9.35 -9.62
C ARG A 28 7.10 -8.99 -8.94
N VAL A 29 7.01 -8.27 -7.82
CA VAL A 29 8.19 -7.87 -7.07
C VAL A 29 9.01 -9.07 -6.65
N LEU A 30 8.33 -10.08 -6.11
CA LEU A 30 8.99 -11.30 -5.64
C LEU A 30 9.05 -12.34 -6.76
N GLY A 31 8.03 -12.34 -7.62
CA GLY A 31 7.99 -13.28 -8.71
C GLY A 31 7.20 -14.54 -8.37
N PHE A 32 6.98 -14.76 -7.08
CA PHE A 32 6.23 -15.93 -6.62
C PHE A 32 4.93 -15.51 -5.92
N SER A 33 4.96 -14.32 -5.31
CA SER A 33 3.78 -13.81 -4.61
C SER A 33 3.66 -14.45 -3.23
N GLU A 34 3.51 -13.61 -2.21
CA GLU A 34 3.37 -14.10 -0.84
C GLU A 34 2.10 -13.56 -0.19
N PRO A 35 1.34 -14.45 0.46
CA PRO A 35 0.09 -14.08 1.12
C PRO A 35 0.33 -13.23 2.37
N THR A 36 1.34 -13.59 3.15
CA THR A 36 1.68 -12.88 4.37
C THR A 36 2.09 -11.44 4.06
N VAL A 37 2.67 -11.24 2.87
CA VAL A 37 3.10 -9.91 2.45
C VAL A 37 1.91 -9.03 2.08
N VAL A 38 1.00 -9.59 1.29
CA VAL A 38 -0.19 -8.86 0.87
C VAL A 38 -0.85 -8.15 2.04
N THR A 39 -0.96 -8.84 3.17
CA THR A 39 -1.57 -8.27 4.36
C THR A 39 -0.67 -7.22 5.00
N ALA A 40 0.60 -7.56 5.15
CA ALA A 40 1.57 -6.64 5.74
C ALA A 40 1.56 -5.30 5.03
N ALA A 41 1.04 -5.28 3.81
CA ALA A 41 0.96 -4.06 3.02
C ALA A 41 -0.36 -3.35 3.24
N LEU A 42 -1.45 -4.10 3.18
CA LEU A 42 -2.79 -3.54 3.37
C LEU A 42 -2.91 -2.86 4.72
N ASN A 43 -2.16 -3.36 5.70
CA ASN A 43 -2.18 -2.80 7.04
C ASN A 43 -1.32 -1.54 7.12
N CYS A 44 -0.15 -1.58 6.50
CA CYS A 44 0.76 -0.44 6.49
C CYS A 44 0.02 0.84 6.09
N VAL A 45 -0.43 0.89 4.84
CA VAL A 45 -1.15 2.05 4.34
C VAL A 45 -2.39 2.33 5.16
N GLY A 46 -2.98 1.27 5.71
CA GLY A 46 -4.17 1.42 6.52
C GLY A 46 -3.88 1.99 7.88
N LYS A 47 -2.68 1.75 8.39
CA LYS A 47 -2.27 2.25 9.69
C LYS A 47 -1.49 3.56 9.56
N GLY A 48 -1.62 4.21 8.41
CA GLY A 48 -0.92 5.45 8.17
C GLY A 48 0.58 5.31 8.32
N MET A 49 1.06 4.07 8.39
CA MET A 49 2.48 3.80 8.54
C MET A 49 3.29 4.65 7.56
N ASP A 50 4.59 4.77 7.83
CA ASP A 50 5.47 5.56 6.98
C ASP A 50 6.50 4.67 6.29
N LYS A 51 7.08 5.16 5.20
CA LYS A 51 8.08 4.41 4.46
C LYS A 51 9.06 3.73 5.40
N LYS A 52 9.47 4.43 6.44
CA LYS A 52 10.41 3.89 7.43
C LYS A 52 9.80 2.70 8.15
N LYS A 53 8.80 2.96 8.97
CA LYS A 53 8.12 1.91 9.73
C LYS A 53 7.72 0.77 8.82
N ALA A 54 6.90 1.07 7.81
CA ALA A 54 6.44 0.06 6.87
C ALA A 54 7.57 -0.90 6.50
N ALA A 55 8.69 -0.35 6.04
CA ALA A 55 9.83 -1.16 5.65
C ALA A 55 10.12 -2.23 6.69
N ASP A 56 10.21 -1.83 7.95
CA ASP A 56 10.48 -2.76 9.05
C ASP A 56 9.38 -3.82 9.14
N HIS A 57 8.15 -3.42 8.81
CA HIS A 57 7.02 -4.34 8.86
C HIS A 57 7.11 -5.38 7.75
N LEU A 58 7.63 -4.96 6.60
CA LEU A 58 7.78 -5.85 5.45
C LEU A 58 9.20 -6.35 5.33
N LYS A 59 10.02 -6.06 6.34
CA LYS A 59 11.41 -6.49 6.35
C LYS A 59 11.52 -8.01 6.41
N PRO A 60 10.97 -8.60 7.48
CA PRO A 60 10.99 -10.05 7.67
C PRO A 60 10.09 -10.78 6.68
N PHE A 61 9.36 -10.02 5.87
CA PHE A 61 8.47 -10.60 4.87
C PHE A 61 9.06 -10.48 3.48
N LEU A 62 9.77 -9.38 3.24
CA LEU A 62 10.39 -9.15 1.94
C LEU A 62 11.90 -9.03 2.06
N ASP A 63 12.35 -8.28 3.06
CA ASP A 63 13.78 -8.09 3.30
C ASP A 63 14.47 -7.54 2.06
N ASP A 64 14.79 -8.43 1.12
CA ASP A 64 15.45 -8.03 -0.12
C ASP A 64 14.48 -7.29 -1.04
N SER A 65 13.19 -7.37 -0.72
CA SER A 65 12.17 -6.70 -1.51
C SER A 65 11.30 -5.80 -0.64
N THR A 66 11.92 -5.19 0.35
CA THR A 66 11.20 -4.29 1.26
C THR A 66 11.25 -2.86 0.77
N LEU A 67 12.41 -2.22 0.90
CA LEU A 67 12.59 -0.84 0.47
C LEU A 67 12.09 -0.66 -0.96
N ARG A 68 12.22 -1.71 -1.77
CA ARG A 68 11.79 -1.65 -3.16
C ARG A 68 10.28 -1.83 -3.27
N PHE A 69 9.73 -2.73 -2.47
CA PHE A 69 8.29 -3.00 -2.47
C PHE A 69 7.52 -1.81 -1.90
N VAL A 70 7.68 -1.58 -0.59
CA VAL A 70 7.00 -0.47 0.07
C VAL A 70 6.96 0.77 -0.82
N ASP A 71 8.02 0.98 -1.59
CA ASP A 71 8.11 2.12 -2.49
C ASP A 71 6.92 2.14 -3.46
N LYS A 72 6.62 0.98 -4.03
CA LYS A 72 5.52 0.86 -4.97
C LYS A 72 4.18 0.89 -4.26
N LEU A 73 4.17 0.44 -3.01
CA LEU A 73 2.95 0.43 -2.21
C LEU A 73 2.47 1.84 -1.92
N PHE A 74 3.38 2.69 -1.47
CA PHE A 74 3.05 4.07 -1.15
C PHE A 74 2.53 4.81 -2.38
N GLU A 75 3.12 4.50 -3.54
CA GLU A 75 2.72 5.13 -4.78
C GLU A 75 1.45 4.48 -5.34
N ALA A 76 1.13 3.30 -4.82
CA ALA A 76 -0.06 2.58 -5.26
C ALA A 76 -1.33 3.29 -4.83
N VAL A 77 -1.37 3.73 -3.58
CA VAL A 77 -2.53 4.44 -3.05
C VAL A 77 -3.14 5.36 -4.09
N GLU A 78 -2.29 6.05 -4.84
CA GLU A 78 -2.75 6.97 -5.88
C GLU A 78 -2.92 6.23 -7.21
N GLU A 79 -2.17 5.15 -7.37
CA GLU A 79 -2.24 4.36 -8.60
C GLU A 79 -3.53 3.54 -8.65
N GLY A 80 -3.69 2.65 -7.69
CA GLY A 80 -4.87 1.81 -7.63
C GLY A 80 -6.15 2.62 -7.44
N ARG A 81 -6.08 3.63 -6.59
CA ARG A 81 -7.23 4.48 -6.32
C ARG A 81 -7.32 5.61 -7.32
N SER A 82 -6.29 6.46 -7.34
CA SER A 82 -6.25 7.59 -8.26
C SER A 82 -7.52 8.43 -8.13
N SER A 83 -7.41 9.57 -7.46
CA SER A 83 -8.55 10.47 -7.26
C SER A 83 -8.08 11.88 -6.95
N ARG A 84 -8.79 12.86 -7.50
CA ARG A 84 -8.45 14.26 -7.28
C ARG A 84 -9.55 14.98 -6.51
N HIS A 85 -9.15 15.94 -5.67
CA HIS A 85 -10.11 16.69 -4.88
C HIS A 85 -10.81 17.75 -5.74
N SER A 86 -12.12 17.88 -5.54
CA SER A 86 -12.90 18.85 -6.29
C SER A 86 -13.00 18.45 -7.77
N SER A 87 -14.06 17.74 -8.10
CA SER A 87 -14.28 17.29 -9.48
C SER A 87 -15.77 17.24 -9.81
N GLY A 88 -16.55 18.04 -9.10
CA GLY A 88 -17.98 18.07 -9.33
C GLY A 88 -18.78 17.52 -8.17
N PRO A 89 -19.13 16.23 -8.26
CA PRO A 89 -19.89 15.54 -7.22
C PRO A 89 -19.09 15.34 -5.94
N SER A 90 -17.76 15.34 -6.07
CA SER A 90 -16.88 15.15 -4.93
C SER A 90 -17.46 15.81 -3.68
N SER A 91 -17.87 17.07 -3.82
CA SER A 91 -18.44 17.81 -2.69
C SER A 91 -19.27 18.99 -3.19
N GLY A 92 -20.55 18.74 -3.44
CA GLY A 92 -21.43 19.79 -3.92
C GLY A 92 -22.86 19.60 -3.45
#